data_8USO
#
_entry.id   8USO
#
_cell.length_a   174.984
_cell.length_b   174.984
_cell.length_c   140.416
_cell.angle_alpha   90.00
_cell.angle_beta   90.00
_cell.angle_gamma   90.00
#
_symmetry.space_group_name_H-M   'P 42 2 2'
#
loop_
_entity.id
_entity.type
_entity.pdbx_description
1 polymer 'calcium/calmodulin-dependent protein kinase'
2 non-polymer 'MALONATE ION'
3 water water
#
_entity_poly.entity_id   1
_entity_poly.type   'polypeptide(L)'
_entity_poly.pdbx_seq_one_letter_code
;SMASTTTCTRFTDEYQLFEELGKGAFSVVRRCMKIPTGQEYAAKIINTKKLSARDHQKLEREARICRLLKHPNIVRLHDS
ISEEGFHYLVFDLVTGGELFEDIVAREYYSEADASHCIQQILESVNHCHLNGIVHRDLKPENLLLASKSKGAAVKLADFG
LAIEVQGDQQAWFGFAGTPGYLSPEVLRKDPYGKPVDMWACGVILYILLVGYPPFWDEDQHRLYQQIKAGAYDFPSPEWD
TVTPEAKDLINKMLTINPAKRITASEALKHPWICQRSTVASMMHRQETVDCLKKFNARRKLKGAILTTMLATRNFSARKQ
EIIKVTEQLIEAINNGCFEAYTKICDPGLTAFEPEALGNLVEGMDFHRFYFENALSKSNKPIHTIILNPHVHLVGDDAAC
IAYIRLTQYMDGSGMPKTMQSEETRVWHRRDGKWQNVHFHRSGSPTVPIK
;
_entity_poly.pdbx_strand_id   A,B,C
#
loop_
_chem_comp.id
_chem_comp.type
_chem_comp.name
_chem_comp.formula
MLI non-polymer 'MALONATE ION' 'C3 H2 O4 -2'
#
# COMPACT_ATOMS: atom_id res chain seq x y z
N PHE A 11 10.79 -19.69 25.88
CA PHE A 11 10.64 -18.61 26.86
C PHE A 11 9.28 -18.69 27.54
N THR A 12 8.20 -18.52 26.75
CA THR A 12 6.84 -18.73 27.26
C THR A 12 6.77 -20.01 28.07
N ASP A 13 7.61 -20.98 27.73
CA ASP A 13 7.84 -22.17 28.55
C ASP A 13 7.71 -21.85 30.03
N GLU A 14 8.58 -20.97 30.53
CA GLU A 14 8.65 -20.65 31.95
C GLU A 14 8.16 -19.25 32.27
N TYR A 15 8.57 -18.25 31.51
CA TYR A 15 8.27 -16.86 31.83
C TYR A 15 6.95 -16.43 31.19
N GLN A 16 6.63 -15.14 31.30
CA GLN A 16 5.42 -14.58 30.73
C GLN A 16 5.70 -13.14 30.30
N LEU A 17 5.35 -12.81 29.06
CA LEU A 17 5.64 -11.51 28.48
C LEU A 17 4.50 -10.52 28.75
N PHE A 18 4.86 -9.23 28.72
CA PHE A 18 3.88 -8.17 28.96
C PHE A 18 4.15 -6.95 28.08
N GLU A 19 4.02 -5.76 28.66
CA GLU A 19 4.16 -4.52 27.90
C GLU A 19 5.55 -4.41 27.26
N GLU A 20 5.61 -3.63 26.18
CA GLU A 20 6.86 -3.33 25.49
C GLU A 20 7.54 -2.15 26.15
N LEU A 21 8.85 -2.28 26.38
CA LEU A 21 9.68 -1.21 26.91
C LEU A 21 10.56 -0.58 25.86
N GLY A 22 10.57 -1.11 24.65
CA GLY A 22 11.42 -0.60 23.59
C GLY A 22 11.50 -1.61 22.46
N LYS A 23 12.06 -1.14 21.35
CA LYS A 23 12.21 -2.00 20.18
C LYS A 23 13.26 -1.39 19.25
N GLY A 24 14.26 -2.17 18.91
CA GLY A 24 15.32 -1.76 18.01
C GLY A 24 15.12 -2.30 16.60
N ALA A 25 16.23 -2.52 15.91
CA ALA A 25 16.16 -3.03 14.54
C ALA A 25 15.88 -4.53 14.53
N PHE A 26 16.56 -5.29 15.38
CA PHE A 26 16.41 -6.74 15.43
C PHE A 26 15.89 -7.22 16.78
N SER A 27 15.53 -6.32 17.69
CA SER A 27 15.22 -6.68 19.06
C SER A 27 14.02 -5.89 19.56
N VAL A 28 13.20 -6.55 20.39
CA VAL A 28 12.09 -5.91 21.07
C VAL A 28 12.16 -6.32 22.54
N VAL A 29 12.01 -5.35 23.44
CA VAL A 29 12.15 -5.56 24.87
C VAL A 29 10.81 -5.35 25.54
N ARG A 30 10.45 -6.25 26.46
CA ARG A 30 9.18 -6.23 27.14
C ARG A 30 9.37 -6.61 28.60
N ARG A 31 8.54 -6.01 29.46
CA ARG A 31 8.46 -6.45 30.84
C ARG A 31 8.05 -7.93 30.88
N CYS A 32 8.68 -8.68 31.78
CA CYS A 32 8.50 -10.12 31.84
C CYS A 32 8.33 -10.53 33.29
N MET A 33 7.89 -11.78 33.48
CA MET A 33 7.72 -12.33 34.82
C MET A 33 7.93 -13.83 34.79
N LYS A 34 8.80 -14.31 35.67
CA LYS A 34 9.00 -15.74 35.89
C LYS A 34 7.84 -16.23 36.76
N ILE A 35 6.77 -16.69 36.10
CA ILE A 35 5.61 -17.21 36.82
C ILE A 35 6.01 -18.17 37.92
N PRO A 36 6.90 -19.15 37.68
CA PRO A 36 7.25 -20.09 38.75
C PRO A 36 7.73 -19.44 40.04
N THR A 37 8.30 -18.23 39.97
CA THR A 37 8.90 -17.61 41.14
C THR A 37 8.38 -16.19 41.39
N GLY A 38 7.38 -15.74 40.64
CA GLY A 38 6.83 -14.41 40.86
C GLY A 38 7.84 -13.30 40.73
N GLN A 39 8.79 -13.44 39.80
CA GLN A 39 9.82 -12.43 39.60
C GLN A 39 9.32 -11.31 38.69
N GLU A 40 10.24 -10.57 38.10
CA GLU A 40 9.92 -9.60 37.05
C GLU A 40 11.21 -9.12 36.40
N TYR A 41 11.39 -9.44 35.13
CA TYR A 41 12.62 -9.16 34.41
C TYR A 41 12.32 -8.38 33.13
N ALA A 42 13.38 -8.03 32.42
CA ALA A 42 13.29 -7.41 31.10
C ALA A 42 13.78 -8.42 30.08
N ALA A 43 12.90 -8.81 29.16
CA ALA A 43 13.20 -9.81 28.14
C ALA A 43 13.59 -9.11 26.85
N LYS A 44 14.79 -9.40 26.36
CA LYS A 44 15.26 -8.89 25.07
C LYS A 44 14.96 -9.95 24.02
N ILE A 45 13.89 -9.75 23.26
CA ILE A 45 13.43 -10.72 22.28
C ILE A 45 14.09 -10.37 20.95
N ILE A 46 14.97 -11.27 20.48
CA ILE A 46 15.72 -11.06 19.25
C ILE A 46 15.09 -11.89 18.15
N ASN A 47 14.69 -11.22 17.06
CA ASN A 47 14.25 -11.91 15.85
C ASN A 47 15.51 -12.36 15.11
N THR A 48 15.98 -13.56 15.45
CA THR A 48 17.24 -14.05 14.90
C THR A 48 17.26 -14.05 13.38
N LYS A 49 16.09 -14.10 12.73
CA LYS A 49 16.05 -14.08 11.27
C LYS A 49 16.50 -12.75 10.69
N LYS A 50 16.47 -11.67 11.48
CA LYS A 50 16.92 -10.36 11.03
C LYS A 50 18.37 -10.09 11.41
N LEU A 51 18.97 -10.92 12.26
CA LEU A 51 20.32 -10.68 12.75
C LEU A 51 21.36 -11.06 11.70
N SER A 52 22.23 -10.11 11.36
CA SER A 52 23.25 -10.35 10.35
C SER A 52 24.35 -11.23 10.94
N ALA A 53 25.45 -11.38 10.20
CA ALA A 53 26.58 -12.17 10.69
C ALA A 53 27.46 -11.35 11.63
N ARG A 54 27.77 -10.11 11.26
CA ARG A 54 28.57 -9.25 12.12
C ARG A 54 27.80 -8.84 13.36
N ASP A 55 26.48 -8.63 13.25
CA ASP A 55 25.67 -8.39 14.43
C ASP A 55 25.58 -9.64 15.29
N HIS A 56 25.57 -10.82 14.67
CA HIS A 56 25.59 -12.06 15.44
C HIS A 56 26.88 -12.19 16.25
N GLN A 57 27.99 -11.71 15.70
CA GLN A 57 29.27 -11.79 16.40
C GLN A 57 29.29 -10.88 17.62
N LYS A 58 28.68 -9.70 17.52
CA LYS A 58 28.70 -8.75 18.62
C LYS A 58 27.74 -9.14 19.74
N LEU A 59 26.59 -9.73 19.39
CA LEU A 59 25.65 -10.16 20.42
C LEU A 59 26.17 -11.37 21.19
N GLU A 60 26.89 -12.26 20.51
CA GLU A 60 27.55 -13.36 21.21
C GLU A 60 28.55 -12.84 22.23
N ARG A 61 29.26 -11.75 21.88
CA ARG A 61 30.24 -11.17 22.80
C ARG A 61 29.54 -10.50 23.98
N GLU A 62 28.48 -9.75 23.72
CA GLU A 62 27.81 -9.02 24.80
C GLU A 62 27.19 -9.98 25.80
N ALA A 63 26.60 -11.09 25.32
CA ALA A 63 25.99 -12.04 26.23
C ALA A 63 27.03 -12.76 27.07
N ARG A 64 28.13 -13.20 26.45
CA ARG A 64 29.20 -13.86 27.20
C ARG A 64 29.73 -12.95 28.29
N ILE A 65 29.90 -11.67 27.99
CA ILE A 65 30.42 -10.73 28.99
C ILE A 65 29.39 -10.53 30.10
N CYS A 66 28.13 -10.33 29.73
CA CYS A 66 27.09 -10.10 30.74
C CYS A 66 26.92 -11.31 31.65
N ARG A 67 27.03 -12.52 31.10
CA ARG A 67 26.98 -13.72 31.93
C ARG A 67 28.12 -13.76 32.92
N LEU A 68 29.26 -13.15 32.58
CA LEU A 68 30.44 -13.21 33.43
C LEU A 68 30.43 -12.17 34.56
N LEU A 69 29.58 -11.15 34.47
CA LEU A 69 29.55 -10.06 35.43
C LEU A 69 28.31 -10.20 36.31
N LYS A 70 28.53 -10.50 37.59
CA LYS A 70 27.48 -10.61 38.59
C LYS A 70 27.81 -9.60 39.69
N HIS A 71 27.11 -8.47 39.69
CA HIS A 71 27.41 -7.40 40.64
C HIS A 71 26.18 -6.53 40.83
N PRO A 72 25.94 -5.99 42.03
CA PRO A 72 24.74 -5.18 42.25
C PRO A 72 24.62 -3.99 41.31
N ASN A 73 25.74 -3.32 41.01
CA ASN A 73 25.72 -2.12 40.18
C ASN A 73 25.95 -2.42 38.70
N ILE A 74 25.69 -3.65 38.26
CA ILE A 74 25.79 -4.02 36.85
C ILE A 74 24.50 -4.72 36.45
N VAL A 75 23.92 -4.30 35.33
CA VAL A 75 22.72 -4.96 34.81
C VAL A 75 23.03 -6.43 34.58
N ARG A 76 22.31 -7.29 35.28
CA ARG A 76 22.62 -8.72 35.30
C ARG A 76 21.85 -9.44 34.19
N LEU A 77 22.55 -10.29 33.46
CA LEU A 77 21.94 -11.19 32.49
C LEU A 77 21.55 -12.47 33.23
N HIS A 78 20.25 -12.74 33.30
CA HIS A 78 19.76 -13.84 34.12
C HIS A 78 19.60 -15.15 33.35
N ASP A 79 19.31 -15.09 32.05
CA ASP A 79 19.12 -16.31 31.30
C ASP A 79 19.25 -16.03 29.81
N SER A 80 19.67 -17.05 29.06
CA SER A 80 19.72 -17.01 27.61
C SER A 80 19.19 -18.32 27.07
N ILE A 81 18.21 -18.25 26.18
CA ILE A 81 17.55 -19.44 25.65
C ILE A 81 17.04 -19.12 24.24
N SER A 82 17.07 -20.13 23.38
CA SER A 82 16.71 -19.98 21.98
C SER A 82 15.41 -20.73 21.67
N GLU A 83 14.78 -20.31 20.57
CA GLU A 83 13.59 -20.97 20.06
C GLU A 83 13.67 -21.07 18.54
N GLU A 84 12.54 -20.95 17.85
CA GLU A 84 12.52 -21.00 16.39
C GLU A 84 12.94 -19.64 15.85
N GLY A 85 14.23 -19.51 15.55
CA GLY A 85 14.74 -18.24 15.04
C GLY A 85 14.41 -17.06 15.93
N PHE A 86 14.43 -17.27 17.24
CA PHE A 86 14.09 -16.21 18.19
C PHE A 86 14.82 -16.51 19.50
N HIS A 87 15.87 -15.74 19.78
CA HIS A 87 16.64 -15.91 21.01
C HIS A 87 16.19 -14.91 22.06
N TYR A 88 16.16 -15.36 23.31
CA TYR A 88 15.70 -14.57 24.44
C TYR A 88 16.85 -14.30 25.38
N LEU A 89 16.99 -13.04 25.81
CA LEU A 89 17.96 -12.64 26.82
C LEU A 89 17.20 -11.96 27.95
N VAL A 90 17.29 -12.53 29.15
CA VAL A 90 16.56 -12.04 30.32
C VAL A 90 17.51 -11.19 31.15
N PHE A 91 17.27 -9.88 31.16
CA PHE A 91 18.05 -8.93 31.94
C PHE A 91 17.30 -8.55 33.22
N ASP A 92 17.97 -7.78 34.07
CA ASP A 92 17.30 -7.13 35.18
C ASP A 92 16.33 -6.09 34.65
N LEU A 93 15.22 -5.92 35.36
CA LEU A 93 14.26 -4.86 35.04
C LEU A 93 14.73 -3.56 35.69
N VAL A 94 15.02 -2.56 34.88
CA VAL A 94 15.51 -1.27 35.34
C VAL A 94 14.42 -0.24 35.07
N THR A 95 13.91 0.38 36.14
CA THR A 95 12.76 1.27 36.07
C THR A 95 13.11 2.73 36.37
N GLY A 96 14.26 3.01 36.97
CA GLY A 96 14.59 4.35 37.41
C GLY A 96 15.11 5.28 36.35
N GLY A 97 15.34 4.79 35.14
CA GLY A 97 15.84 5.67 34.10
C GLY A 97 17.26 6.14 34.36
N GLU A 98 17.64 7.20 33.64
CA GLU A 98 18.99 7.73 33.72
C GLU A 98 19.27 8.36 35.07
N LEU A 99 20.47 8.12 35.59
CA LEU A 99 20.91 8.80 36.80
C LEU A 99 20.88 10.30 36.62
N PHE A 100 21.40 10.79 35.49
CA PHE A 100 21.47 12.22 35.26
C PHE A 100 20.08 12.86 35.20
N GLU A 101 19.08 12.14 34.68
CA GLU A 101 17.73 12.67 34.64
C GLU A 101 17.11 12.71 36.04
N ASP A 102 17.44 11.73 36.88
CA ASP A 102 16.93 11.74 38.25
C ASP A 102 17.49 12.92 39.04
N ILE A 103 18.77 13.24 38.83
CA ILE A 103 19.42 14.28 39.62
C ILE A 103 18.75 15.63 39.41
N VAL A 104 18.42 15.95 38.16
CA VAL A 104 17.81 17.25 37.87
C VAL A 104 16.44 17.36 38.53
N ALA A 105 15.78 16.22 38.79
CA ALA A 105 14.47 16.25 39.44
C ALA A 105 14.58 16.39 40.96
N ARG A 106 15.75 16.13 41.53
CA ARG A 106 15.89 16.22 42.98
C ARG A 106 15.80 17.66 43.45
N GLU A 107 15.34 17.83 44.69
CA GLU A 107 15.28 19.14 45.33
C GLU A 107 16.55 19.47 46.12
N TYR A 108 17.38 18.47 46.41
CA TYR A 108 18.66 18.68 47.06
C TYR A 108 19.70 17.77 46.42
N TYR A 109 20.90 18.31 46.18
CA TYR A 109 21.97 17.56 45.53
C TYR A 109 23.30 18.19 45.91
N SER A 110 24.23 17.38 46.44
CA SER A 110 25.50 17.87 46.96
C SER A 110 26.61 16.94 46.51
N GLU A 111 27.84 17.28 46.92
CA GLU A 111 28.99 16.43 46.64
C GLU A 111 28.80 15.04 47.22
N ALA A 112 28.23 14.96 48.43
CA ALA A 112 28.01 13.66 49.05
C ALA A 112 27.15 12.77 48.17
N ASP A 113 26.09 13.34 47.57
CA ASP A 113 25.27 12.59 46.63
C ASP A 113 26.09 12.14 45.42
N ALA A 114 26.90 13.06 44.87
CA ALA A 114 27.72 12.70 43.71
C ALA A 114 28.74 11.62 44.09
N SER A 115 29.32 11.72 45.28
CA SER A 115 30.30 10.72 45.70
C SER A 115 29.66 9.35 45.88
N HIS A 116 28.44 9.31 46.44
CA HIS A 116 27.73 8.03 46.55
C HIS A 116 27.48 7.42 45.18
N CYS A 117 27.18 8.26 44.19
CA CYS A 117 26.99 7.75 42.83
C CYS A 117 28.29 7.18 42.27
N ILE A 118 29.37 7.98 42.30
CA ILE A 118 30.63 7.55 41.72
C ILE A 118 31.18 6.34 42.45
N GLN A 119 30.91 6.22 43.75
CA GLN A 119 31.31 5.02 44.48
C GLN A 119 30.72 3.77 43.84
N GLN A 120 29.42 3.82 43.50
CA GLN A 120 28.79 2.69 42.86
C GLN A 120 29.34 2.47 41.45
N ILE A 121 29.55 3.55 40.69
CA ILE A 121 30.11 3.42 39.35
C ILE A 121 31.50 2.81 39.41
N LEU A 122 32.31 3.25 40.37
CA LEU A 122 33.64 2.68 40.53
C LEU A 122 33.56 1.22 40.94
N GLU A 123 32.59 0.86 41.77
CA GLU A 123 32.42 -0.53 42.17
C GLU A 123 32.13 -1.41 40.96
N SER A 124 31.32 -0.92 40.02
CA SER A 124 31.02 -1.68 38.82
C SER A 124 32.24 -1.74 37.90
N VAL A 125 32.91 -0.60 37.70
CA VAL A 125 34.10 -0.58 36.87
C VAL A 125 35.17 -1.50 37.44
N ASN A 126 35.37 -1.45 38.76
CA ASN A 126 36.35 -2.32 39.39
C ASN A 126 35.99 -3.78 39.18
N HIS A 127 34.71 -4.12 39.25
CA HIS A 127 34.29 -5.51 39.02
C HIS A 127 34.58 -5.91 37.58
N CYS A 128 34.24 -5.04 36.62
CA CYS A 128 34.56 -5.32 35.22
C CYS A 128 36.05 -5.57 35.05
N HIS A 129 36.87 -4.64 35.53
CA HIS A 129 38.32 -4.77 35.37
C HIS A 129 38.85 -6.03 36.04
N LEU A 130 38.34 -6.34 37.25
CA LEU A 130 38.78 -7.55 37.94
C LEU A 130 38.43 -8.82 37.17
N ASN A 131 37.43 -8.76 36.29
CA ASN A 131 37.08 -9.88 35.43
C ASN A 131 37.62 -9.73 34.01
N GLY A 132 38.64 -8.89 33.84
CA GLY A 132 39.27 -8.74 32.53
C GLY A 132 38.37 -8.18 31.46
N ILE A 133 37.53 -7.21 31.82
CA ILE A 133 36.56 -6.63 30.90
C ILE A 133 36.66 -5.11 30.98
N VAL A 134 36.72 -4.46 29.81
CA VAL A 134 36.75 -3.01 29.70
C VAL A 134 35.47 -2.57 28.98
N HIS A 135 34.76 -1.62 29.58
CA HIS A 135 33.46 -1.21 29.04
C HIS A 135 33.64 -0.34 27.79
N ARG A 136 34.54 0.63 27.85
CA ARG A 136 34.95 1.50 26.75
C ARG A 136 33.90 2.55 26.37
N ASP A 137 32.73 2.56 26.98
CA ASP A 137 31.69 3.51 26.61
C ASP A 137 30.92 3.99 27.84
N LEU A 138 31.63 4.22 28.94
CA LEU A 138 31.00 4.83 30.11
C LEU A 138 30.50 6.22 29.76
N LYS A 139 29.21 6.45 29.94
CA LYS A 139 28.59 7.73 29.62
C LYS A 139 27.25 7.80 30.33
N PRO A 140 26.63 8.99 30.38
CA PRO A 140 25.38 9.11 31.15
C PRO A 140 24.28 8.17 30.69
N GLU A 141 24.18 7.92 29.38
CA GLU A 141 23.12 7.04 28.89
C GLU A 141 23.23 5.63 29.44
N ASN A 142 24.42 5.22 29.90
CA ASN A 142 24.65 3.88 30.41
C ASN A 142 24.71 3.83 31.93
N LEU A 143 24.26 4.88 32.60
CA LEU A 143 24.21 4.94 34.06
C LEU A 143 22.74 5.05 34.47
N LEU A 144 22.15 3.92 34.85
CA LEU A 144 20.73 3.82 35.12
C LEU A 144 20.46 3.56 36.60
N LEU A 145 19.25 3.86 37.02
CA LEU A 145 18.79 3.59 38.38
C LEU A 145 17.88 2.36 38.35
N ALA A 146 18.13 1.43 39.29
CA ALA A 146 17.39 0.17 39.28
C ALA A 146 15.88 0.40 39.32
N SER A 147 15.43 1.37 40.10
CA SER A 147 14.02 1.68 40.21
C SER A 147 13.87 3.15 40.58
N LYS A 148 12.62 3.60 40.65
CA LYS A 148 12.31 4.95 41.11
C LYS A 148 12.27 5.06 42.62
N SER A 149 12.67 4.01 43.34
CA SER A 149 12.74 4.07 44.79
C SER A 149 13.71 5.17 45.22
N LYS A 150 13.47 5.70 46.41
CA LYS A 150 14.22 6.87 46.87
C LYS A 150 15.73 6.63 46.86
N GLY A 151 16.15 5.39 47.13
CA GLY A 151 17.58 5.09 47.18
C GLY A 151 18.00 3.98 46.26
N ALA A 152 17.36 3.89 45.09
CA ALA A 152 17.66 2.84 44.11
C ALA A 152 19.15 2.81 43.80
N ALA A 153 19.63 1.66 43.32
CA ALA A 153 21.04 1.46 43.04
C ALA A 153 21.38 1.90 41.63
N VAL A 154 22.56 2.52 41.47
CA VAL A 154 23.08 2.83 40.15
C VAL A 154 23.57 1.54 39.50
N LYS A 155 23.20 1.34 38.23
CA LYS A 155 23.54 0.13 37.51
C LYS A 155 24.19 0.48 36.17
N LEU A 156 25.35 -0.10 35.92
CA LEU A 156 26.04 0.06 34.66
C LEU A 156 25.39 -0.81 33.59
N ALA A 157 25.22 -0.26 32.39
CA ALA A 157 24.40 -0.90 31.37
C ALA A 157 25.09 -0.83 30.01
N ASP A 158 24.65 -1.72 29.12
CA ASP A 158 25.04 -1.73 27.71
C ASP A 158 26.53 -2.00 27.52
N PHE A 159 26.90 -3.28 27.44
CA PHE A 159 28.27 -3.70 27.18
C PHE A 159 28.48 -4.02 25.69
N GLY A 160 27.77 -3.33 24.80
CA GLY A 160 27.90 -3.58 23.38
C GLY A 160 29.24 -3.20 22.80
N LEU A 161 29.98 -2.33 23.46
CA LEU A 161 31.33 -1.98 23.05
C LEU A 161 32.39 -2.59 23.95
N ALA A 162 32.00 -3.43 24.91
CA ALA A 162 32.96 -3.96 25.87
C ALA A 162 33.90 -4.96 25.20
N ILE A 163 35.14 -4.99 25.69
CA ILE A 163 36.17 -5.87 25.17
C ILE A 163 36.66 -6.77 26.28
N GLU A 164 37.32 -7.86 25.89
CA GLU A 164 37.94 -8.81 26.80
C GLU A 164 39.45 -8.66 26.68
N VAL A 165 40.10 -8.32 27.78
CA VAL A 165 41.53 -8.05 27.79
C VAL A 165 42.25 -9.16 28.56
N GLN A 166 43.55 -9.29 28.27
CA GLN A 166 44.39 -10.32 28.88
C GLN A 166 45.15 -9.68 30.04
N GLY A 167 44.64 -9.85 31.25
CA GLY A 167 45.29 -9.29 32.42
C GLY A 167 45.43 -7.79 32.29
N ASP A 168 46.68 -7.32 32.36
CA ASP A 168 47.00 -5.89 32.23
C ASP A 168 47.74 -5.60 30.92
N GLN A 169 47.52 -6.41 29.90
CA GLN A 169 48.18 -6.23 28.62
C GLN A 169 47.46 -5.17 27.80
N GLN A 170 48.20 -4.18 27.32
CA GLN A 170 47.65 -3.13 26.48
C GLN A 170 47.66 -3.56 25.02
N ALA A 171 46.71 -3.03 24.26
CA ALA A 171 46.61 -3.33 22.84
C ALA A 171 45.68 -2.32 22.19
N TRP A 172 45.77 -2.22 20.87
CA TRP A 172 44.86 -1.37 20.09
C TRP A 172 43.63 -2.19 19.74
N PHE A 173 42.52 -1.91 20.40
CA PHE A 173 41.26 -2.61 20.14
C PHE A 173 40.34 -1.83 19.21
N GLY A 174 40.79 -0.71 18.68
CA GLY A 174 40.01 0.06 17.74
C GLY A 174 39.59 1.41 18.32
N PHE A 175 39.16 2.30 17.43
CA PHE A 175 38.69 3.63 17.83
C PHE A 175 37.20 3.53 18.13
N ALA A 176 36.86 3.43 19.40
CA ALA A 176 35.48 3.28 19.83
C ALA A 176 35.26 4.07 21.11
N GLY A 177 34.01 4.52 21.30
CA GLY A 177 33.61 5.31 22.43
C GLY A 177 32.82 6.51 21.99
N THR A 178 32.48 7.37 22.94
CA THR A 178 31.73 8.58 22.68
C THR A 178 32.65 9.78 22.79
N PRO A 179 32.68 10.68 21.78
CA PRO A 179 33.74 11.69 21.71
C PRO A 179 34.07 12.39 23.03
N GLY A 180 33.06 12.93 23.71
CA GLY A 180 33.31 13.69 24.93
C GLY A 180 33.94 12.90 26.05
N TYR A 181 33.97 11.57 25.95
CA TYR A 181 34.49 10.72 27.00
C TYR A 181 35.69 9.89 26.56
N LEU A 182 36.16 10.08 25.33
CA LEU A 182 37.32 9.33 24.85
C LEU A 182 38.59 9.73 25.58
N SER A 183 39.46 8.77 25.79
CA SER A 183 40.70 8.98 26.53
C SER A 183 41.80 9.50 25.62
N PRO A 184 42.80 10.19 26.20
CA PRO A 184 43.92 10.64 25.36
C PRO A 184 44.62 9.52 24.61
N GLU A 185 44.79 8.35 25.24
CA GLU A 185 45.52 7.27 24.60
C GLU A 185 44.80 6.76 23.36
N VAL A 186 43.47 6.69 23.41
CA VAL A 186 42.73 6.28 22.22
C VAL A 186 42.84 7.34 21.13
N LEU A 187 42.77 8.61 21.51
CA LEU A 187 42.89 9.68 20.53
C LEU A 187 44.29 9.74 19.92
N ARG A 188 45.31 9.37 20.69
CA ARG A 188 46.67 9.29 20.17
C ARG A 188 46.90 8.03 19.35
N LYS A 189 45.92 7.13 19.27
CA LYS A 189 46.03 5.87 18.56
C LYS A 189 47.04 4.93 19.21
N ASP A 190 47.20 5.04 20.53
CA ASP A 190 48.10 4.16 21.28
C ASP A 190 47.36 2.91 21.75
N PRO A 191 48.08 1.84 22.04
CA PRO A 191 47.45 0.70 22.72
C PRO A 191 46.92 1.13 24.08
N TYR A 192 45.81 0.53 24.49
CA TYR A 192 45.10 0.98 25.67
C TYR A 192 44.44 -0.20 26.36
N GLY A 193 43.82 0.07 27.50
CA GLY A 193 43.15 -0.96 28.27
C GLY A 193 42.23 -0.40 29.33
N LYS A 194 42.29 -0.98 30.53
CA LYS A 194 41.38 -0.58 31.61
C LYS A 194 41.38 0.91 31.89
N PRO A 195 42.50 1.63 31.86
CA PRO A 195 42.48 3.05 32.24
C PRO A 195 41.54 3.92 31.41
N VAL A 196 41.14 3.48 30.21
CA VAL A 196 40.22 4.31 29.42
C VAL A 196 38.91 4.52 30.17
N ASP A 197 38.47 3.50 30.92
CA ASP A 197 37.25 3.64 31.70
C ASP A 197 37.41 4.64 32.82
N MET A 198 38.60 4.71 33.42
CA MET A 198 38.81 5.65 34.52
C MET A 198 38.86 7.09 34.03
N TRP A 199 39.36 7.32 32.82
CA TRP A 199 39.24 8.65 32.23
C TRP A 199 37.78 9.04 32.08
N ALA A 200 36.97 8.13 31.51
CA ALA A 200 35.55 8.40 31.37
C ALA A 200 34.91 8.70 32.73
N CYS A 201 35.26 7.91 33.76
CA CYS A 201 34.77 8.20 35.10
C CYS A 201 35.11 9.62 35.52
N GLY A 202 36.34 10.06 35.25
CA GLY A 202 36.73 11.42 35.60
C GLY A 202 35.88 12.46 34.88
N VAL A 203 35.56 12.20 33.62
CA VAL A 203 34.68 13.10 32.88
C VAL A 203 33.28 13.11 33.51
N ILE A 204 32.78 11.94 33.87
CA ILE A 204 31.47 11.85 34.49
C ILE A 204 31.47 12.54 35.85
N LEU A 205 32.53 12.35 36.63
CA LEU A 205 32.60 13.00 37.94
C LEU A 205 32.61 14.51 37.81
N TYR A 206 33.39 15.04 36.86
CA TYR A 206 33.38 16.47 36.60
C TYR A 206 31.97 16.97 36.34
N ILE A 207 31.22 16.27 35.47
CA ILE A 207 29.86 16.70 35.13
C ILE A 207 28.95 16.61 36.34
N LEU A 208 29.12 15.57 37.16
CA LEU A 208 28.27 15.41 38.33
C LEU A 208 28.42 16.55 39.33
N LEU A 209 29.52 17.30 39.26
CA LEU A 209 29.76 18.34 40.25
C LEU A 209 29.29 19.72 39.81
N VAL A 210 29.38 20.04 38.52
CA VAL A 210 29.05 21.39 38.05
C VAL A 210 28.02 21.35 36.93
N GLY A 211 27.78 20.18 36.35
CA GLY A 211 26.73 20.01 35.38
C GLY A 211 27.09 20.32 33.94
N TYR A 212 28.36 20.55 33.64
CA TYR A 212 28.81 20.75 32.27
C TYR A 212 30.11 19.98 32.08
N PRO A 213 30.44 19.62 30.84
CA PRO A 213 31.59 18.74 30.60
C PRO A 213 32.91 19.49 30.72
N PRO A 214 34.00 18.78 31.06
CA PRO A 214 35.31 19.43 31.11
C PRO A 214 35.91 19.69 29.73
N PHE A 215 35.53 18.93 28.72
CA PHE A 215 36.00 19.13 27.36
C PHE A 215 34.78 19.28 26.45
N TRP A 216 34.70 20.42 25.75
CA TRP A 216 33.58 20.69 24.86
C TRP A 216 34.04 21.66 23.79
N ASP A 217 33.59 21.41 22.56
CA ASP A 217 33.90 22.29 21.44
C ASP A 217 33.04 21.89 20.25
N GLU A 218 32.53 22.89 19.53
CA GLU A 218 31.74 22.61 18.34
C GLU A 218 32.53 21.77 17.34
N ASP A 219 33.81 22.08 17.15
CA ASP A 219 34.66 21.33 16.24
C ASP A 219 35.20 20.11 16.97
N GLN A 220 34.92 18.92 16.44
CA GLN A 220 35.38 17.69 17.09
C GLN A 220 36.90 17.63 17.12
N HIS A 221 37.55 18.06 16.04
CA HIS A 221 39.01 18.08 16.01
C HIS A 221 39.57 18.90 17.17
N ARG A 222 39.00 20.08 17.42
CA ARG A 222 39.46 20.88 18.56
C ARG A 222 39.15 20.18 19.88
N LEU A 223 37.97 19.55 19.98
CA LEU A 223 37.64 18.79 21.18
C LEU A 223 38.71 17.75 21.48
N TYR A 224 39.12 17.00 20.47
CA TYR A 224 40.11 15.94 20.68
C TYR A 224 41.48 16.51 21.02
N GLN A 225 41.82 17.68 20.49
CA GLN A 225 43.05 18.34 20.91
C GLN A 225 43.00 18.69 22.40
N GLN A 226 41.85 19.20 22.87
CA GLN A 226 41.71 19.52 24.28
C GLN A 226 41.90 18.29 25.15
N ILE A 227 41.30 17.16 24.75
CA ILE A 227 41.39 15.94 25.54
C ILE A 227 42.84 15.45 25.60
N LYS A 228 43.50 15.42 24.44
CA LYS A 228 44.87 14.93 24.40
C LYS A 228 45.80 15.81 25.22
N ALA A 229 45.49 17.09 25.33
CA ALA A 229 46.28 18.03 26.13
C ALA A 229 45.84 18.08 27.58
N GLY A 230 44.80 17.34 27.96
CA GLY A 230 44.26 17.47 29.30
C GLY A 230 43.89 18.90 29.64
N ALA A 231 43.32 19.63 28.67
CA ALA A 231 43.08 21.06 28.80
C ALA A 231 41.69 21.29 29.40
N TYR A 232 41.60 21.05 30.71
CA TYR A 232 40.42 21.39 31.49
C TYR A 232 40.87 22.23 32.69
N ASP A 233 39.94 22.96 33.27
CA ASP A 233 40.22 23.71 34.48
C ASP A 233 38.96 23.76 35.34
N PHE A 234 39.07 24.45 36.48
CA PHE A 234 37.99 24.58 37.46
C PHE A 234 37.64 26.05 37.58
N PRO A 235 36.88 26.60 36.63
CA PRO A 235 36.61 28.05 36.66
C PRO A 235 35.76 28.47 37.84
N SER A 236 36.04 29.68 38.33
CA SER A 236 35.19 30.33 39.32
C SER A 236 33.94 30.86 38.64
N PRO A 237 32.83 31.04 39.40
CA PRO A 237 32.66 30.82 40.85
C PRO A 237 32.28 29.38 41.22
N GLU A 238 31.64 28.63 40.30
CA GLU A 238 31.03 27.37 40.69
C GLU A 238 32.03 26.44 41.36
N TRP A 239 33.28 26.42 40.90
CA TRP A 239 34.29 25.53 41.46
C TRP A 239 34.90 26.06 42.74
N ASP A 240 34.61 27.31 43.12
CA ASP A 240 35.16 27.84 44.36
C ASP A 240 34.59 27.11 45.58
N THR A 241 33.39 26.55 45.48
CA THR A 241 32.74 25.88 46.58
C THR A 241 32.91 24.36 46.53
N VAL A 242 33.64 23.84 45.55
CA VAL A 242 33.92 22.41 45.50
C VAL A 242 35.12 22.11 46.39
N THR A 243 35.08 20.98 47.08
CA THR A 243 36.15 20.63 48.01
C THR A 243 37.44 20.38 47.25
N PRO A 244 38.60 20.58 47.91
CA PRO A 244 39.87 20.18 47.28
C PRO A 244 39.94 18.70 46.98
N GLU A 245 39.34 17.86 47.83
CA GLU A 245 39.44 16.41 47.65
C GLU A 245 38.72 15.97 46.38
N ALA A 246 37.58 16.60 46.06
CA ALA A 246 36.88 16.26 44.84
C ALA A 246 37.66 16.69 43.61
N LYS A 247 38.24 17.89 43.64
CA LYS A 247 39.13 18.31 42.57
C LYS A 247 40.31 17.36 42.44
N ASP A 248 40.84 16.90 43.58
CA ASP A 248 41.98 16.00 43.55
C ASP A 248 41.63 14.69 42.84
N LEU A 249 40.49 14.11 43.18
CA LEU A 249 40.10 12.85 42.55
C LEU A 249 39.92 13.02 41.04
N ILE A 250 39.30 14.12 40.62
CA ILE A 250 39.18 14.40 39.19
C ILE A 250 40.56 14.44 38.55
N ASN A 251 41.48 15.20 39.15
CA ASN A 251 42.84 15.32 38.61
C ASN A 251 43.47 13.95 38.41
N LYS A 252 43.30 13.04 39.37
CA LYS A 252 43.95 11.74 39.29
C LYS A 252 43.29 10.84 38.25
N MET A 253 42.00 11.06 37.98
CA MET A 253 41.34 10.32 36.90
C MET A 253 41.67 10.90 35.54
N LEU A 254 41.68 12.23 35.44
CA LEU A 254 42.00 12.91 34.18
C LEU A 254 43.50 13.12 34.02
N THR A 255 44.26 12.06 34.26
CA THR A 255 45.71 12.06 34.06
C THR A 255 46.00 11.59 32.64
N ILE A 256 46.65 12.44 31.86
CA ILE A 256 46.88 12.15 30.44
C ILE A 256 47.57 10.79 30.26
N ASN A 257 48.62 10.55 31.04
CA ASN A 257 49.37 9.31 30.92
C ASN A 257 48.61 8.18 31.61
N PRO A 258 48.07 7.21 30.87
CA PRO A 258 47.28 6.15 31.51
C PRO A 258 48.06 5.34 32.52
N ALA A 259 49.38 5.27 32.40
CA ALA A 259 50.18 4.54 33.37
C ALA A 259 50.12 5.19 34.76
N LYS A 260 49.92 6.50 34.81
CA LYS A 260 49.88 7.23 36.07
C LYS A 260 48.46 7.56 36.52
N ARG A 261 47.46 7.11 35.77
CA ARG A 261 46.06 7.37 36.12
C ARG A 261 45.61 6.47 37.25
N ILE A 262 44.81 7.01 38.16
CA ILE A 262 44.30 6.23 39.27
C ILE A 262 43.45 5.08 38.73
N THR A 263 43.53 3.93 39.38
CA THR A 263 42.73 2.77 39.03
C THR A 263 41.42 2.78 39.79
N ALA A 264 40.52 1.86 39.40
CA ALA A 264 39.24 1.74 40.10
C ALA A 264 39.44 1.34 41.55
N SER A 265 40.36 0.39 41.81
CA SER A 265 40.62 -0.01 43.18
C SER A 265 41.14 1.14 44.02
N GLU A 266 42.03 1.96 43.45
CA GLU A 266 42.61 3.07 44.18
C GLU A 266 41.58 4.16 44.45
N ALA A 267 40.76 4.49 43.44
CA ALA A 267 39.74 5.52 43.63
C ALA A 267 38.76 5.14 44.72
N LEU A 268 38.43 3.85 44.84
CA LEU A 268 37.54 3.41 45.89
C LEU A 268 38.10 3.66 47.29
N LYS A 269 39.41 3.92 47.39
CA LYS A 269 40.04 4.24 48.66
C LYS A 269 40.32 5.73 48.82
N HIS A 270 39.97 6.54 47.83
CA HIS A 270 40.20 7.98 47.93
C HIS A 270 39.33 8.57 49.05
N PRO A 271 39.86 9.50 49.84
CA PRO A 271 39.07 10.05 50.95
C PRO A 271 37.69 10.56 50.55
N TRP A 272 37.60 11.21 49.39
CA TRP A 272 36.30 11.74 48.95
C TRP A 272 35.30 10.63 48.68
N ILE A 273 35.76 9.40 48.48
CA ILE A 273 34.89 8.27 48.19
C ILE A 273 34.63 7.44 49.44
N CYS A 274 35.68 7.03 50.15
CA CYS A 274 35.55 6.12 51.28
C CYS A 274 35.40 6.84 52.62
N GLN A 275 35.65 8.15 52.66
CA GLN A 275 35.41 8.96 53.85
C GLN A 275 34.49 10.12 53.51
N ARG A 276 33.51 9.84 52.63
CA ARG A 276 32.58 10.87 52.18
C ARG A 276 32.00 11.67 53.34
N SER A 277 31.64 10.98 54.43
CA SER A 277 30.97 11.63 55.53
C SER A 277 31.74 12.83 56.06
N THR A 278 33.07 12.78 56.00
CA THR A 278 33.91 13.84 56.55
C THR A 278 34.56 14.72 55.50
N VAL A 279 34.57 14.31 54.23
CA VAL A 279 35.32 14.96 53.18
C VAL A 279 34.40 15.67 52.20
N ALA A 280 33.37 14.99 51.72
CA ALA A 280 32.53 15.57 50.69
C ALA A 280 31.61 16.64 51.29
N SER A 281 31.47 17.75 50.58
CA SER A 281 30.55 18.80 51.01
C SER A 281 29.11 18.29 50.94
N MET A 282 28.27 18.86 51.81
CA MET A 282 26.84 18.56 51.83
C MET A 282 26.03 19.79 51.48
N MET A 283 26.67 20.81 50.91
CA MET A 283 25.98 22.00 50.42
C MET A 283 25.18 21.68 49.16
N HIS A 284 24.04 22.33 49.00
CA HIS A 284 23.23 22.16 47.81
C HIS A 284 23.85 22.93 46.64
N ARG A 285 23.93 22.27 45.49
CA ARG A 285 24.51 22.87 44.29
C ARG A 285 23.41 23.07 43.25
N GLN A 286 22.58 24.10 43.49
CA GLN A 286 21.49 24.38 42.56
C GLN A 286 22.01 24.71 41.18
N GLU A 287 23.15 25.41 41.10
CA GLU A 287 23.69 25.77 39.80
C GLU A 287 24.15 24.54 39.03
N THR A 288 24.49 23.46 39.73
CA THR A 288 24.79 22.20 39.05
C THR A 288 23.52 21.56 38.52
N VAL A 289 22.43 21.61 39.30
CA VAL A 289 21.16 21.07 38.83
C VAL A 289 20.66 21.85 37.63
N ASP A 290 20.69 23.18 37.71
CA ASP A 290 20.24 24.00 36.57
C ASP A 290 21.08 23.71 35.33
N CYS A 291 22.39 23.56 35.49
CA CYS A 291 23.24 23.31 34.34
C CYS A 291 23.05 21.90 33.81
N LEU A 292 22.84 20.92 34.70
CA LEU A 292 22.60 19.56 34.25
C LEU A 292 21.32 19.47 33.43
N LYS A 293 20.29 20.25 33.80
CA LYS A 293 19.07 20.28 33.02
C LYS A 293 19.36 20.66 31.58
N LYS A 294 20.19 21.69 31.38
CA LYS A 294 20.55 22.09 30.02
C LYS A 294 21.43 21.04 29.35
N PHE A 295 22.40 20.49 30.09
CA PHE A 295 23.22 19.40 29.56
C PHE A 295 22.35 18.26 29.06
N ASN A 296 21.40 17.81 29.88
CA ASN A 296 20.52 16.72 29.48
C ASN A 296 19.69 17.09 28.27
N ALA A 297 19.17 18.31 28.22
CA ALA A 297 18.32 18.72 27.10
C ALA A 297 19.11 18.72 25.79
N ARG A 298 20.31 19.30 25.81
CA ARG A 298 21.15 19.26 24.62
C ARG A 298 21.47 17.82 24.23
N ARG A 299 21.74 16.97 25.21
CA ARG A 299 22.12 15.59 24.91
C ARG A 299 20.98 14.85 24.22
N LYS A 300 19.74 15.13 24.61
CA LYS A 300 18.59 14.48 24.00
C LYS A 300 18.27 15.07 22.63
N LEU A 301 18.62 16.33 22.40
CA LEU A 301 18.42 16.92 21.07
C LEU A 301 19.47 16.40 20.10
N LYS A 302 20.74 16.33 20.52
CA LYS A 302 21.81 15.85 19.66
C LYS A 302 21.81 14.34 19.50
N GLY A 303 21.00 13.62 20.26
CA GLY A 303 20.88 12.19 20.09
C GLY A 303 20.62 11.84 18.63
N ALA A 304 21.69 11.53 17.90
CA ALA A 304 21.57 11.18 16.49
C ALA A 304 21.10 9.74 16.37
N ILE A 305 19.86 9.56 15.92
CA ILE A 305 19.37 8.21 15.64
C ILE A 305 20.07 7.62 14.43
N LEU A 306 20.52 8.48 13.51
CA LEU A 306 21.15 8.06 12.27
C LEU A 306 22.43 8.86 12.06
N THR A 307 23.32 8.33 11.24
CA THR A 307 24.54 9.06 10.91
C THR A 307 24.18 10.37 10.21
N THR A 308 24.54 11.48 10.83
CA THR A 308 24.25 12.81 10.31
C THR A 308 25.57 13.50 9.99
N MET A 309 25.68 14.03 8.78
CA MET A 309 26.89 14.71 8.32
C MET A 309 26.52 16.15 7.97
N LEU A 310 26.99 17.09 8.77
CA LEU A 310 26.71 18.50 8.61
C LEU A 310 27.92 19.19 7.99
N ALA A 311 27.67 20.09 7.05
CA ALA A 311 28.75 20.80 6.40
C ALA A 311 29.52 21.68 7.38
N THR A 312 30.53 22.38 6.89
CA THR A 312 31.27 23.37 7.66
C THR A 312 30.80 24.76 7.25
N ARG A 313 30.54 25.62 8.23
CA ARG A 313 30.13 26.99 7.94
C ARG A 313 30.76 28.04 8.85
N ASN A 314 31.38 27.65 9.95
CA ASN A 314 32.07 28.58 10.86
C ASN A 314 33.58 28.34 10.69
N PHE A 315 34.18 29.08 9.77
CA PHE A 315 35.57 28.87 9.40
C PHE A 315 36.49 29.85 10.13
N SER A 316 37.63 29.34 10.59
CA SER A 316 38.69 30.18 11.10
C SER A 316 39.22 31.07 9.98
N ALA A 317 40.05 32.04 10.35
CA ALA A 317 40.70 32.88 9.35
C ALA A 317 41.66 32.05 8.50
N ARG A 318 42.34 31.08 9.12
CA ARG A 318 43.27 30.24 8.36
C ARG A 318 42.54 29.44 7.28
N LYS A 319 41.38 28.87 7.62
CA LYS A 319 40.65 28.07 6.64
C LYS A 319 40.07 28.95 5.54
N GLN A 320 39.58 30.14 5.89
CA GLN A 320 39.08 31.07 4.89
C GLN A 320 40.18 31.46 3.91
N GLU A 321 41.43 31.52 4.39
CA GLU A 321 42.54 31.83 3.50
C GLU A 321 42.66 30.78 2.40
N ILE A 322 42.47 29.51 2.75
CA ILE A 322 42.54 28.44 1.76
C ILE A 322 41.38 28.52 0.79
N ILE A 323 40.18 28.84 1.29
CA ILE A 323 39.03 29.00 0.42
C ILE A 323 39.27 30.15 -0.56
N LYS A 324 39.86 31.25 -0.08
CA LYS A 324 40.04 32.41 -0.93
C LYS A 324 40.99 32.11 -2.08
N VAL A 325 42.16 31.54 -1.77
CA VAL A 325 43.14 31.27 -2.81
C VAL A 325 42.62 30.22 -3.77
N THR A 326 41.82 29.27 -3.28
CA THR A 326 41.19 28.30 -4.16
C THR A 326 40.25 28.99 -5.15
N GLU A 327 39.44 29.92 -4.66
CA GLU A 327 38.53 30.64 -5.55
C GLU A 327 39.27 31.58 -6.48
N GLN A 328 40.40 32.14 -6.02
CA GLN A 328 41.24 32.92 -6.93
C GLN A 328 41.78 32.04 -8.06
N LEU A 329 42.13 30.79 -7.74
CA LEU A 329 42.62 29.89 -8.77
C LEU A 329 41.53 29.52 -9.76
N ILE A 330 40.34 29.16 -9.26
CA ILE A 330 39.22 28.85 -10.15
C ILE A 330 38.92 30.06 -11.03
N GLU A 331 38.91 31.27 -10.44
CA GLU A 331 38.65 32.47 -11.21
C GLU A 331 39.65 32.65 -12.34
N ALA A 332 40.93 32.39 -12.07
CA ALA A 332 41.95 32.53 -13.11
C ALA A 332 41.70 31.53 -14.23
N ILE A 333 41.26 30.33 -13.89
CA ILE A 333 40.96 29.32 -14.91
C ILE A 333 39.79 29.80 -15.77
N ASN A 334 38.71 30.25 -15.13
CA ASN A 334 37.54 30.69 -15.88
C ASN A 334 37.87 31.85 -16.80
N ASN A 335 38.74 32.76 -16.35
CA ASN A 335 39.13 33.91 -17.15
C ASN A 335 40.30 33.61 -18.08
N GLY A 336 40.79 32.38 -18.09
CA GLY A 336 41.90 32.04 -18.97
C GLY A 336 43.15 32.86 -18.72
N CYS A 337 43.44 33.16 -17.45
CA CYS A 337 44.62 33.93 -17.10
C CYS A 337 45.71 32.95 -16.66
N PHE A 338 46.57 32.57 -17.62
CA PHE A 338 47.62 31.60 -17.32
C PHE A 338 48.68 32.19 -16.41
N GLU A 339 48.91 33.50 -16.48
CA GLU A 339 49.88 34.13 -15.58
C GLU A 339 49.47 33.94 -14.13
N ALA A 340 48.20 34.20 -13.80
CA ALA A 340 47.72 33.98 -12.44
C ALA A 340 47.79 32.51 -12.07
N TYR A 341 47.48 31.63 -13.03
CA TYR A 341 47.50 30.20 -12.76
C TYR A 341 48.90 29.73 -12.37
N THR A 342 49.93 30.16 -13.12
CA THR A 342 51.29 29.75 -12.82
C THR A 342 51.83 30.46 -11.59
N LYS A 343 51.23 31.58 -11.20
CA LYS A 343 51.60 32.22 -9.95
C LYS A 343 51.09 31.42 -8.76
N ILE A 344 49.86 30.93 -8.84
CA ILE A 344 49.23 30.25 -7.72
C ILE A 344 49.62 28.77 -7.64
N CYS A 345 49.92 28.14 -8.77
CA CYS A 345 50.22 26.71 -8.80
C CYS A 345 51.72 26.48 -8.67
N ASP A 346 52.08 25.43 -7.97
CA ASP A 346 53.49 25.07 -7.84
C ASP A 346 54.01 24.54 -9.17
N PRO A 347 55.27 24.84 -9.53
CA PRO A 347 55.78 24.30 -10.80
C PRO A 347 55.75 22.79 -10.88
N GLY A 348 55.85 22.10 -9.75
CA GLY A 348 55.81 20.64 -9.73
C GLY A 348 54.42 20.09 -9.47
N LEU A 349 53.39 20.88 -9.79
CA LEU A 349 52.01 20.44 -9.60
C LEU A 349 51.77 19.10 -10.29
N THR A 350 51.10 18.20 -9.56
CA THR A 350 50.57 16.97 -10.13
C THR A 350 49.04 17.02 -10.11
N ALA A 351 48.42 16.20 -10.95
CA ALA A 351 46.96 16.26 -11.05
C ALA A 351 46.40 14.95 -11.57
N PHE A 352 45.32 14.50 -10.92
CA PHE A 352 44.37 13.55 -11.48
C PHE A 352 43.15 14.33 -11.94
N GLU A 353 42.72 14.13 -13.19
CA GLU A 353 41.53 14.80 -13.68
C GLU A 353 40.97 14.01 -14.84
N PRO A 354 39.67 14.11 -15.10
CA PRO A 354 39.09 13.36 -16.23
C PRO A 354 39.76 13.68 -17.55
N GLU A 355 40.19 14.93 -17.76
CA GLU A 355 40.89 15.27 -18.98
C GLU A 355 42.15 14.44 -19.17
N ALA A 356 42.72 13.90 -18.09
CA ALA A 356 43.96 13.15 -18.16
C ALA A 356 43.76 11.64 -18.27
N LEU A 357 42.51 11.17 -18.32
CA LEU A 357 42.20 9.78 -18.64
C LEU A 357 42.87 8.81 -17.65
N GLY A 358 42.79 9.13 -16.36
CA GLY A 358 43.31 8.25 -15.34
C GLY A 358 44.81 8.30 -15.14
N ASN A 359 45.52 9.17 -15.85
CA ASN A 359 46.95 9.34 -15.65
C ASN A 359 47.22 10.46 -14.65
N LEU A 360 48.32 10.34 -13.94
CA LEU A 360 48.84 11.43 -13.11
C LEU A 360 49.73 12.30 -13.99
N VAL A 361 49.36 13.55 -14.17
CA VAL A 361 50.11 14.48 -14.99
C VAL A 361 50.90 15.41 -14.08
N GLU A 362 52.05 15.88 -14.56
CA GLU A 362 52.97 16.68 -13.77
C GLU A 362 53.36 17.93 -14.54
N GLY A 363 53.47 19.04 -13.83
CA GLY A 363 53.86 20.29 -14.43
C GLY A 363 52.69 21.08 -14.97
N MET A 364 53.02 22.14 -15.71
CA MET A 364 52.04 23.06 -16.26
C MET A 364 51.69 22.74 -17.70
N ASP A 365 52.45 21.88 -18.37
CA ASP A 365 52.23 21.60 -19.78
C ASP A 365 50.80 21.16 -20.05
N PHE A 366 50.36 20.10 -19.35
CA PHE A 366 49.03 19.56 -19.63
C PHE A 366 47.95 20.63 -19.52
N HIS A 367 48.08 21.51 -18.53
CA HIS A 367 47.07 22.54 -18.31
C HIS A 367 47.24 23.74 -19.24
N ARG A 368 48.45 23.95 -19.76
CA ARG A 368 48.67 25.06 -20.68
C ARG A 368 47.80 24.95 -21.92
N PHE A 369 47.50 23.72 -22.35
CA PHE A 369 46.73 23.54 -23.58
C PHE A 369 45.35 24.17 -23.48
N TYR A 370 44.70 24.03 -22.32
CA TYR A 370 43.34 24.53 -22.16
C TYR A 370 43.31 26.05 -22.02
N PHE A 371 44.40 26.66 -21.54
CA PHE A 371 44.48 28.12 -21.51
C PHE A 371 44.74 28.68 -22.90
N GLU A 372 45.76 28.14 -23.58
CA GLU A 372 46.14 28.67 -24.89
C GLU A 372 45.04 28.52 -25.92
N ASN A 373 44.03 27.69 -25.65
CA ASN A 373 42.95 27.47 -26.60
C ASN A 373 41.59 27.82 -26.00
N ALA A 374 40.94 26.85 -25.35
CA ALA A 374 39.53 27.00 -25.02
C ALA A 374 39.27 28.16 -24.06
N LEU A 375 39.97 28.18 -22.93
CA LEU A 375 39.56 29.02 -21.80
C LEU A 375 39.33 30.48 -22.20
N SER A 376 40.05 30.97 -23.21
CA SER A 376 39.81 32.31 -23.73
C SER A 376 39.20 32.33 -25.12
N LYS A 377 39.38 31.27 -25.90
CA LYS A 377 38.86 31.23 -27.26
C LYS A 377 37.32 31.23 -27.26
N SER A 378 36.71 30.40 -26.42
CA SER A 378 35.27 30.25 -26.41
C SER A 378 34.62 31.44 -25.74
N ASN A 379 33.59 32.01 -26.37
CA ASN A 379 32.89 33.19 -25.88
C ASN A 379 31.47 32.78 -25.52
N LYS A 380 31.31 32.18 -24.34
CA LYS A 380 30.01 31.81 -23.80
C LYS A 380 30.01 32.01 -22.30
N PRO A 381 28.86 32.30 -21.71
CA PRO A 381 28.81 32.62 -20.27
C PRO A 381 28.80 31.36 -19.42
N ILE A 382 29.63 31.35 -18.37
CA ILE A 382 29.69 30.24 -17.43
C ILE A 382 29.68 30.80 -16.02
N HIS A 383 29.03 30.06 -15.11
CA HIS A 383 28.91 30.46 -13.71
C HIS A 383 29.35 29.30 -12.83
N THR A 384 30.34 29.53 -11.98
CA THR A 384 30.87 28.50 -11.11
C THR A 384 30.34 28.66 -9.69
N ILE A 385 29.99 27.54 -9.08
CA ILE A 385 29.50 27.51 -7.71
C ILE A 385 30.35 26.51 -6.93
N ILE A 386 30.77 26.90 -5.73
CA ILE A 386 31.57 26.07 -4.85
C ILE A 386 30.68 25.66 -3.68
N LEU A 387 30.42 24.37 -3.56
CA LEU A 387 29.48 23.84 -2.58
C LEU A 387 30.22 23.08 -1.48
N ASN A 388 29.87 23.39 -0.24
CA ASN A 388 30.29 22.60 0.92
C ASN A 388 31.80 22.39 0.96
N PRO A 389 32.60 23.46 0.93
CA PRO A 389 34.04 23.29 1.08
C PRO A 389 34.40 22.81 2.47
N HIS A 390 35.35 21.88 2.52
CA HIS A 390 35.89 21.37 3.78
C HIS A 390 37.40 21.53 3.72
N VAL A 391 37.98 22.17 4.74
CA VAL A 391 39.40 22.50 4.77
C VAL A 391 40.03 21.76 5.94
N HIS A 392 41.09 21.00 5.65
CA HIS A 392 41.95 20.42 6.68
C HIS A 392 43.21 21.26 6.80
N LEU A 393 43.51 21.71 8.02
CA LEU A 393 44.79 22.34 8.31
C LEU A 393 45.75 21.25 8.80
N VAL A 394 46.81 21.02 8.02
CA VAL A 394 47.76 19.95 8.33
C VAL A 394 49.13 20.58 8.54
N GLY A 395 49.25 21.40 9.58
CA GLY A 395 50.45 22.15 9.85
C GLY A 395 50.27 23.62 9.51
N ASP A 396 51.24 24.42 9.99
CA ASP A 396 51.14 25.86 9.83
C ASP A 396 51.23 26.29 8.37
N ASP A 397 51.87 25.49 7.52
CA ASP A 397 52.12 25.89 6.14
C ASP A 397 51.54 24.89 5.12
N ALA A 398 50.61 24.05 5.55
CA ALA A 398 50.01 23.08 4.65
C ALA A 398 48.52 22.98 4.93
N ALA A 399 47.75 22.75 3.86
CA ALA A 399 46.31 22.64 3.99
C ALA A 399 45.77 21.77 2.87
N CYS A 400 44.57 21.25 3.08
CA CYS A 400 43.83 20.46 2.12
C CYS A 400 42.42 21.02 2.03
N ILE A 401 41.88 21.12 0.82
CA ILE A 401 40.51 21.59 0.63
C ILE A 401 39.80 20.63 -0.31
N ALA A 402 38.55 20.31 0.04
CA ALA A 402 37.69 19.46 -0.76
C ALA A 402 36.35 20.15 -0.94
N TYR A 403 35.84 20.16 -2.16
CA TYR A 403 34.62 20.89 -2.45
C TYR A 403 33.97 20.32 -3.70
N ILE A 404 32.69 20.61 -3.85
CA ILE A 404 31.96 20.31 -5.07
C ILE A 404 31.99 21.55 -5.95
N ARG A 405 32.25 21.36 -7.23
CA ARG A 405 32.34 22.44 -8.20
C ARG A 405 31.19 22.30 -9.17
N LEU A 406 30.18 23.16 -9.03
CA LEU A 406 29.03 23.20 -9.92
C LEU A 406 29.25 24.27 -10.98
N THR A 407 29.08 23.89 -12.24
CA THR A 407 29.32 24.81 -13.36
C THR A 407 28.06 24.88 -14.22
N GLN A 408 27.50 26.07 -14.32
CA GLN A 408 26.43 26.36 -15.27
C GLN A 408 27.03 27.00 -16.52
N TYR A 409 26.55 26.57 -17.68
CA TYR A 409 27.12 27.04 -18.94
C TYR A 409 26.09 26.87 -20.05
N MET A 410 26.41 27.43 -21.21
CA MET A 410 25.59 27.31 -22.40
C MET A 410 26.19 26.27 -23.33
N ASP A 411 25.39 25.30 -23.75
CA ASP A 411 25.87 24.21 -24.58
C ASP A 411 25.92 24.67 -26.04
N GLY A 412 26.24 23.73 -26.95
CA GLY A 412 26.37 24.10 -28.35
C GLY A 412 25.09 24.65 -28.94
N SER A 413 23.96 24.03 -28.61
CA SER A 413 22.66 24.50 -29.09
C SER A 413 22.17 25.75 -28.37
N GLY A 414 23.00 26.36 -27.53
CA GLY A 414 22.57 27.54 -26.80
C GLY A 414 21.62 27.25 -25.66
N MET A 415 21.59 26.01 -25.17
CA MET A 415 20.72 25.63 -24.06
C MET A 415 21.50 25.62 -22.76
N PRO A 416 20.91 26.04 -21.65
CA PRO A 416 21.64 26.04 -20.38
C PRO A 416 21.85 24.62 -19.86
N LYS A 417 23.05 24.36 -19.36
CA LYS A 417 23.36 23.07 -18.78
C LYS A 417 24.14 23.27 -17.50
N THR A 418 24.17 22.22 -16.68
CA THR A 418 24.93 22.20 -15.44
C THR A 418 25.75 20.92 -15.40
N MET A 419 26.94 21.01 -14.82
CA MET A 419 27.78 19.85 -14.63
C MET A 419 28.43 19.95 -13.25
N GLN A 420 28.81 18.79 -12.73
CA GLN A 420 29.38 18.70 -11.39
C GLN A 420 30.73 18.02 -11.44
N SER A 421 31.67 18.55 -10.66
CA SER A 421 32.94 17.91 -10.38
C SER A 421 33.16 17.90 -8.87
N GLU A 422 33.93 16.94 -8.40
CA GLU A 422 34.42 16.92 -7.03
C GLU A 422 35.93 17.14 -7.11
N GLU A 423 36.44 18.03 -6.27
CA GLU A 423 37.82 18.46 -6.42
C GLU A 423 38.52 18.56 -5.08
N THR A 424 39.72 17.99 -5.02
CA THR A 424 40.62 18.10 -3.89
C THR A 424 41.82 18.92 -4.32
N ARG A 425 42.23 19.87 -3.50
CA ARG A 425 43.43 20.66 -3.78
C ARG A 425 44.29 20.71 -2.52
N VAL A 426 45.55 20.32 -2.67
CA VAL A 426 46.54 20.33 -1.59
C VAL A 426 47.36 21.60 -1.72
N TRP A 427 47.48 22.34 -0.62
CA TRP A 427 48.12 23.65 -0.61
C TRP A 427 49.33 23.65 0.31
N HIS A 428 50.41 24.28 -0.14
CA HIS A 428 51.63 24.43 0.65
C HIS A 428 52.04 25.89 0.62
N ARG A 429 52.22 26.48 1.79
CA ARG A 429 52.67 27.87 1.89
C ARG A 429 54.17 27.91 1.67
N ARG A 430 54.59 28.40 0.51
CA ARG A 430 55.99 28.50 0.14
C ARG A 430 56.32 29.96 -0.15
N ASP A 431 57.36 30.48 0.50
CA ASP A 431 57.76 31.87 0.34
C ASP A 431 56.62 32.82 0.68
N GLY A 432 55.85 32.47 1.70
CA GLY A 432 54.77 33.32 2.16
C GLY A 432 53.53 33.32 1.29
N LYS A 433 53.41 32.40 0.35
CA LYS A 433 52.28 32.36 -0.57
C LYS A 433 51.74 30.94 -0.63
N TRP A 434 50.42 30.80 -0.42
CA TRP A 434 49.78 29.51 -0.58
C TRP A 434 49.84 29.09 -2.04
N GLN A 435 50.32 27.87 -2.28
CA GLN A 435 50.50 27.38 -3.64
C GLN A 435 50.00 25.96 -3.76
N ASN A 436 49.41 25.66 -4.92
CA ASN A 436 48.72 24.40 -5.15
C ASN A 436 49.70 23.38 -5.70
N VAL A 437 49.98 22.34 -4.91
CA VAL A 437 50.97 21.34 -5.30
C VAL A 437 50.33 20.09 -5.91
N HIS A 438 49.03 19.87 -5.71
CA HIS A 438 48.37 18.70 -6.26
C HIS A 438 46.87 18.91 -6.21
N PHE A 439 46.17 18.41 -7.23
CA PHE A 439 44.72 18.40 -7.17
C PHE A 439 44.19 17.16 -7.86
N HIS A 440 42.95 16.83 -7.52
CA HIS A 440 42.28 15.61 -7.96
C HIS A 440 40.85 16.00 -8.29
N ARG A 441 40.48 15.92 -9.57
CA ARG A 441 39.11 16.14 -10.00
C ARG A 441 38.46 14.83 -10.38
N SER A 442 37.26 14.60 -9.88
CA SER A 442 36.40 13.52 -10.32
C SER A 442 35.10 14.11 -10.84
N GLY A 443 34.37 13.33 -11.61
CA GLY A 443 33.12 13.79 -12.19
C GLY A 443 33.35 14.35 -13.59
N SER A 444 32.75 15.50 -13.85
CA SER A 444 32.79 16.07 -15.19
C SER A 444 34.09 16.85 -15.41
N PRO A 445 34.55 16.94 -16.66
CA PRO A 445 35.72 17.79 -16.95
C PRO A 445 35.34 19.26 -17.03
N THR A 446 36.22 20.11 -16.50
CA THR A 446 35.87 21.51 -16.28
C THR A 446 35.56 22.25 -17.58
N VAL A 447 36.20 21.88 -18.68
CA VAL A 447 35.82 22.49 -19.96
C VAL A 447 34.48 21.90 -20.40
N PRO A 448 33.46 22.73 -20.69
CA PRO A 448 32.12 22.23 -21.02
C PRO A 448 32.11 21.07 -22.01
N THR B 7 0.65 -28.51 14.97
CA THR B 7 0.72 -29.14 13.66
C THR B 7 -0.13 -30.41 13.64
N CYS B 8 -1.43 -30.25 13.41
CA CYS B 8 -2.40 -31.34 13.45
C CYS B 8 -3.12 -31.43 12.11
N THR B 9 -4.21 -32.20 12.09
CA THR B 9 -5.06 -32.36 10.91
C THR B 9 -6.52 -32.47 11.35
N ARG B 10 -6.89 -31.72 12.39
CA ARG B 10 -8.24 -31.81 12.94
C ARG B 10 -9.28 -31.26 11.98
N PHE B 11 -9.03 -30.08 11.41
CA PHE B 11 -10.06 -29.39 10.64
C PHE B 11 -10.45 -30.18 9.39
N THR B 12 -9.46 -30.59 8.60
CA THR B 12 -9.75 -31.31 7.37
C THR B 12 -10.40 -32.67 7.64
N ASP B 13 -10.08 -33.29 8.77
CA ASP B 13 -10.63 -34.59 9.11
C ASP B 13 -11.93 -34.50 9.92
N GLU B 14 -12.39 -33.29 10.25
CA GLU B 14 -13.59 -33.14 11.07
C GLU B 14 -14.51 -32.03 10.60
N TYR B 15 -14.20 -31.34 9.50
CA TYR B 15 -15.03 -30.25 9.01
C TYR B 15 -15.27 -30.42 7.51
N GLN B 16 -16.30 -29.72 7.03
CA GLN B 16 -16.64 -29.67 5.61
C GLN B 16 -16.87 -28.22 5.21
N LEU B 17 -16.30 -27.83 4.08
CA LEU B 17 -16.27 -26.44 3.66
C LEU B 17 -17.32 -26.16 2.59
N PHE B 18 -17.81 -24.92 2.57
CA PHE B 18 -18.81 -24.49 1.61
C PHE B 18 -18.44 -23.13 1.01
N GLU B 19 -19.43 -22.29 0.71
CA GLU B 19 -19.18 -21.07 -0.03
C GLU B 19 -18.40 -20.06 0.80
N GLU B 20 -17.84 -19.07 0.11
CA GLU B 20 -17.18 -17.95 0.77
C GLU B 20 -18.20 -16.93 1.25
N LEU B 21 -17.90 -16.31 2.39
CA LEU B 21 -18.72 -15.25 2.94
C LEU B 21 -18.02 -13.90 2.97
N GLY B 22 -16.69 -13.89 2.94
CA GLY B 22 -15.95 -12.65 2.93
C GLY B 22 -14.47 -12.93 2.79
N LYS B 23 -13.74 -11.90 2.37
CA LYS B 23 -12.31 -11.98 2.18
C LYS B 23 -11.59 -11.01 3.10
N GLY B 24 -10.40 -11.40 3.55
CA GLY B 24 -9.57 -10.59 4.39
C GLY B 24 -8.22 -10.31 3.75
N ALA B 25 -7.43 -9.49 4.44
CA ALA B 25 -6.12 -9.12 3.94
C ALA B 25 -5.27 -10.36 3.67
N PHE B 26 -5.26 -11.30 4.62
CA PHE B 26 -4.49 -12.54 4.49
C PHE B 26 -5.36 -13.78 4.67
N SER B 27 -6.68 -13.64 4.70
CA SER B 27 -7.56 -14.73 5.08
C SER B 27 -8.77 -14.80 4.16
N VAL B 28 -9.42 -15.96 4.17
CA VAL B 28 -10.71 -16.17 3.52
C VAL B 28 -11.66 -16.77 4.56
N VAL B 29 -12.89 -16.28 4.58
CA VAL B 29 -13.91 -16.77 5.50
C VAL B 29 -14.91 -17.59 4.69
N ARG B 30 -15.10 -18.85 5.09
CA ARG B 30 -16.01 -19.75 4.42
C ARG B 30 -16.96 -20.38 5.45
N ARG B 31 -18.20 -20.59 5.03
CA ARG B 31 -19.12 -21.38 5.84
C ARG B 31 -18.64 -22.83 5.87
N CYS B 32 -18.78 -23.47 7.02
CA CYS B 32 -18.32 -24.84 7.20
C CYS B 32 -19.26 -25.59 8.12
N MET B 33 -19.04 -26.90 8.23
CA MET B 33 -19.86 -27.78 9.05
C MET B 33 -18.96 -28.82 9.70
N LYS B 34 -19.13 -28.98 11.02
CA LYS B 34 -18.51 -30.09 11.73
C LYS B 34 -19.27 -31.36 11.37
N ILE B 35 -18.62 -32.27 10.63
CA ILE B 35 -19.33 -33.42 10.06
C ILE B 35 -20.01 -34.25 11.15
N PRO B 36 -19.35 -34.65 12.24
CA PRO B 36 -20.02 -35.50 13.22
C PRO B 36 -21.34 -34.95 13.75
N THR B 37 -21.48 -33.63 13.85
CA THR B 37 -22.62 -33.03 14.52
C THR B 37 -23.54 -32.24 13.58
N GLY B 38 -23.10 -31.96 12.35
CA GLY B 38 -23.90 -31.13 11.48
C GLY B 38 -24.03 -29.69 11.94
N GLN B 39 -23.19 -29.26 12.86
CA GLN B 39 -23.22 -27.89 13.35
C GLN B 39 -22.37 -26.99 12.46
N GLU B 40 -22.98 -25.91 11.98
CA GLU B 40 -22.32 -25.02 11.03
C GLU B 40 -21.59 -23.90 11.75
N TYR B 41 -20.52 -23.42 11.11
CA TYR B 41 -19.70 -22.34 11.64
C TYR B 41 -19.16 -21.52 10.48
N ALA B 42 -18.49 -20.43 10.82
CA ALA B 42 -17.76 -19.61 9.86
C ALA B 42 -16.27 -19.86 10.05
N ALA B 43 -15.62 -20.36 9.01
CA ALA B 43 -14.21 -20.75 9.07
C ALA B 43 -13.35 -19.66 8.43
N LYS B 44 -12.47 -19.06 9.22
CA LYS B 44 -11.48 -18.10 8.72
C LYS B 44 -10.19 -18.86 8.46
N ILE B 45 -9.78 -18.90 7.19
CA ILE B 45 -8.68 -19.75 6.73
C ILE B 45 -7.53 -18.87 6.28
N ILE B 46 -6.30 -19.30 6.58
CA ILE B 46 -5.10 -18.59 6.18
C ILE B 46 -4.06 -19.61 5.73
N ASN B 47 -3.40 -19.31 4.60
CA ASN B 47 -2.19 -20.03 4.24
C ASN B 47 -1.09 -19.62 5.21
N THR B 48 -0.57 -20.59 5.97
CA THR B 48 0.60 -20.30 6.79
C THR B 48 1.77 -19.80 5.94
N LYS B 49 1.69 -19.97 4.62
CA LYS B 49 2.68 -19.40 3.72
C LYS B 49 2.61 -17.87 3.74
N LYS B 50 1.43 -17.33 3.47
CA LYS B 50 1.22 -15.88 3.52
C LYS B 50 1.85 -15.26 4.75
N LEU B 51 1.55 -15.83 5.92
CA LEU B 51 1.96 -15.28 7.21
C LEU B 51 3.41 -14.81 7.21
N SER B 52 3.62 -13.53 7.01
CA SER B 52 4.90 -12.91 7.29
C SER B 52 5.04 -12.69 8.79
N ALA B 53 6.25 -12.28 9.21
CA ALA B 53 6.47 -11.98 10.62
C ALA B 53 5.39 -11.04 11.16
N ARG B 54 4.93 -10.11 10.32
CA ARG B 54 3.87 -9.19 10.70
C ARG B 54 2.52 -9.90 10.75
N ASP B 55 2.04 -10.36 9.59
CA ASP B 55 0.73 -11.00 9.53
C ASP B 55 0.67 -12.27 10.36
N HIS B 56 1.82 -12.86 10.68
CA HIS B 56 1.81 -13.98 11.62
C HIS B 56 1.60 -13.50 13.04
N GLN B 57 2.22 -12.37 13.41
CA GLN B 57 1.97 -11.79 14.72
C GLN B 57 0.55 -11.26 14.83
N LYS B 58 0.00 -10.75 13.74
CA LYS B 58 -1.40 -10.32 13.74
C LYS B 58 -2.33 -11.51 13.93
N LEU B 59 -2.09 -12.59 13.17
CA LEU B 59 -2.89 -13.80 13.32
C LEU B 59 -2.85 -14.30 14.76
N GLU B 60 -1.64 -14.45 15.33
CA GLU B 60 -1.52 -14.85 16.71
C GLU B 60 -2.29 -13.93 17.64
N ARG B 61 -2.27 -12.63 17.36
CA ARG B 61 -2.96 -11.67 18.22
C ARG B 61 -4.47 -11.85 18.14
N GLU B 62 -5.00 -11.97 16.93
CA GLU B 62 -6.44 -12.15 16.77
C GLU B 62 -6.91 -13.43 17.47
N ALA B 63 -6.18 -14.52 17.31
CA ALA B 63 -6.56 -15.77 17.95
C ALA B 63 -6.50 -15.65 19.47
N ARG B 64 -5.39 -15.11 20.00
CA ARG B 64 -5.27 -14.95 21.44
C ARG B 64 -6.38 -14.06 21.99
N ILE B 65 -6.69 -12.96 21.31
CA ILE B 65 -7.73 -12.06 21.79
C ILE B 65 -9.09 -12.73 21.73
N CYS B 66 -9.43 -13.34 20.60
CA CYS B 66 -10.76 -13.92 20.44
C CYS B 66 -10.98 -15.10 21.37
N ARG B 67 -9.91 -15.82 21.73
CA ARG B 67 -10.04 -16.89 22.72
C ARG B 67 -10.58 -16.36 24.04
N LEU B 68 -10.21 -15.13 24.41
CA LEU B 68 -10.63 -14.57 25.69
C LEU B 68 -12.10 -14.19 25.71
N LEU B 69 -12.67 -13.88 24.56
CA LEU B 69 -14.00 -13.25 24.49
C LEU B 69 -15.05 -14.34 24.37
N LYS B 70 -15.85 -14.51 25.44
CA LYS B 70 -16.94 -15.48 25.50
C LYS B 70 -18.14 -14.76 26.12
N HIS B 71 -18.88 -14.03 25.28
CA HIS B 71 -20.03 -13.24 25.71
C HIS B 71 -21.13 -13.41 24.67
N PRO B 72 -22.39 -13.49 25.11
CA PRO B 72 -23.48 -13.72 24.14
C PRO B 72 -23.49 -12.72 22.99
N ASN B 73 -23.13 -11.46 23.24
CA ASN B 73 -23.18 -10.42 22.22
C ASN B 73 -21.85 -10.24 21.49
N ILE B 74 -20.99 -11.26 21.49
CA ILE B 74 -19.73 -11.23 20.76
C ILE B 74 -19.65 -12.49 19.91
N VAL B 75 -19.19 -12.33 18.67
CA VAL B 75 -18.95 -13.48 17.80
C VAL B 75 -17.89 -14.36 18.44
N ARG B 76 -18.29 -15.53 18.91
CA ARG B 76 -17.41 -16.38 19.69
C ARG B 76 -16.46 -17.17 18.77
N LEU B 77 -15.25 -17.39 19.27
CA LEU B 77 -14.30 -18.28 18.62
C LEU B 77 -14.43 -19.65 19.25
N HIS B 78 -14.56 -20.68 18.41
CA HIS B 78 -14.78 -22.04 18.86
C HIS B 78 -13.56 -22.94 18.76
N ASP B 79 -12.64 -22.67 17.84
CA ASP B 79 -11.46 -23.51 17.70
C ASP B 79 -10.40 -22.77 16.90
N SER B 80 -9.14 -23.11 17.16
CA SER B 80 -8.00 -22.62 16.40
C SER B 80 -7.12 -23.82 16.07
N ILE B 81 -6.96 -24.10 14.78
CA ILE B 81 -6.28 -25.29 14.30
C ILE B 81 -5.21 -24.88 13.31
N SER B 82 -3.99 -25.39 13.51
CA SER B 82 -2.91 -25.29 12.54
C SER B 82 -2.77 -26.62 11.84
N GLU B 83 -2.95 -26.63 10.52
CA GLU B 83 -3.05 -27.87 9.74
C GLU B 83 -1.81 -28.11 8.87
N GLU B 84 -0.64 -27.72 9.36
CA GLU B 84 0.62 -28.02 8.69
C GLU B 84 0.57 -27.59 7.23
N GLY B 85 0.33 -26.29 7.03
CA GLY B 85 0.20 -25.73 5.69
C GLY B 85 -0.89 -24.69 5.63
N PHE B 86 -1.79 -24.69 6.62
CA PHE B 86 -2.89 -23.76 6.68
C PHE B 86 -3.22 -23.50 8.15
N HIS B 87 -4.07 -22.50 8.37
CA HIS B 87 -4.58 -22.21 9.71
C HIS B 87 -6.06 -21.87 9.62
N TYR B 88 -6.83 -22.34 10.59
CA TYR B 88 -8.28 -22.21 10.57
C TYR B 88 -8.75 -21.67 11.91
N LEU B 89 -9.48 -20.55 11.87
CA LEU B 89 -10.18 -20.02 13.04
C LEU B 89 -11.67 -20.23 12.83
N VAL B 90 -12.29 -21.01 13.71
CA VAL B 90 -13.70 -21.37 13.59
C VAL B 90 -14.51 -20.41 14.46
N PHE B 91 -15.37 -19.63 13.83
CA PHE B 91 -16.20 -18.63 14.49
C PHE B 91 -17.67 -19.02 14.41
N ASP B 92 -18.47 -18.34 15.22
CA ASP B 92 -19.92 -18.38 15.05
C ASP B 92 -20.28 -17.90 13.65
N LEU B 93 -21.30 -18.52 13.06
CA LEU B 93 -21.85 -18.09 11.78
C LEU B 93 -22.98 -17.12 12.05
N VAL B 94 -22.79 -15.87 11.65
CA VAL B 94 -23.79 -14.82 11.83
C VAL B 94 -24.58 -14.69 10.54
N THR B 95 -25.91 -14.76 10.63
CA THR B 95 -26.77 -14.79 9.45
C THR B 95 -27.82 -13.68 9.44
N GLY B 96 -27.75 -12.74 10.38
CA GLY B 96 -28.75 -11.70 10.48
C GLY B 96 -28.46 -10.42 9.72
N GLY B 97 -27.28 -10.28 9.12
CA GLY B 97 -26.94 -9.04 8.48
C GLY B 97 -26.63 -7.95 9.50
N GLU B 98 -26.51 -6.73 8.99
CA GLU B 98 -26.13 -5.60 9.83
C GLU B 98 -27.35 -5.08 10.61
N LEU B 99 -27.09 -4.63 11.84
CA LEU B 99 -28.13 -4.02 12.65
C LEU B 99 -28.79 -2.86 11.91
N PHE B 100 -27.98 -1.98 11.33
CA PHE B 100 -28.52 -0.77 10.70
C PHE B 100 -29.43 -1.10 9.52
N GLU B 101 -29.13 -2.17 8.78
CA GLU B 101 -30.02 -2.58 7.70
C GLU B 101 -31.34 -3.08 8.25
N ASP B 102 -31.31 -3.78 9.40
CA ASP B 102 -32.54 -4.31 9.98
C ASP B 102 -33.45 -3.19 10.47
N ILE B 103 -32.88 -2.14 11.03
CA ILE B 103 -33.70 -1.08 11.62
C ILE B 103 -34.57 -0.42 10.56
N VAL B 104 -34.00 -0.14 9.39
CA VAL B 104 -34.75 0.57 8.35
C VAL B 104 -35.95 -0.24 7.87
N ALA B 105 -35.92 -1.56 8.03
CA ALA B 105 -37.01 -2.42 7.57
C ALA B 105 -38.13 -2.55 8.59
N ARG B 106 -37.95 -2.06 9.81
CA ARG B 106 -38.97 -2.18 10.84
C ARG B 106 -40.07 -1.14 10.61
N GLU B 107 -41.28 -1.49 11.03
CA GLU B 107 -42.41 -0.58 10.97
C GLU B 107 -42.52 0.30 12.21
N TYR B 108 -41.90 -0.11 13.32
CA TYR B 108 -41.90 0.66 14.56
C TYR B 108 -40.49 0.70 15.11
N TYR B 109 -40.01 1.92 15.42
CA TYR B 109 -38.67 2.12 15.94
C TYR B 109 -38.65 3.38 16.79
N SER B 110 -38.21 3.25 18.04
CA SER B 110 -38.26 4.35 18.99
C SER B 110 -36.94 4.40 19.76
N GLU B 111 -36.85 5.37 20.68
CA GLU B 111 -35.70 5.44 21.58
C GLU B 111 -35.51 4.13 22.33
N ALA B 112 -36.60 3.53 22.80
CA ALA B 112 -36.50 2.30 23.56
C ALA B 112 -35.80 1.21 22.76
N ASP B 113 -36.13 1.10 21.47
CA ASP B 113 -35.42 0.15 20.61
C ASP B 113 -33.94 0.50 20.52
N ALA B 114 -33.63 1.77 20.27
CA ALA B 114 -32.23 2.19 20.22
C ALA B 114 -31.52 1.90 21.53
N SER B 115 -32.17 2.15 22.66
CA SER B 115 -31.55 1.87 23.95
C SER B 115 -31.26 0.38 24.10
N HIS B 116 -32.17 -0.48 23.65
CA HIS B 116 -31.93 -1.92 23.71
C HIS B 116 -30.74 -2.31 22.85
N CYS B 117 -30.61 -1.70 21.66
CA CYS B 117 -29.47 -1.98 20.80
C CYS B 117 -28.17 -1.53 21.46
N ILE B 118 -28.13 -0.30 21.95
CA ILE B 118 -26.91 0.22 22.57
C ILE B 118 -26.55 -0.58 23.81
N GLN B 119 -27.55 -1.09 24.54
CA GLN B 119 -27.26 -1.87 25.73
C GLN B 119 -26.46 -3.11 25.39
N GLN B 120 -26.87 -3.83 24.35
CA GLN B 120 -26.13 -5.02 23.93
C GLN B 120 -24.75 -4.64 23.41
N ILE B 121 -24.65 -3.54 22.67
CA ILE B 121 -23.36 -3.09 22.17
C ILE B 121 -22.44 -2.75 23.33
N LEU B 122 -22.95 -2.00 24.32
CA LEU B 122 -22.14 -1.67 25.48
C LEU B 122 -21.74 -2.92 26.25
N GLU B 123 -22.64 -3.90 26.36
CA GLU B 123 -22.31 -5.14 27.05
C GLU B 123 -21.17 -5.87 26.36
N SER B 124 -21.19 -5.90 25.02
CA SER B 124 -20.06 -6.50 24.30
C SER B 124 -18.78 -5.70 24.51
N VAL B 125 -18.87 -4.37 24.43
CA VAL B 125 -17.70 -3.54 24.65
C VAL B 125 -17.22 -3.68 26.09
N ASN B 126 -18.16 -3.65 27.04
CA ASN B 126 -17.77 -3.82 28.44
C ASN B 126 -17.04 -5.13 28.67
N HIS B 127 -17.51 -6.21 28.04
CA HIS B 127 -16.82 -7.49 28.18
C HIS B 127 -15.40 -7.41 27.64
N CYS B 128 -15.21 -6.75 26.49
CA CYS B 128 -13.87 -6.59 25.94
C CYS B 128 -12.97 -5.84 26.91
N HIS B 129 -13.42 -4.66 27.36
CA HIS B 129 -12.59 -3.83 28.23
C HIS B 129 -12.23 -4.56 29.51
N LEU B 130 -13.18 -5.26 30.12
CA LEU B 130 -12.89 -6.00 31.34
C LEU B 130 -11.84 -7.08 31.12
N ASN B 131 -11.67 -7.52 29.88
CA ASN B 131 -10.60 -8.46 29.52
C ASN B 131 -9.39 -7.76 28.93
N GLY B 132 -9.27 -6.45 29.14
CA GLY B 132 -8.12 -5.71 28.67
C GLY B 132 -7.98 -5.64 27.17
N ILE B 133 -9.10 -5.59 26.46
CA ILE B 133 -9.11 -5.63 24.99
C ILE B 133 -9.89 -4.44 24.47
N VAL B 134 -9.31 -3.72 23.51
CA VAL B 134 -9.91 -2.55 22.89
C VAL B 134 -10.18 -2.88 21.43
N HIS B 135 -11.42 -2.68 20.99
CA HIS B 135 -11.80 -3.06 19.63
C HIS B 135 -11.16 -2.14 18.59
N ARG B 136 -11.30 -0.83 18.79
CA ARG B 136 -10.71 0.26 18.01
C ARG B 136 -11.44 0.50 16.70
N ASP B 137 -12.43 -0.31 16.32
CA ASP B 137 -13.10 -0.15 15.03
C ASP B 137 -14.60 -0.42 15.16
N LEU B 138 -15.21 0.16 16.20
CA LEU B 138 -16.66 0.09 16.33
C LEU B 138 -17.31 0.90 15.21
N LYS B 139 -18.13 0.23 14.40
CA LYS B 139 -18.83 0.88 13.30
C LYS B 139 -19.99 -0.01 12.89
N PRO B 140 -20.95 0.53 12.12
CA PRO B 140 -22.13 -0.26 11.76
C PRO B 140 -21.79 -1.59 11.10
N GLU B 141 -20.74 -1.65 10.29
CA GLU B 141 -20.41 -2.88 9.60
C GLU B 141 -20.04 -4.01 10.56
N ASN B 142 -19.66 -3.68 11.80
CA ASN B 142 -19.28 -4.68 12.80
C ASN B 142 -20.38 -4.94 13.81
N LEU B 143 -21.58 -4.42 13.58
CA LEU B 143 -22.72 -4.60 14.48
C LEU B 143 -23.74 -5.46 13.74
N LEU B 144 -23.67 -6.77 13.99
CA LEU B 144 -24.46 -7.75 13.25
C LEU B 144 -25.55 -8.33 14.13
N LEU B 145 -26.52 -8.98 13.48
CA LEU B 145 -27.59 -9.68 14.14
C LEU B 145 -27.33 -11.18 14.03
N ALA B 146 -27.44 -11.88 15.17
CA ALA B 146 -27.06 -13.29 15.21
C ALA B 146 -27.83 -14.11 14.18
N SER B 147 -29.04 -13.70 13.83
CA SER B 147 -29.86 -14.44 12.89
C SER B 147 -30.95 -13.53 12.37
N LYS B 148 -31.71 -14.04 11.41
CA LYS B 148 -32.86 -13.34 10.86
C LYS B 148 -34.10 -13.48 11.74
N SER B 149 -34.04 -14.26 12.82
CA SER B 149 -35.18 -14.38 13.72
C SER B 149 -35.47 -13.04 14.37
N LYS B 150 -36.76 -12.72 14.50
CA LYS B 150 -37.17 -11.48 15.15
C LYS B 150 -36.71 -11.48 16.60
N GLY B 151 -36.05 -10.40 17.00
CA GLY B 151 -35.49 -10.30 18.34
C GLY B 151 -34.10 -10.86 18.49
N ALA B 152 -33.45 -11.23 17.39
CA ALA B 152 -32.10 -11.79 17.44
C ALA B 152 -31.16 -10.84 18.19
N ALA B 153 -30.08 -11.38 18.75
CA ALA B 153 -29.15 -10.59 19.53
C ALA B 153 -28.21 -9.81 18.63
N VAL B 154 -27.87 -8.59 19.05
CA VAL B 154 -26.80 -7.85 18.41
C VAL B 154 -25.47 -8.48 18.78
N LYS B 155 -24.59 -8.64 17.79
CA LYS B 155 -23.30 -9.27 18.01
C LYS B 155 -22.19 -8.39 17.46
N LEU B 156 -21.14 -8.22 18.25
CA LEU B 156 -19.95 -7.47 17.85
C LEU B 156 -19.01 -8.40 17.11
N ALA B 157 -18.52 -7.95 15.95
CA ALA B 157 -17.77 -8.80 15.05
C ALA B 157 -16.44 -8.14 14.68
N ASP B 158 -15.54 -8.98 14.15
CA ASP B 158 -14.32 -8.53 13.48
C ASP B 158 -13.34 -7.86 14.43
N PHE B 159 -12.46 -8.65 15.04
CA PHE B 159 -11.45 -8.13 15.95
C PHE B 159 -10.06 -8.06 15.30
N GLY B 160 -10.02 -7.78 13.99
CA GLY B 160 -8.76 -7.70 13.28
C GLY B 160 -7.94 -6.47 13.62
N LEU B 161 -8.58 -5.44 14.16
CA LEU B 161 -7.86 -4.26 14.63
C LEU B 161 -7.76 -4.19 16.14
N ALA B 162 -8.24 -5.21 16.86
CA ALA B 162 -8.25 -5.17 18.31
C ALA B 162 -6.83 -5.28 18.87
N ILE B 163 -6.64 -4.71 20.06
CA ILE B 163 -5.36 -4.70 20.74
C ILE B 163 -5.58 -5.08 22.20
N GLU B 164 -4.48 -5.42 22.86
CA GLU B 164 -4.47 -5.75 24.28
C GLU B 164 -3.85 -4.60 25.05
N VAL B 165 -4.48 -4.21 26.16
CA VAL B 165 -3.95 -3.14 27.01
C VAL B 165 -3.64 -3.73 28.39
N GLN B 166 -2.75 -3.05 29.09
CA GLN B 166 -2.30 -3.46 30.42
C GLN B 166 -3.01 -2.61 31.46
N GLY B 167 -3.99 -3.19 32.15
CA GLY B 167 -4.73 -2.44 33.15
C GLY B 167 -5.35 -1.20 32.53
N ASP B 168 -5.15 -0.07 33.20
CA ASP B 168 -5.65 1.22 32.71
C ASP B 168 -4.55 2.07 32.08
N GLN B 169 -3.46 1.44 31.66
CA GLN B 169 -2.35 2.17 31.07
C GLN B 169 -2.66 2.53 29.62
N GLN B 170 -2.47 3.80 29.27
CA GLN B 170 -2.62 4.26 27.91
C GLN B 170 -1.31 4.10 27.15
N ALA B 171 -1.41 4.08 25.83
CA ALA B 171 -0.23 3.95 24.98
C ALA B 171 -0.66 4.18 23.54
N TRP B 172 0.33 4.50 22.69
CA TRP B 172 0.08 4.69 21.28
C TRP B 172 0.14 3.34 20.59
N PHE B 173 -1.01 2.84 20.14
CA PHE B 173 -1.11 1.57 19.44
C PHE B 173 -1.23 1.76 17.93
N GLY B 174 -1.06 2.97 17.44
CA GLY B 174 -1.13 3.25 16.02
C GLY B 174 -2.40 3.97 15.63
N PHE B 175 -2.35 4.62 14.48
CA PHE B 175 -3.49 5.35 13.93
C PHE B 175 -4.34 4.35 13.15
N ALA B 176 -5.38 3.82 13.81
CA ALA B 176 -6.26 2.84 13.20
C ALA B 176 -7.70 3.16 13.59
N GLY B 177 -8.62 2.80 12.70
CA GLY B 177 -10.03 3.01 12.91
C GLY B 177 -10.67 3.55 11.64
N THR B 178 -11.92 3.97 11.78
CA THR B 178 -12.67 4.52 10.66
C THR B 178 -12.89 6.01 10.88
N PRO B 179 -12.63 6.86 9.87
CA PRO B 179 -12.59 8.31 10.14
C PRO B 179 -13.77 8.86 10.92
N GLY B 180 -15.00 8.51 10.56
CA GLY B 180 -16.16 9.07 11.23
C GLY B 180 -16.28 8.69 12.69
N TYR B 181 -15.62 7.60 13.11
CA TYR B 181 -15.73 7.11 14.47
C TYR B 181 -14.45 7.26 15.27
N LEU B 182 -13.40 7.80 14.67
CA LEU B 182 -12.15 8.01 15.39
C LEU B 182 -12.35 8.96 16.55
N SER B 183 -11.60 8.73 17.63
CA SER B 183 -11.72 9.52 18.84
C SER B 183 -10.75 10.70 18.81
N PRO B 184 -11.05 11.77 19.54
CA PRO B 184 -10.13 12.92 19.57
C PRO B 184 -8.72 12.55 20.00
N GLU B 185 -8.56 11.64 20.96
CA GLU B 185 -7.22 11.33 21.46
C GLU B 185 -6.37 10.67 20.39
N VAL B 186 -6.95 9.80 19.57
CA VAL B 186 -6.21 9.23 18.45
C VAL B 186 -5.87 10.31 17.44
N LEU B 187 -6.84 11.19 17.14
CA LEU B 187 -6.58 12.27 16.19
C LEU B 187 -5.51 13.21 16.69
N ARG B 188 -5.41 13.41 18.00
CA ARG B 188 -4.35 14.22 18.58
C ARG B 188 -3.02 13.50 18.68
N LYS B 189 -2.98 12.21 18.34
CA LYS B 189 -1.77 11.40 18.48
C LYS B 189 -1.39 11.22 19.95
N ASP B 190 -2.40 11.21 20.84
CA ASP B 190 -2.16 10.95 22.26
C ASP B 190 -2.18 9.46 22.52
N PRO B 191 -1.51 8.99 23.57
CA PRO B 191 -1.73 7.61 24.03
C PRO B 191 -3.20 7.42 24.36
N TYR B 192 -3.72 6.22 24.08
CA TYR B 192 -5.15 5.97 24.19
C TYR B 192 -5.38 4.57 24.69
N GLY B 193 -6.66 4.24 24.91
CA GLY B 193 -7.05 2.93 25.39
C GLY B 193 -8.53 2.68 25.26
N LYS B 194 -9.12 2.09 26.28
CA LYS B 194 -10.54 1.72 26.23
C LYS B 194 -11.46 2.87 25.86
N PRO B 195 -11.23 4.11 26.30
CA PRO B 195 -12.19 5.18 25.98
C PRO B 195 -12.44 5.40 24.49
N VAL B 196 -11.54 4.97 23.60
CA VAL B 196 -11.77 5.19 22.17
C VAL B 196 -13.03 4.46 21.72
N ASP B 197 -13.27 3.27 22.27
CA ASP B 197 -14.48 2.52 21.93
C ASP B 197 -15.74 3.25 22.39
N MET B 198 -15.65 3.97 23.52
CA MET B 198 -16.83 4.67 24.04
C MET B 198 -17.15 5.92 23.25
N TRP B 199 -16.14 6.62 22.72
CA TRP B 199 -16.43 7.69 21.77
C TRP B 199 -17.18 7.15 20.56
N ALA B 200 -16.68 6.05 19.98
CA ALA B 200 -17.36 5.43 18.85
C ALA B 200 -18.80 5.06 19.21
N CYS B 201 -19.01 4.53 20.41
CA CYS B 201 -20.38 4.22 20.84
C CYS B 201 -21.25 5.46 20.86
N GLY B 202 -20.68 6.60 21.25
CA GLY B 202 -21.44 7.85 21.21
C GLY B 202 -21.84 8.21 19.79
N VAL B 203 -20.93 8.05 18.83
CA VAL B 203 -21.25 8.30 17.44
C VAL B 203 -22.36 7.37 16.98
N ILE B 204 -22.27 6.09 17.35
CA ILE B 204 -23.28 5.12 16.94
C ILE B 204 -24.63 5.44 17.56
N LEU B 205 -24.64 5.84 18.85
CA LEU B 205 -25.90 6.17 19.49
C LEU B 205 -26.55 7.39 18.84
N TYR B 206 -25.77 8.43 18.57
CA TYR B 206 -26.29 9.59 17.87
C TYR B 206 -26.99 9.19 16.58
N ILE B 207 -26.35 8.29 15.80
CA ILE B 207 -26.95 7.85 14.55
C ILE B 207 -28.22 7.06 14.81
N LEU B 208 -28.22 6.21 15.84
CA LEU B 208 -29.39 5.39 16.13
C LEU B 208 -30.62 6.23 16.48
N LEU B 209 -30.43 7.48 16.89
CA LEU B 209 -31.56 8.31 17.29
C LEU B 209 -32.12 9.13 16.13
N VAL B 210 -31.26 9.70 15.29
CA VAL B 210 -31.72 10.60 14.23
C VAL B 210 -31.34 10.10 12.84
N GLY B 211 -30.43 9.16 12.69
CA GLY B 211 -30.14 8.57 11.40
C GLY B 211 -29.04 9.21 10.60
N TYR B 212 -28.32 10.17 11.17
CA TYR B 212 -27.17 10.79 10.51
C TYR B 212 -26.08 11.01 11.55
N PRO B 213 -24.83 11.10 11.11
CA PRO B 213 -23.72 11.17 12.07
C PRO B 213 -23.58 12.54 12.69
N PRO B 214 -22.97 12.63 13.88
CA PRO B 214 -22.72 13.94 14.47
C PRO B 214 -21.59 14.69 13.80
N PHE B 215 -20.63 13.99 13.18
CA PHE B 215 -19.49 14.61 12.53
C PHE B 215 -19.44 14.15 11.08
N TRP B 216 -19.52 15.09 10.16
CA TRP B 216 -19.47 14.78 8.73
C TRP B 216 -18.88 15.95 7.97
N ASP B 217 -18.00 15.64 7.02
CA ASP B 217 -17.41 16.65 6.15
C ASP B 217 -16.69 15.95 5.02
N GLU B 218 -16.87 16.47 3.80
CA GLU B 218 -16.16 15.90 2.66
C GLU B 218 -14.66 16.06 2.78
N ASP B 219 -14.21 17.10 3.47
CA ASP B 219 -12.80 17.35 3.72
C ASP B 219 -12.41 16.62 5.01
N GLN B 220 -11.62 15.55 4.88
CA GLN B 220 -11.29 14.73 6.04
C GLN B 220 -10.57 15.54 7.12
N HIS B 221 -9.75 16.51 6.71
CA HIS B 221 -9.05 17.34 7.70
C HIS B 221 -10.05 18.15 8.52
N ARG B 222 -11.07 18.72 7.88
CA ARG B 222 -12.10 19.45 8.61
C ARG B 222 -12.89 18.51 9.52
N LEU B 223 -13.23 17.32 9.03
CA LEU B 223 -13.90 16.32 9.86
C LEU B 223 -13.12 16.09 11.15
N TYR B 224 -11.83 15.83 11.03
CA TYR B 224 -11.02 15.53 12.22
C TYR B 224 -10.97 16.72 13.16
N GLN B 225 -10.97 17.94 12.64
CA GLN B 225 -10.99 19.11 13.52
C GLN B 225 -12.35 19.29 14.18
N GLN B 226 -13.43 18.89 13.50
CA GLN B 226 -14.73 18.86 14.15
C GLN B 226 -14.72 17.86 15.31
N ILE B 227 -14.17 16.66 15.07
CA ILE B 227 -14.15 15.64 16.10
C ILE B 227 -13.30 16.08 17.29
N LYS B 228 -12.12 16.63 17.02
CA LYS B 228 -11.24 17.05 18.11
C LYS B 228 -11.83 18.20 18.90
N ALA B 229 -12.66 19.03 18.27
CA ALA B 229 -13.34 20.09 18.97
C ALA B 229 -14.65 19.65 19.62
N GLY B 230 -15.08 18.42 19.38
CA GLY B 230 -16.39 17.99 19.87
C GLY B 230 -17.51 18.81 19.29
N ALA B 231 -17.39 19.22 18.03
CA ALA B 231 -18.31 20.17 17.42
C ALA B 231 -19.49 19.40 16.80
N TYR B 232 -20.44 19.07 17.66
CA TYR B 232 -21.73 18.51 17.25
C TYR B 232 -22.83 19.26 17.98
N ASP B 233 -24.07 19.08 17.54
CA ASP B 233 -25.21 19.65 18.22
C ASP B 233 -26.45 18.82 17.93
N PHE B 234 -27.58 19.27 18.45
CA PHE B 234 -28.86 18.56 18.37
C PHE B 234 -29.87 19.44 17.65
N PRO B 235 -29.75 19.57 16.33
CA PRO B 235 -30.62 20.51 15.60
C PRO B 235 -32.09 20.16 15.71
N SER B 236 -32.92 21.20 15.71
CA SER B 236 -34.36 21.03 15.61
C SER B 236 -34.74 20.76 14.15
N PRO B 237 -35.90 20.14 13.90
CA PRO B 237 -36.90 19.65 14.86
C PRO B 237 -36.67 18.23 15.35
N GLU B 238 -35.85 17.44 14.64
CA GLU B 238 -35.74 16.02 14.94
C GLU B 238 -35.35 15.77 16.38
N TRP B 239 -34.51 16.63 16.96
CA TRP B 239 -34.03 16.43 18.31
C TRP B 239 -34.95 17.02 19.38
N ASP B 240 -35.92 17.85 18.99
CA ASP B 240 -36.83 18.42 19.98
C ASP B 240 -37.66 17.35 20.66
N THR B 241 -37.89 16.21 19.99
CA THR B 241 -38.71 15.14 20.53
C THR B 241 -37.88 14.07 21.24
N VAL B 242 -36.57 14.28 21.38
CA VAL B 242 -35.69 13.31 22.02
C VAL B 242 -35.60 13.61 23.50
N THR B 243 -35.66 12.56 24.32
CA THR B 243 -35.66 12.74 25.77
C THR B 243 -34.35 13.39 26.21
N PRO B 244 -34.39 14.23 27.24
CA PRO B 244 -33.13 14.81 27.75
C PRO B 244 -32.14 13.76 28.20
N GLU B 245 -32.61 12.62 28.70
CA GLU B 245 -31.69 11.59 29.16
C GLU B 245 -30.91 10.97 28.01
N ALA B 246 -31.53 10.86 26.84
CA ALA B 246 -30.80 10.36 25.67
C ALA B 246 -29.69 11.32 25.27
N LYS B 247 -30.03 12.60 25.12
CA LYS B 247 -29.00 13.60 24.84
C LYS B 247 -27.91 13.56 25.89
N ASP B 248 -28.28 13.39 27.15
CA ASP B 248 -27.30 13.40 28.24
C ASP B 248 -26.28 12.27 28.08
N LEU B 249 -26.77 11.06 27.80
CA LEU B 249 -25.86 9.94 27.61
C LEU B 249 -24.91 10.17 26.44
N ILE B 250 -25.42 10.73 25.34
CA ILE B 250 -24.58 11.04 24.19
C ILE B 250 -23.47 12.00 24.60
N ASN B 251 -23.83 13.07 25.33
CA ASN B 251 -22.83 14.05 25.74
C ASN B 251 -21.73 13.40 26.57
N LYS B 252 -22.10 12.47 27.46
CA LYS B 252 -21.11 11.81 28.29
C LYS B 252 -20.22 10.86 27.50
N MET B 253 -20.70 10.38 26.34
CA MET B 253 -19.86 9.57 25.48
C MET B 253 -18.99 10.43 24.57
N LEU B 254 -19.59 11.46 23.96
CA LEU B 254 -18.84 12.36 23.11
C LEU B 254 -18.15 13.43 23.96
N THR B 255 -17.36 12.99 24.95
CA THR B 255 -16.59 13.89 25.81
C THR B 255 -15.16 13.93 25.27
N ILE B 256 -14.68 15.14 24.97
CA ILE B 256 -13.37 15.30 24.33
C ILE B 256 -12.28 14.66 25.18
N ASN B 257 -12.28 14.93 26.48
CA ASN B 257 -11.24 14.43 27.37
C ASN B 257 -11.54 12.97 27.71
N PRO B 258 -10.74 12.02 27.22
CA PRO B 258 -11.04 10.60 27.52
C PRO B 258 -11.05 10.28 29.01
N ALA B 259 -10.34 11.06 29.82
CA ALA B 259 -10.32 10.81 31.25
C ALA B 259 -11.64 11.16 31.93
N LYS B 260 -12.46 12.00 31.29
CA LYS B 260 -13.77 12.36 31.80
C LYS B 260 -14.90 11.66 31.04
N ARG B 261 -14.56 10.85 30.04
CA ARG B 261 -15.58 10.17 29.26
C ARG B 261 -16.20 9.03 30.06
N ILE B 262 -17.50 8.83 29.86
CA ILE B 262 -18.20 7.74 30.53
C ILE B 262 -17.64 6.42 30.04
N THR B 263 -17.55 5.45 30.95
CA THR B 263 -17.08 4.11 30.60
C THR B 263 -18.25 3.22 30.21
N ALA B 264 -17.92 2.05 29.67
CA ALA B 264 -18.96 1.10 29.29
C ALA B 264 -19.79 0.69 30.50
N SER B 265 -19.15 0.41 31.63
CA SER B 265 -19.89 0.04 32.84
C SER B 265 -20.80 1.17 33.29
N GLU B 266 -20.28 2.40 33.33
CA GLU B 266 -21.08 3.54 33.77
C GLU B 266 -22.26 3.77 32.83
N ALA B 267 -22.03 3.63 31.52
CA ALA B 267 -23.10 3.84 30.56
C ALA B 267 -24.22 2.83 30.75
N LEU B 268 -23.88 1.58 31.07
CA LEU B 268 -24.91 0.57 31.31
C LEU B 268 -25.78 0.91 32.51
N LYS B 269 -25.29 1.74 33.43
CA LYS B 269 -26.09 2.19 34.57
C LYS B 269 -26.89 3.46 34.27
N HIS B 270 -26.71 4.06 33.11
CA HIS B 270 -27.38 5.32 32.83
C HIS B 270 -28.90 5.09 32.81
N PRO B 271 -29.69 6.03 33.36
CA PRO B 271 -31.14 5.82 33.38
C PRO B 271 -31.74 5.44 32.04
N TRP B 272 -31.29 6.07 30.96
CA TRP B 272 -31.83 5.78 29.64
C TRP B 272 -31.56 4.35 29.21
N ILE B 273 -30.61 3.67 29.85
CA ILE B 273 -30.27 2.29 29.50
C ILE B 273 -30.94 1.32 30.48
N CYS B 274 -30.55 1.41 31.76
CA CYS B 274 -30.99 0.41 32.74
C CYS B 274 -32.40 0.65 33.24
N GLN B 275 -32.95 1.85 33.03
CA GLN B 275 -34.35 2.14 33.33
C GLN B 275 -35.08 2.51 32.04
N ARG B 276 -34.76 1.80 30.96
CA ARG B 276 -35.30 2.11 29.64
C ARG B 276 -36.82 2.17 29.65
N SER B 277 -37.47 1.23 30.33
CA SER B 277 -38.93 1.19 30.37
C SER B 277 -39.52 2.48 30.93
N THR B 278 -38.76 3.22 31.72
CA THR B 278 -39.25 4.44 32.36
C THR B 278 -38.74 5.72 31.71
N VAL B 279 -37.56 5.68 31.11
CA VAL B 279 -36.88 6.87 30.64
C VAL B 279 -36.97 7.03 29.12
N ALA B 280 -36.83 5.94 28.38
CA ALA B 280 -36.76 6.02 26.92
C ALA B 280 -38.16 6.19 26.34
N SER B 281 -38.28 7.13 25.39
CA SER B 281 -39.54 7.32 24.70
C SER B 281 -39.83 6.15 23.78
N MET B 282 -41.12 5.79 23.68
CA MET B 282 -41.56 4.74 22.77
C MET B 282 -42.22 5.31 21.52
N MET B 283 -42.13 6.62 21.30
CA MET B 283 -42.66 7.22 20.08
C MET B 283 -41.90 6.70 18.87
N HIS B 284 -42.65 6.28 17.85
CA HIS B 284 -42.02 5.92 16.59
C HIS B 284 -41.32 7.13 16.00
N ARG B 285 -40.17 6.89 15.37
CA ARG B 285 -39.33 7.94 14.80
C ARG B 285 -39.14 7.63 13.31
N GLN B 286 -40.17 7.91 12.52
CA GLN B 286 -40.11 7.63 11.09
C GLN B 286 -39.01 8.44 10.41
N GLU B 287 -38.82 9.70 10.85
CA GLU B 287 -37.76 10.51 10.27
C GLU B 287 -36.38 9.89 10.49
N THR B 288 -36.21 9.16 11.61
CA THR B 288 -34.95 8.49 11.84
C THR B 288 -34.79 7.29 10.93
N VAL B 289 -35.88 6.53 10.71
CA VAL B 289 -35.83 5.41 9.79
C VAL B 289 -35.52 5.90 8.38
N ASP B 290 -36.21 6.95 7.94
CA ASP B 290 -35.97 7.52 6.62
C ASP B 290 -34.52 7.93 6.46
N CYS B 291 -34.01 8.73 7.40
CA CYS B 291 -32.63 9.20 7.30
C CYS B 291 -31.65 8.03 7.33
N LEU B 292 -31.90 7.03 8.17
CA LEU B 292 -31.00 5.89 8.25
C LEU B 292 -30.90 5.18 6.92
N LYS B 293 -32.01 5.05 6.19
CA LYS B 293 -31.97 4.44 4.88
C LYS B 293 -31.02 5.19 3.96
N LYS B 294 -31.01 6.52 4.02
CA LYS B 294 -30.04 7.30 3.27
C LYS B 294 -28.63 7.02 3.77
N PHE B 295 -28.46 7.05 5.10
CA PHE B 295 -27.14 6.79 5.69
C PHE B 295 -26.59 5.46 5.23
N ASN B 296 -27.40 4.40 5.27
CA ASN B 296 -26.93 3.08 4.84
C ASN B 296 -26.59 3.07 3.36
N ALA B 297 -27.42 3.72 2.53
CA ALA B 297 -27.14 3.77 1.11
C ALA B 297 -25.82 4.48 0.83
N ARG B 298 -25.59 5.60 1.49
CA ARG B 298 -24.33 6.33 1.33
C ARG B 298 -23.15 5.48 1.77
N ARG B 299 -23.25 4.88 2.96
CA ARG B 299 -22.16 4.05 3.46
C ARG B 299 -21.86 2.90 2.51
N LYS B 300 -22.89 2.30 1.92
CA LYS B 300 -22.69 1.18 1.01
C LYS B 300 -21.97 1.60 -0.26
N LEU B 301 -22.24 2.82 -0.75
CA LEU B 301 -21.54 3.31 -1.93
C LEU B 301 -20.08 3.58 -1.65
N LYS B 302 -19.76 4.17 -0.50
CA LYS B 302 -18.39 4.54 -0.15
C LYS B 302 -17.63 3.41 0.54
N GLY B 303 -18.26 2.25 0.75
CA GLY B 303 -17.60 1.14 1.39
C GLY B 303 -16.20 0.89 0.87
N ALA B 304 -15.26 0.64 1.77
CA ALA B 304 -13.87 0.44 1.39
C ALA B 304 -13.70 -0.80 0.51
N ILE B 305 -13.45 -0.60 -0.78
CA ILE B 305 -13.17 -1.70 -1.69
C ILE B 305 -11.67 -1.66 -2.03
N LEU B 306 -11.28 -0.77 -2.93
CA LEU B 306 -9.88 -0.50 -3.22
C LEU B 306 -9.52 0.90 -2.73
N THR B 307 -8.22 1.14 -2.59
CA THR B 307 -7.76 2.45 -2.14
C THR B 307 -8.01 3.49 -3.23
N THR B 308 -8.71 4.56 -2.87
CA THR B 308 -9.07 5.63 -3.79
C THR B 308 -8.57 6.95 -3.23
N MET B 309 -7.93 7.75 -4.08
CA MET B 309 -7.40 9.05 -3.69
C MET B 309 -8.01 10.12 -4.59
N LEU B 310 -8.59 11.15 -3.95
CA LEU B 310 -9.20 12.25 -4.68
C LEU B 310 -9.27 13.42 -3.71
N ALA B 311 -8.52 14.50 -3.99
CA ALA B 311 -8.39 15.59 -3.03
C ALA B 311 -8.10 16.88 -3.78
N THR B 312 -9.18 17.58 -4.15
CA THR B 312 -9.11 18.93 -4.68
C THR B 312 -10.43 19.63 -4.31
N ARG B 313 -10.71 19.67 -3.01
CA ARG B 313 -12.00 20.13 -2.51
C ARG B 313 -12.27 21.60 -2.85
N ASN B 314 -13.41 22.11 -2.39
CA ASN B 314 -13.69 23.53 -2.55
C ASN B 314 -12.66 24.35 -1.76
N PHE B 315 -11.51 24.61 -2.38
CA PHE B 315 -10.40 25.26 -1.69
C PHE B 315 -10.88 26.48 -0.92
N SER B 316 -10.30 26.65 0.27
CA SER B 316 -10.57 27.83 1.08
C SER B 316 -9.85 29.04 0.49
N ALA B 317 -10.27 30.22 0.95
CA ALA B 317 -9.61 31.45 0.52
C ALA B 317 -8.13 31.43 0.89
N ARG B 318 -7.81 30.93 2.09
CA ARG B 318 -6.42 30.85 2.52
C ARG B 318 -5.61 29.95 1.59
N LYS B 319 -6.20 28.83 1.16
CA LYS B 319 -5.49 27.93 0.26
C LYS B 319 -5.42 28.52 -1.16
N GLN B 320 -6.47 29.20 -1.59
CA GLN B 320 -6.44 29.85 -2.89
C GLN B 320 -5.36 30.92 -2.95
N GLU B 321 -5.09 31.59 -1.82
CA GLU B 321 -4.02 32.58 -1.81
C GLU B 321 -2.69 31.95 -2.13
N ILE B 322 -2.43 30.75 -1.60
CA ILE B 322 -1.17 30.07 -1.89
C ILE B 322 -1.11 29.66 -3.35
N ILE B 323 -2.23 29.20 -3.91
CA ILE B 323 -2.26 28.86 -5.32
C ILE B 323 -1.95 30.09 -6.17
N LYS B 324 -2.55 31.24 -5.81
CA LYS B 324 -2.36 32.44 -6.61
C LYS B 324 -0.91 32.88 -6.61
N VAL B 325 -0.30 32.98 -5.43
CA VAL B 325 1.09 33.44 -5.38
C VAL B 325 2.01 32.44 -6.09
N THR B 326 1.69 31.15 -6.02
CA THR B 326 2.46 30.16 -6.78
C THR B 326 2.30 30.39 -8.28
N GLU B 327 1.08 30.65 -8.74
CA GLU B 327 0.87 30.96 -10.14
C GLU B 327 1.62 32.22 -10.55
N GLN B 328 1.60 33.24 -9.71
CA GLN B 328 2.34 34.47 -10.01
C GLN B 328 3.82 34.20 -10.14
N LEU B 329 4.36 33.32 -9.28
CA LEU B 329 5.78 33.00 -9.34
C LEU B 329 6.13 32.32 -10.66
N ILE B 330 5.35 31.30 -11.05
CA ILE B 330 5.64 30.58 -12.29
C ILE B 330 5.49 31.51 -13.48
N GLU B 331 4.54 32.42 -13.42
CA GLU B 331 4.39 33.41 -14.49
C GLU B 331 5.66 34.24 -14.65
N ALA B 332 6.21 34.72 -13.53
CA ALA B 332 7.45 35.49 -13.60
C ALA B 332 8.57 34.67 -14.22
N ILE B 333 8.67 33.40 -13.86
CA ILE B 333 9.67 32.52 -14.47
C ILE B 333 9.45 32.43 -15.98
N ASN B 334 8.22 32.12 -16.39
CA ASN B 334 7.96 31.96 -17.83
C ASN B 334 8.19 33.25 -18.59
N ASN B 335 7.95 34.40 -17.96
CA ASN B 335 8.21 35.69 -18.58
C ASN B 335 9.65 36.16 -18.39
N GLY B 336 10.49 35.37 -17.72
CA GLY B 336 11.86 35.77 -17.50
C GLY B 336 12.01 37.05 -16.71
N CYS B 337 11.06 37.35 -15.82
CA CYS B 337 11.10 38.59 -15.03
C CYS B 337 11.81 38.29 -13.72
N PHE B 338 13.11 38.60 -13.67
CA PHE B 338 13.90 38.29 -12.48
C PHE B 338 13.56 39.22 -11.33
N GLU B 339 13.18 40.46 -11.62
CA GLU B 339 12.75 41.37 -10.55
C GLU B 339 11.60 40.77 -9.77
N ALA B 340 10.53 40.36 -10.47
CA ALA B 340 9.40 39.74 -9.80
C ALA B 340 9.81 38.46 -9.08
N TYR B 341 10.77 37.73 -9.64
CA TYR B 341 11.21 36.49 -9.01
C TYR B 341 11.88 36.77 -7.68
N THR B 342 12.79 37.75 -7.62
CA THR B 342 13.45 38.09 -6.37
C THR B 342 12.53 38.83 -5.41
N LYS B 343 11.39 39.34 -5.89
CA LYS B 343 10.40 39.91 -4.99
C LYS B 343 9.65 38.80 -4.25
N ILE B 344 9.36 37.71 -4.94
CA ILE B 344 8.52 36.65 -4.39
C ILE B 344 9.35 35.63 -3.62
N CYS B 345 10.55 35.34 -4.07
CA CYS B 345 11.39 34.34 -3.42
C CYS B 345 12.20 34.97 -2.29
N ASP B 346 12.26 34.26 -1.17
CA ASP B 346 13.07 34.71 -0.05
C ASP B 346 14.54 34.75 -0.47
N PRO B 347 15.33 35.71 0.03
CA PRO B 347 16.76 35.73 -0.33
C PRO B 347 17.51 34.49 0.10
N GLY B 348 17.03 33.78 1.13
CA GLY B 348 17.68 32.58 1.60
C GLY B 348 17.04 31.32 1.04
N LEU B 349 16.37 31.47 -0.10
CA LEU B 349 15.74 30.34 -0.77
C LEU B 349 16.70 29.18 -0.93
N THR B 350 16.22 27.98 -0.63
CA THR B 350 16.93 26.75 -0.96
C THR B 350 16.11 25.96 -1.97
N ALA B 351 16.76 25.04 -2.67
CA ALA B 351 16.06 24.30 -3.70
C ALA B 351 16.78 23.01 -4.05
N PHE B 352 16.01 21.93 -4.16
CA PHE B 352 16.38 20.74 -4.91
C PHE B 352 15.74 20.83 -6.28
N GLU B 353 16.50 20.52 -7.33
CA GLU B 353 15.93 20.54 -8.67
C GLU B 353 16.85 19.76 -9.60
N PRO B 354 16.32 19.21 -10.70
CA PRO B 354 17.18 18.44 -11.61
C PRO B 354 18.37 19.22 -12.11
N GLU B 355 18.20 20.52 -12.34
CA GLU B 355 19.30 21.35 -12.83
C GLU B 355 20.47 21.39 -11.86
N ALA B 356 20.24 21.14 -10.57
CA ALA B 356 21.28 21.18 -9.56
C ALA B 356 21.93 19.83 -9.30
N LEU B 357 21.52 18.78 -10.01
CA LEU B 357 22.24 17.50 -10.02
C LEU B 357 22.34 16.89 -8.62
N GLY B 358 21.25 16.94 -7.87
CA GLY B 358 21.20 16.32 -6.57
C GLY B 358 21.67 17.18 -5.42
N ASN B 359 22.22 18.36 -5.68
CA ASN B 359 22.68 19.24 -4.62
C ASN B 359 21.56 20.15 -4.15
N LEU B 360 21.66 20.58 -2.89
CA LEU B 360 20.80 21.64 -2.36
C LEU B 360 21.48 22.98 -2.62
N VAL B 361 20.87 23.80 -3.44
CA VAL B 361 21.42 25.13 -3.74
C VAL B 361 20.71 26.16 -2.88
N GLU B 362 21.41 27.24 -2.60
CA GLU B 362 20.95 28.28 -1.69
C GLU B 362 21.13 29.64 -2.33
N GLY B 363 20.14 30.50 -2.17
CA GLY B 363 20.23 31.84 -2.70
C GLY B 363 19.67 31.98 -4.11
N MET B 364 19.92 33.15 -4.68
CA MET B 364 19.40 33.52 -5.98
C MET B 364 20.38 33.25 -7.12
N ASP B 365 21.66 33.11 -6.83
CA ASP B 365 22.67 33.00 -7.88
C ASP B 365 22.35 31.88 -8.86
N PHE B 366 22.11 30.67 -8.33
CA PHE B 366 21.91 29.53 -9.21
C PHE B 366 20.78 29.76 -10.21
N HIS B 367 19.73 30.46 -9.77
CA HIS B 367 18.57 30.68 -10.64
C HIS B 367 18.75 31.86 -11.56
N ARG B 368 19.61 32.83 -11.20
CA ARG B 368 19.83 33.98 -12.07
C ARG B 368 20.35 33.55 -13.44
N PHE B 369 21.16 32.49 -13.48
CA PHE B 369 21.75 32.07 -14.74
C PHE B 369 20.70 31.83 -15.81
N TYR B 370 19.57 31.22 -15.42
CA TYR B 370 18.54 30.90 -16.39
C TYR B 370 17.73 32.12 -16.81
N PHE B 371 17.59 33.10 -15.92
CA PHE B 371 16.94 34.35 -16.32
C PHE B 371 17.85 35.17 -17.22
N GLU B 372 19.16 35.18 -16.93
CA GLU B 372 20.08 36.03 -17.68
C GLU B 372 20.35 35.52 -19.08
N ASN B 373 20.31 34.20 -19.28
CA ASN B 373 20.68 33.59 -20.55
C ASN B 373 19.49 32.97 -21.27
N ALA B 374 18.87 31.96 -20.68
CA ALA B 374 17.72 31.31 -21.29
C ALA B 374 16.47 32.17 -21.13
N PRO B 381 6.57 30.60 -27.22
CA PRO B 381 5.23 30.06 -26.99
C PRO B 381 5.21 28.98 -25.90
N ILE B 382 4.77 29.35 -24.71
CA ILE B 382 4.77 28.48 -23.54
C ILE B 382 3.37 28.46 -22.94
N HIS B 383 2.91 27.27 -22.57
CA HIS B 383 1.66 27.11 -21.81
C HIS B 383 1.95 26.20 -20.62
N THR B 384 1.85 26.76 -19.42
CA THR B 384 2.06 26.01 -18.18
C THR B 384 0.72 25.64 -17.57
N ILE B 385 0.58 24.38 -17.17
CA ILE B 385 -0.62 23.89 -16.51
C ILE B 385 -0.23 23.37 -15.13
N ILE B 386 -0.98 23.78 -14.12
CA ILE B 386 -0.78 23.33 -12.74
C ILE B 386 -1.90 22.35 -12.44
N LEU B 387 -1.54 21.08 -12.25
CA LEU B 387 -2.49 19.99 -12.12
C LEU B 387 -2.57 19.53 -10.66
N ASN B 388 -3.79 19.38 -10.17
CA ASN B 388 -4.06 18.80 -8.85
C ASN B 388 -3.20 19.42 -7.75
N PRO B 389 -3.23 20.75 -7.60
CA PRO B 389 -2.50 21.37 -6.49
C PRO B 389 -3.10 20.96 -5.16
N HIS B 390 -2.23 20.69 -4.20
CA HIS B 390 -2.62 20.36 -2.83
C HIS B 390 -1.91 21.34 -1.90
N VAL B 391 -2.67 21.94 -0.99
CA VAL B 391 -2.15 22.97 -0.09
C VAL B 391 -2.33 22.50 1.34
N HIS B 392 -1.25 22.56 2.12
CA HIS B 392 -1.28 22.37 3.55
C HIS B 392 -1.12 23.72 4.23
N LEU B 393 -2.07 24.10 5.08
CA LEU B 393 -1.95 25.29 5.90
C LEU B 393 -1.27 24.92 7.20
N VAL B 394 -0.15 25.57 7.49
CA VAL B 394 0.77 25.14 8.54
C VAL B 394 1.00 26.36 9.44
N GLY B 395 -0.10 26.99 9.84
CA GLY B 395 -0.06 28.25 10.54
C GLY B 395 -0.66 29.37 9.71
N ASP B 396 -0.99 30.47 10.39
CA ASP B 396 -1.57 31.62 9.71
C ASP B 396 -0.61 32.26 8.71
N ASP B 397 0.70 32.05 8.87
CA ASP B 397 1.69 32.67 8.01
C ASP B 397 2.60 31.65 7.32
N ALA B 398 2.16 30.41 7.18
CA ALA B 398 2.98 29.39 6.53
C ALA B 398 2.10 28.39 5.81
N ALA B 399 2.62 27.88 4.70
CA ALA B 399 1.92 26.88 3.91
C ALA B 399 2.92 26.21 2.98
N CYS B 400 2.54 25.04 2.50
CA CYS B 400 3.26 24.40 1.41
C CYS B 400 2.24 23.93 0.40
N ILE B 401 2.65 23.92 -0.87
CA ILE B 401 1.81 23.52 -1.97
C ILE B 401 2.56 22.48 -2.77
N ALA B 402 1.84 21.51 -3.31
CA ALA B 402 2.41 20.43 -4.11
C ALA B 402 1.53 20.22 -5.32
N TYR B 403 2.13 20.21 -6.50
CA TYR B 403 1.39 20.20 -7.75
C TYR B 403 2.24 19.59 -8.85
N ILE B 404 1.57 19.14 -9.90
CA ILE B 404 2.24 18.72 -11.12
C ILE B 404 2.32 19.93 -12.04
N ARG B 405 3.51 20.19 -12.57
CA ARG B 405 3.75 21.30 -13.48
C ARG B 405 3.90 20.71 -14.88
N LEU B 406 2.87 20.86 -15.70
CA LEU B 406 2.82 20.30 -17.05
C LEU B 406 2.96 21.44 -18.04
N THR B 407 4.06 21.42 -18.81
CA THR B 407 4.43 22.54 -19.67
C THR B 407 4.36 22.10 -21.13
N GLN B 408 3.57 22.81 -21.92
CA GLN B 408 3.55 22.66 -23.37
C GLN B 408 4.43 23.75 -23.98
N TYR B 409 5.23 23.37 -24.97
CA TYR B 409 6.14 24.31 -25.61
C TYR B 409 6.46 23.83 -27.01
N MET B 410 7.06 24.72 -27.79
CA MET B 410 7.56 24.40 -29.12
C MET B 410 9.07 24.17 -29.04
N ASP B 411 9.54 23.13 -29.72
CA ASP B 411 10.94 22.74 -29.64
C ASP B 411 11.75 23.43 -30.74
N GLY B 412 13.02 23.06 -30.87
CA GLY B 412 13.85 23.66 -31.90
C GLY B 412 13.32 23.41 -33.30
N SER B 413 12.75 22.23 -33.52
CA SER B 413 12.20 21.88 -34.83
C SER B 413 10.86 22.54 -35.13
N GLY B 414 10.38 23.43 -34.25
CA GLY B 414 9.06 23.97 -34.43
C GLY B 414 7.95 22.99 -34.16
N MET B 415 8.22 21.94 -33.40
CA MET B 415 7.23 20.91 -33.09
C MET B 415 6.72 21.08 -31.67
N PRO B 416 5.44 20.81 -31.40
CA PRO B 416 4.94 20.91 -30.03
C PRO B 416 5.44 19.76 -29.17
N LYS B 417 5.69 20.06 -27.90
CA LYS B 417 6.13 19.05 -26.95
C LYS B 417 5.60 19.38 -25.56
N THR B 418 5.60 18.37 -24.71
CA THR B 418 5.13 18.49 -23.34
C THR B 418 6.15 17.89 -22.40
N MET B 419 6.41 18.57 -21.28
CA MET B 419 7.26 18.05 -20.23
C MET B 419 6.51 18.13 -18.91
N GLN B 420 6.89 17.25 -17.98
CA GLN B 420 6.27 17.19 -16.68
C GLN B 420 7.34 17.26 -15.60
N SER B 421 7.06 18.05 -14.56
CA SER B 421 7.81 18.02 -13.32
C SER B 421 6.83 18.07 -12.17
N GLU B 422 7.27 17.57 -11.02
CA GLU B 422 6.51 17.65 -9.77
C GLU B 422 7.21 18.62 -8.85
N GLU B 423 6.45 19.55 -8.27
CA GLU B 423 7.02 20.66 -7.53
C GLU B 423 6.38 20.79 -6.16
N THR B 424 7.24 21.00 -5.16
CA THR B 424 6.82 21.40 -3.82
C THR B 424 7.37 22.80 -3.57
N ARG B 425 6.53 23.67 -3.01
CA ARG B 425 6.94 25.03 -2.68
C ARG B 425 6.46 25.36 -1.27
N VAL B 426 7.38 25.82 -0.42
CA VAL B 426 7.09 26.17 0.96
C VAL B 426 6.99 27.68 1.06
N TRP B 427 5.92 28.18 1.67
CA TRP B 427 5.62 29.60 1.71
C TRP B 427 5.57 30.10 3.14
N HIS B 428 6.13 31.29 3.35
CA HIS B 428 6.13 31.94 4.66
C HIS B 428 5.78 33.40 4.44
N ARG B 429 4.74 33.88 5.12
CA ARG B 429 4.35 35.28 5.02
C ARG B 429 5.31 36.11 5.87
N ARG B 430 6.18 36.85 5.22
CA ARG B 430 7.18 37.68 5.89
C ARG B 430 6.97 39.13 5.49
N ASP B 431 6.82 40.00 6.50
CA ASP B 431 6.57 41.42 6.27
C ASP B 431 5.30 41.61 5.44
N GLY B 432 4.30 40.76 5.69
CA GLY B 432 3.01 40.87 5.04
C GLY B 432 2.94 40.35 3.63
N LYS B 433 3.95 39.61 3.17
CA LYS B 433 3.99 39.13 1.80
C LYS B 433 4.36 37.65 1.77
N TRP B 434 3.56 36.85 1.07
CA TRP B 434 3.89 35.45 0.89
C TRP B 434 5.18 35.32 0.10
N GLN B 435 6.16 34.62 0.66
CA GLN B 435 7.47 34.47 0.04
C GLN B 435 7.87 33.00 0.05
N ASN B 436 8.54 32.59 -1.03
CA ASN B 436 8.92 31.19 -1.24
C ASN B 436 10.29 30.98 -0.63
N VAL B 437 10.36 30.15 0.41
CA VAL B 437 11.61 29.92 1.13
C VAL B 437 12.31 28.63 0.70
N HIS B 438 11.60 27.71 0.04
CA HIS B 438 12.19 26.45 -0.38
C HIS B 438 11.31 25.86 -1.47
N PHE B 439 11.93 25.20 -2.43
CA PHE B 439 11.16 24.42 -3.38
C PHE B 439 11.95 23.19 -3.79
N HIS B 440 11.23 22.17 -4.23
CA HIS B 440 11.78 20.88 -4.63
C HIS B 440 11.13 20.49 -5.94
N ARG B 441 11.91 20.37 -7.00
CA ARG B 441 11.41 19.90 -8.29
C ARG B 441 11.97 18.52 -8.58
N SER B 442 11.10 17.62 -9.03
CA SER B 442 11.49 16.34 -9.57
C SER B 442 10.95 16.22 -10.99
N GLY B 443 11.54 15.33 -11.76
CA GLY B 443 11.12 15.11 -13.13
C GLY B 443 11.98 15.89 -14.10
N SER B 444 11.33 16.61 -15.01
CA SER B 444 12.04 17.33 -16.05
C SER B 444 12.51 18.69 -15.56
N PRO B 445 13.63 19.19 -16.11
CA PRO B 445 13.96 20.61 -15.91
C PRO B 445 12.88 21.49 -16.50
N THR B 446 12.79 22.72 -15.99
CA THR B 446 11.77 23.64 -16.46
C THR B 446 12.13 24.31 -17.78
N VAL B 447 13.36 24.17 -18.24
CA VAL B 447 13.80 24.74 -19.52
C VAL B 447 13.72 23.65 -20.57
N PRO B 448 13.14 23.92 -21.77
CA PRO B 448 13.03 22.95 -22.86
C PRO B 448 14.21 22.00 -22.98
N GLN C 16 -7.76 -53.03 -25.31
CA GLN C 16 -7.09 -53.45 -26.54
C GLN C 16 -7.35 -52.43 -27.64
N LEU C 17 -6.39 -51.53 -27.83
CA LEU C 17 -6.54 -50.43 -28.77
C LEU C 17 -6.81 -50.96 -30.18
N PHE C 18 -7.26 -50.05 -31.05
CA PHE C 18 -7.59 -50.39 -32.43
C PHE C 18 -7.46 -49.18 -33.35
N GLU C 19 -8.57 -48.52 -33.67
CA GLU C 19 -8.59 -47.42 -34.62
C GLU C 19 -8.69 -46.09 -33.88
N GLU C 20 -8.28 -45.03 -34.57
CA GLU C 20 -8.36 -43.68 -34.02
C GLU C 20 -9.64 -43.01 -34.49
N LEU C 21 -10.29 -42.30 -33.57
CA LEU C 21 -11.58 -41.67 -33.83
C LEU C 21 -11.50 -40.17 -34.03
N GLY C 22 -10.53 -39.50 -33.42
CA GLY C 22 -10.43 -38.06 -33.52
C GLY C 22 -9.44 -37.52 -32.51
N LYS C 23 -9.35 -36.20 -32.49
CA LYS C 23 -8.42 -35.50 -31.63
C LYS C 23 -9.15 -34.50 -30.74
N GLY C 24 -8.76 -34.48 -29.46
CA GLY C 24 -9.09 -33.37 -28.59
C GLY C 24 -7.97 -32.33 -28.60
N ALA C 25 -8.22 -31.22 -27.89
CA ALA C 25 -7.20 -30.18 -27.79
C ALA C 25 -5.90 -30.75 -27.25
N PHE C 26 -5.98 -31.59 -26.23
CA PHE C 26 -4.81 -32.15 -25.55
C PHE C 26 -4.74 -33.67 -25.62
N SER C 27 -5.74 -34.32 -26.22
CA SER C 27 -5.91 -35.76 -26.06
C SER C 27 -6.07 -36.43 -27.42
N VAL C 28 -5.93 -37.76 -27.41
CA VAL C 28 -6.09 -38.59 -28.59
C VAL C 28 -7.18 -39.61 -28.29
N VAL C 29 -8.24 -39.61 -29.10
CA VAL C 29 -9.35 -40.54 -28.93
C VAL C 29 -9.13 -41.72 -29.85
N ARG C 30 -9.28 -42.93 -29.30
CA ARG C 30 -8.96 -44.16 -30.02
C ARG C 30 -9.85 -45.28 -29.49
N ARG C 31 -10.30 -46.15 -30.40
CA ARG C 31 -11.09 -47.30 -29.99
C ARG C 31 -10.21 -48.30 -29.24
N CYS C 32 -10.79 -48.93 -28.22
CA CYS C 32 -10.08 -49.92 -27.43
C CYS C 32 -11.06 -51.02 -27.04
N MET C 33 -10.73 -51.80 -26.02
CA MET C 33 -11.50 -52.97 -25.65
C MET C 33 -11.28 -53.29 -24.18
N LYS C 34 -12.26 -53.97 -23.59
CA LYS C 34 -12.11 -54.64 -22.29
C LYS C 34 -11.91 -56.12 -22.61
N ILE C 35 -10.61 -56.50 -22.69
CA ILE C 35 -10.25 -57.83 -23.22
C ILE C 35 -10.89 -58.95 -22.44
N PRO C 36 -11.01 -58.89 -21.10
CA PRO C 36 -11.60 -60.05 -20.40
C PRO C 36 -13.06 -60.29 -20.75
N THR C 37 -13.77 -59.31 -21.30
CA THR C 37 -15.20 -59.45 -21.56
C THR C 37 -15.57 -59.12 -23.00
N GLY C 38 -14.60 -58.88 -23.88
CA GLY C 38 -14.88 -58.58 -25.27
C GLY C 38 -15.89 -57.47 -25.48
N GLN C 39 -15.93 -56.51 -24.56
CA GLN C 39 -16.76 -55.32 -24.69
C GLN C 39 -15.86 -54.12 -25.01
N GLU C 40 -16.20 -53.39 -26.07
CA GLU C 40 -15.33 -52.34 -26.59
C GLU C 40 -15.64 -51.00 -25.95
N TYR C 41 -14.70 -50.06 -26.09
CA TYR C 41 -14.84 -48.72 -25.53
C TYR C 41 -14.12 -47.71 -26.41
N ALA C 42 -14.21 -46.44 -25.99
CA ALA C 42 -13.45 -45.34 -26.57
C ALA C 42 -12.57 -44.74 -25.48
N ALA C 43 -11.30 -44.50 -25.81
CA ALA C 43 -10.31 -44.05 -24.84
C ALA C 43 -9.83 -42.65 -25.22
N LYS C 44 -10.02 -41.70 -24.30
CA LYS C 44 -9.53 -40.33 -24.45
C LYS C 44 -8.29 -40.20 -23.59
N ILE C 45 -7.12 -40.25 -24.24
CA ILE C 45 -5.85 -40.26 -23.52
C ILE C 45 -5.58 -38.86 -22.96
N ILE C 46 -5.40 -38.78 -21.64
CA ILE C 46 -5.06 -37.51 -21.02
C ILE C 46 -3.65 -37.09 -21.42
N ASN C 47 -2.69 -38.01 -21.35
CA ASN C 47 -1.32 -37.72 -21.71
C ASN C 47 -0.76 -36.62 -20.84
N THR C 48 0.29 -35.94 -21.33
CA THR C 48 0.78 -34.72 -20.69
C THR C 48 1.17 -33.68 -21.74
N LYS C 49 0.53 -33.74 -22.91
CA LYS C 49 0.74 -32.72 -23.94
C LYS C 49 0.77 -31.33 -23.31
N LYS C 50 0.27 -30.61 -22.52
CA LYS C 50 0.00 -29.45 -21.69
C LYS C 50 -0.49 -29.93 -20.34
N LEU C 51 -0.70 -29.36 -19.46
CA LEU C 51 -1.27 -29.55 -18.14
C LEU C 51 -1.68 -28.22 -17.52
N SER C 52 -2.14 -27.28 -18.36
CA SER C 52 -2.42 -25.91 -17.92
C SER C 52 -3.25 -25.85 -16.66
N ALA C 53 -3.24 -24.68 -15.99
CA ALA C 53 -3.87 -24.52 -14.69
C ALA C 53 -5.34 -24.90 -14.73
N ARG C 54 -6.18 -24.04 -15.31
CA ARG C 54 -7.60 -24.36 -15.43
C ARG C 54 -7.87 -25.50 -16.40
N ASP C 55 -6.83 -26.03 -17.05
CA ASP C 55 -6.99 -27.25 -17.85
C ASP C 55 -7.07 -28.49 -16.96
N HIS C 56 -6.24 -28.53 -15.91
CA HIS C 56 -6.28 -29.66 -14.99
C HIS C 56 -7.46 -29.54 -14.02
N GLN C 57 -7.77 -28.31 -13.59
CA GLN C 57 -8.90 -28.10 -12.70
C GLN C 57 -10.20 -28.52 -13.36
N LYS C 58 -10.34 -28.26 -14.67
CA LYS C 58 -11.54 -28.66 -15.38
C LYS C 58 -11.59 -30.16 -15.62
N LEU C 59 -10.46 -30.75 -16.02
CA LEU C 59 -10.42 -32.19 -16.27
C LEU C 59 -10.79 -32.95 -14.99
N GLU C 60 -10.21 -32.56 -13.86
CA GLU C 60 -10.60 -33.15 -12.58
C GLU C 60 -12.11 -33.05 -12.38
N ARG C 61 -12.69 -31.90 -12.69
CA ARG C 61 -14.14 -31.72 -12.53
C ARG C 61 -14.90 -32.63 -13.49
N GLU C 62 -14.52 -32.66 -14.76
CA GLU C 62 -15.25 -33.44 -15.74
C GLU C 62 -15.21 -34.92 -15.40
N ALA C 63 -14.06 -35.43 -14.96
CA ALA C 63 -13.94 -36.83 -14.62
C ALA C 63 -14.83 -37.18 -13.43
N ARG C 64 -14.81 -36.35 -12.39
CA ARG C 64 -15.67 -36.57 -11.23
C ARG C 64 -17.14 -36.60 -11.65
N ILE C 65 -17.57 -35.65 -12.48
CA ILE C 65 -18.96 -35.57 -12.86
C ILE C 65 -19.36 -36.78 -13.71
N CYS C 66 -18.59 -37.08 -14.76
CA CYS C 66 -18.89 -38.24 -15.58
C CYS C 66 -18.89 -39.52 -14.75
N ARG C 67 -18.03 -39.60 -13.73
CA ARG C 67 -18.00 -40.77 -12.87
C ARG C 67 -19.28 -40.89 -12.05
N LEU C 68 -19.91 -39.76 -11.74
CA LEU C 68 -21.10 -39.76 -10.89
C LEU C 68 -22.36 -40.19 -11.62
N LEU C 69 -22.40 -39.98 -12.94
CA LEU C 69 -23.61 -40.18 -13.72
C LEU C 69 -23.58 -41.54 -14.40
N LYS C 70 -24.54 -42.39 -14.05
CA LYS C 70 -24.69 -43.73 -14.64
C LYS C 70 -26.12 -43.83 -15.15
N HIS C 71 -26.30 -43.63 -16.45
CA HIS C 71 -27.64 -43.55 -17.05
C HIS C 71 -27.55 -43.98 -18.50
N PRO C 72 -28.53 -44.74 -19.01
CA PRO C 72 -28.43 -45.22 -20.40
C PRO C 72 -28.32 -44.11 -21.43
N ASN C 73 -28.84 -42.92 -21.14
CA ASN C 73 -28.85 -41.81 -22.10
C ASN C 73 -27.72 -40.81 -21.85
N ILE C 74 -26.69 -41.20 -21.12
CA ILE C 74 -25.53 -40.35 -20.85
C ILE C 74 -24.27 -41.15 -21.14
N VAL C 75 -23.32 -40.54 -21.83
CA VAL C 75 -22.04 -41.20 -22.08
C VAL C 75 -21.40 -41.52 -20.74
N ARG C 76 -21.11 -42.80 -20.51
CA ARG C 76 -20.61 -43.27 -19.23
C ARG C 76 -19.09 -43.34 -19.23
N LEU C 77 -18.49 -42.89 -18.14
CA LEU C 77 -17.06 -43.05 -17.89
C LEU C 77 -16.85 -44.34 -17.10
N HIS C 78 -15.90 -45.16 -17.55
CA HIS C 78 -15.66 -46.46 -16.95
C HIS C 78 -14.33 -46.57 -16.23
N ASP C 79 -13.43 -45.60 -16.37
CA ASP C 79 -12.16 -45.61 -15.66
C ASP C 79 -11.43 -44.31 -15.98
N SER C 80 -10.41 -44.02 -15.17
CA SER C 80 -9.58 -42.83 -15.33
C SER C 80 -8.14 -43.15 -14.97
N ILE C 81 -7.63 -44.24 -15.54
CA ILE C 81 -6.32 -44.78 -15.22
C ILE C 81 -5.25 -43.69 -15.32
N SER C 82 -4.18 -43.83 -14.53
CA SER C 82 -3.03 -42.94 -14.54
C SER C 82 -1.74 -43.74 -14.63
N GLU C 83 -1.64 -44.61 -15.63
CA GLU C 83 -0.46 -45.46 -15.81
C GLU C 83 0.81 -44.61 -15.78
N PHE C 86 0.91 -40.52 -19.17
CA PHE C 86 -0.03 -41.56 -19.56
C PHE C 86 -1.18 -41.65 -18.56
N HIS C 87 -2.29 -41.01 -18.89
CA HIS C 87 -3.49 -41.03 -18.06
C HIS C 87 -4.70 -41.09 -18.99
N TYR C 88 -5.73 -41.82 -18.56
CA TYR C 88 -6.79 -42.25 -19.45
C TYR C 88 -8.15 -41.68 -19.05
N LEU C 89 -9.07 -41.69 -20.02
CA LEU C 89 -10.48 -41.30 -19.82
C LEU C 89 -11.30 -42.23 -20.73
N VAL C 90 -11.57 -43.44 -20.24
CA VAL C 90 -12.20 -44.48 -21.05
C VAL C 90 -13.72 -44.33 -20.94
N PHE C 91 -14.37 -44.09 -22.08
CA PHE C 91 -15.80 -43.83 -22.16
C PHE C 91 -16.51 -44.95 -22.92
N ASP C 92 -17.83 -44.84 -23.00
CA ASP C 92 -18.61 -45.72 -23.85
C ASP C 92 -18.27 -45.48 -25.31
N LEU C 93 -18.17 -46.55 -26.08
CA LEU C 93 -18.03 -46.44 -27.53
C LEU C 93 -19.33 -45.92 -28.12
N VAL C 94 -19.27 -44.72 -28.71
CA VAL C 94 -20.42 -44.12 -29.38
C VAL C 94 -20.05 -43.92 -30.83
N THR C 95 -20.81 -44.54 -31.74
CA THR C 95 -20.49 -44.54 -33.15
C THR C 95 -21.64 -44.08 -34.03
N GLY C 96 -22.72 -43.57 -33.43
CA GLY C 96 -23.87 -43.13 -34.20
C GLY C 96 -23.80 -41.72 -34.73
N GLY C 97 -22.79 -40.95 -34.32
CA GLY C 97 -22.70 -39.58 -34.76
C GLY C 97 -23.77 -38.70 -34.13
N GLU C 98 -23.87 -37.48 -34.66
CA GLU C 98 -24.80 -36.51 -34.13
C GLU C 98 -26.24 -36.89 -34.46
N LEU C 99 -27.13 -36.73 -33.48
CA LEU C 99 -28.54 -36.95 -33.71
C LEU C 99 -29.03 -36.15 -34.92
N PHE C 100 -28.66 -34.87 -34.98
CA PHE C 100 -29.15 -34.02 -36.05
C PHE C 100 -28.70 -34.52 -37.42
N GLU C 101 -27.51 -35.12 -37.51
CA GLU C 101 -27.06 -35.67 -38.79
C GLU C 101 -27.85 -36.92 -39.16
N ASP C 102 -28.17 -37.75 -38.16
CA ASP C 102 -28.93 -38.97 -38.43
C ASP C 102 -30.33 -38.63 -38.94
N ILE C 103 -30.94 -37.57 -38.38
CA ILE C 103 -32.32 -37.25 -38.73
C ILE C 103 -32.44 -36.87 -40.20
N VAL C 104 -31.50 -36.06 -40.71
CA VAL C 104 -31.59 -35.65 -42.10
C VAL C 104 -31.44 -36.83 -43.05
N ALA C 105 -30.87 -37.93 -42.58
CA ALA C 105 -30.67 -39.11 -43.43
C ALA C 105 -31.90 -40.02 -43.48
N ARG C 106 -32.85 -39.85 -42.56
CA ARG C 106 -34.00 -40.73 -42.51
C ARG C 106 -34.99 -40.41 -43.63
N GLU C 107 -35.80 -41.40 -43.99
CA GLU C 107 -36.82 -41.19 -45.01
C GLU C 107 -38.09 -40.57 -44.41
N TYR C 108 -38.43 -40.92 -43.17
CA TYR C 108 -39.61 -40.42 -42.50
C TYR C 108 -39.20 -39.82 -41.17
N TYR C 109 -39.71 -38.62 -40.87
CA TYR C 109 -39.40 -37.92 -39.64
C TYR C 109 -40.60 -37.07 -39.25
N SER C 110 -41.17 -37.33 -38.07
CA SER C 110 -42.40 -36.70 -37.63
C SER C 110 -42.22 -36.15 -36.21
N GLU C 111 -43.27 -35.48 -35.72
CA GLU C 111 -43.28 -35.04 -34.32
C GLU C 111 -43.02 -36.21 -33.38
N ALA C 112 -43.64 -37.36 -33.65
CA ALA C 112 -43.47 -38.51 -32.78
C ALA C 112 -42.01 -38.92 -32.68
N ASP C 113 -41.30 -38.93 -33.82
CA ASP C 113 -39.87 -39.20 -33.78
C ASP C 113 -39.15 -38.17 -32.93
N ALA C 114 -39.47 -36.90 -33.10
CA ALA C 114 -38.82 -35.85 -32.32
C ALA C 114 -39.15 -35.99 -30.84
N SER C 115 -40.39 -36.33 -30.51
CA SER C 115 -40.77 -36.50 -29.11
C SER C 115 -39.98 -37.62 -28.46
N HIS C 116 -39.85 -38.76 -29.15
CA HIS C 116 -39.06 -39.86 -28.62
C HIS C 116 -37.63 -39.41 -28.33
N CYS C 117 -37.07 -38.55 -29.19
CA CYS C 117 -35.73 -38.03 -28.95
C CYS C 117 -35.70 -37.13 -27.72
N ILE C 118 -36.64 -36.19 -27.64
CA ILE C 118 -36.66 -35.24 -26.52
C ILE C 118 -36.91 -35.97 -25.21
N GLN C 119 -37.71 -37.05 -25.24
CA GLN C 119 -37.94 -37.82 -24.02
C GLN C 119 -36.63 -38.38 -23.48
N GLN C 120 -35.76 -38.88 -24.36
CA GLN C 120 -34.47 -39.39 -23.91
C GLN C 120 -33.57 -38.27 -23.42
N ILE C 121 -33.54 -37.15 -24.14
CA ILE C 121 -32.76 -35.99 -23.70
C ILE C 121 -33.23 -35.54 -22.33
N LEU C 122 -34.54 -35.41 -22.15
CA LEU C 122 -35.08 -35.01 -20.85
C LEU C 122 -34.71 -36.00 -19.77
N GLU C 123 -34.71 -37.30 -20.10
CA GLU C 123 -34.30 -38.30 -19.13
C GLU C 123 -32.85 -38.09 -18.70
N SER C 124 -31.96 -37.81 -19.65
CA SER C 124 -30.57 -37.54 -19.29
C SER C 124 -30.46 -36.26 -18.48
N VAL C 125 -31.18 -35.21 -18.88
CA VAL C 125 -31.13 -33.95 -18.15
C VAL C 125 -31.72 -34.12 -16.75
N ASN C 126 -32.83 -34.84 -16.65
CA ASN C 126 -33.43 -35.10 -15.35
C ASN C 126 -32.46 -35.86 -14.45
N HIS C 127 -31.70 -36.79 -15.01
CA HIS C 127 -30.72 -37.53 -14.22
C HIS C 127 -29.62 -36.60 -13.71
N CYS C 128 -29.09 -35.76 -14.60
CA CYS C 128 -28.09 -34.78 -14.17
C CYS C 128 -28.61 -33.95 -13.00
N HIS C 129 -29.79 -33.35 -13.16
CA HIS C 129 -30.32 -32.46 -12.13
C HIS C 129 -30.56 -33.19 -10.82
N LEU C 130 -31.06 -34.43 -10.89
CA LEU C 130 -31.27 -35.20 -9.68
C LEU C 130 -29.96 -35.42 -8.91
N ASN C 131 -28.84 -35.48 -9.62
CA ASN C 131 -27.53 -35.61 -9.00
C ASN C 131 -26.82 -34.27 -8.84
N GLY C 132 -27.57 -33.17 -8.90
CA GLY C 132 -27.00 -31.86 -8.63
C GLY C 132 -26.00 -31.40 -9.67
N ILE C 133 -26.24 -31.72 -10.93
CA ILE C 133 -25.31 -31.35 -12.01
C ILE C 133 -26.09 -30.63 -13.10
N VAL C 134 -25.55 -29.51 -13.55
CA VAL C 134 -26.14 -28.70 -14.62
C VAL C 134 -25.16 -28.73 -15.78
N HIS C 135 -25.65 -29.14 -16.96
CA HIS C 135 -24.76 -29.33 -18.10
C HIS C 135 -24.26 -27.99 -18.64
N ARG C 136 -25.17 -27.03 -18.83
CA ARG C 136 -24.92 -25.65 -19.25
C ARG C 136 -24.62 -25.52 -20.74
N ASP C 137 -24.46 -26.60 -21.49
CA ASP C 137 -24.08 -26.50 -22.89
C ASP C 137 -24.85 -27.51 -23.74
N LEU C 138 -26.14 -27.67 -23.46
CA LEU C 138 -26.98 -28.49 -24.32
C LEU C 138 -27.07 -27.86 -25.71
N LYS C 139 -26.73 -28.66 -26.72
CA LYS C 139 -26.73 -28.19 -28.10
C LYS C 139 -26.59 -29.39 -29.02
N PRO C 140 -26.80 -29.24 -30.33
CA PRO C 140 -26.78 -30.42 -31.21
C PRO C 140 -25.49 -31.23 -31.11
N GLU C 141 -24.34 -30.56 -31.04
CA GLU C 141 -23.07 -31.28 -31.04
C GLU C 141 -22.94 -32.25 -29.86
N ASN C 142 -23.66 -32.01 -28.77
CA ASN C 142 -23.58 -32.85 -27.59
C ASN C 142 -24.68 -33.90 -27.53
N LEU C 143 -25.43 -34.09 -28.61
CA LEU C 143 -26.51 -35.07 -28.68
C LEU C 143 -26.10 -36.14 -29.68
N LEU C 144 -25.62 -37.27 -29.18
CA LEU C 144 -25.06 -38.33 -29.99
C LEU C 144 -25.96 -39.56 -29.97
N LEU C 145 -25.72 -40.45 -30.94
CA LEU C 145 -26.39 -41.73 -31.03
C LEU C 145 -25.41 -42.84 -30.70
N ALA C 146 -25.85 -43.79 -29.86
CA ALA C 146 -24.96 -44.85 -29.40
C ALA C 146 -24.29 -45.57 -30.57
N SER C 147 -25.05 -45.86 -31.62
CA SER C 147 -24.51 -46.57 -32.78
C SER C 147 -25.39 -46.24 -33.99
N LYS C 148 -24.97 -46.77 -35.14
CA LYS C 148 -25.73 -46.64 -36.37
C LYS C 148 -26.91 -47.61 -36.45
N SER C 149 -27.17 -48.36 -35.38
CA SER C 149 -28.27 -49.31 -35.38
C SER C 149 -29.60 -48.57 -35.41
N LYS C 150 -30.66 -49.34 -35.65
CA LYS C 150 -32.00 -48.80 -35.85
C LYS C 150 -32.44 -47.91 -34.70
N GLY C 151 -32.77 -48.51 -33.55
CA GLY C 151 -33.27 -47.75 -32.43
C GLY C 151 -32.20 -47.31 -31.45
N ALA C 152 -31.02 -46.96 -31.97
CA ALA C 152 -29.92 -46.56 -31.10
C ALA C 152 -30.35 -45.41 -30.19
N ALA C 153 -29.91 -45.48 -28.93
CA ALA C 153 -30.33 -44.52 -27.94
C ALA C 153 -29.61 -43.19 -28.12
N VAL C 154 -30.30 -42.12 -27.72
CA VAL C 154 -29.68 -40.80 -27.65
C VAL C 154 -28.83 -40.73 -26.40
N LYS C 155 -27.63 -40.18 -26.52
CA LYS C 155 -26.70 -40.06 -25.40
C LYS C 155 -26.20 -38.65 -25.29
N LEU C 156 -26.27 -38.10 -24.08
CA LEU C 156 -25.75 -36.76 -23.80
C LEU C 156 -24.26 -36.83 -23.54
N ALA C 157 -23.50 -35.91 -24.14
CA ALA C 157 -22.05 -35.98 -24.16
C ALA C 157 -21.43 -34.64 -23.79
N ASP C 158 -20.17 -34.73 -23.33
CA ASP C 158 -19.31 -33.58 -23.14
C ASP C 158 -19.76 -32.69 -21.98
N PHE C 159 -19.33 -33.03 -20.77
CA PHE C 159 -19.62 -32.25 -19.58
C PHE C 159 -18.50 -31.28 -19.23
N GLY C 160 -17.79 -30.77 -20.25
CA GLY C 160 -16.67 -29.87 -20.01
C GLY C 160 -17.07 -28.53 -19.43
N LEU C 161 -18.34 -28.14 -19.56
CA LEU C 161 -18.85 -26.92 -18.96
C LEU C 161 -19.80 -27.19 -17.80
N ALA C 162 -20.00 -28.46 -17.43
CA ALA C 162 -20.96 -28.78 -16.39
C ALA C 162 -20.49 -28.28 -15.04
N ILE C 163 -21.46 -27.97 -14.16
CA ILE C 163 -21.20 -27.46 -12.83
C ILE C 163 -21.96 -28.32 -11.82
N GLU C 164 -21.50 -28.25 -10.57
CA GLU C 164 -22.13 -28.95 -9.45
C GLU C 164 -22.87 -27.92 -8.60
N VAL C 165 -24.18 -28.08 -8.50
CA VAL C 165 -25.01 -27.17 -7.75
C VAL C 165 -25.40 -27.84 -6.43
N GLN C 166 -25.84 -27.02 -5.47
CA GLN C 166 -26.27 -27.49 -4.15
C GLN C 166 -27.79 -27.44 -4.09
N GLY C 167 -28.41 -28.61 -4.18
CA GLY C 167 -29.87 -28.66 -4.11
C GLY C 167 -30.48 -27.81 -5.21
N ASP C 168 -31.28 -26.81 -4.80
CA ASP C 168 -31.94 -25.89 -5.72
C ASP C 168 -31.42 -24.46 -5.56
N GLN C 169 -30.25 -24.29 -4.94
CA GLN C 169 -29.69 -22.97 -4.74
C GLN C 169 -29.18 -22.39 -6.05
N GLN C 170 -29.65 -21.18 -6.37
CA GLN C 170 -29.16 -20.45 -7.53
C GLN C 170 -27.90 -19.68 -7.17
N ALA C 171 -27.03 -19.50 -8.15
CA ALA C 171 -25.81 -18.72 -7.97
C ALA C 171 -25.30 -18.29 -9.33
N TRP C 172 -24.39 -17.33 -9.33
CA TRP C 172 -23.71 -16.91 -10.54
C TRP C 172 -22.48 -17.80 -10.73
N PHE C 173 -22.58 -18.74 -11.68
CA PHE C 173 -21.49 -19.64 -11.99
C PHE C 173 -20.67 -19.17 -13.18
N GLY C 174 -20.92 -17.96 -13.67
CA GLY C 174 -20.17 -17.41 -14.78
C GLY C 174 -20.97 -17.42 -16.08
N PHE C 175 -20.56 -16.56 -17.01
CA PHE C 175 -21.18 -16.45 -18.32
C PHE C 175 -20.56 -17.50 -19.23
N ALA C 176 -21.27 -18.62 -19.41
CA ALA C 176 -20.77 -19.73 -20.20
C ALA C 176 -21.92 -20.38 -20.96
N GLY C 177 -21.60 -20.94 -22.11
CA GLY C 177 -22.57 -21.63 -22.94
C GLY C 177 -22.38 -21.25 -24.39
N THR C 178 -23.34 -21.65 -25.22
CA THR C 178 -23.33 -21.35 -26.64
C THR C 178 -24.39 -20.30 -26.94
N PRO C 179 -24.04 -19.20 -27.64
CA PRO C 179 -24.98 -18.07 -27.77
C PRO C 179 -26.42 -18.43 -28.09
N GLY C 180 -26.65 -19.21 -29.16
CA GLY C 180 -28.00 -19.50 -29.57
C GLY C 180 -28.85 -20.20 -28.52
N TYR C 181 -28.21 -20.80 -27.52
CA TYR C 181 -28.90 -21.59 -26.52
C TYR C 181 -28.83 -20.98 -25.13
N LEU C 182 -28.17 -19.84 -24.97
CA LEU C 182 -28.06 -19.20 -23.67
C LEU C 182 -29.42 -18.81 -23.13
N SER C 183 -29.59 -18.94 -21.82
CA SER C 183 -30.86 -18.62 -21.19
C SER C 183 -30.96 -17.14 -20.89
N PRO C 184 -32.19 -16.62 -20.74
CA PRO C 184 -32.34 -15.21 -20.38
C PRO C 184 -31.70 -14.85 -19.05
N GLU C 185 -31.78 -15.72 -18.05
CA GLU C 185 -31.22 -15.38 -16.74
C GLU C 185 -29.71 -15.20 -16.82
N VAL C 186 -29.03 -16.03 -17.62
CA VAL C 186 -27.59 -15.87 -17.79
C VAL C 186 -27.29 -14.56 -18.50
N LEU C 187 -28.06 -14.23 -19.54
CA LEU C 187 -27.84 -12.99 -20.27
C LEU C 187 -28.15 -11.78 -19.41
N ARG C 188 -29.05 -11.92 -18.44
CA ARG C 188 -29.33 -10.85 -17.49
C ARG C 188 -28.30 -10.76 -16.37
N LYS C 189 -27.32 -11.66 -16.34
CA LYS C 189 -26.34 -11.73 -15.26
C LYS C 189 -26.99 -12.01 -13.92
N ASP C 190 -28.12 -12.77 -13.94
CA ASP C 190 -28.80 -13.18 -12.72
C ASP C 190 -28.26 -14.53 -12.25
N PRO C 191 -28.34 -14.82 -10.95
CA PRO C 191 -28.01 -16.18 -10.50
C PRO C 191 -28.91 -17.19 -11.18
N TYR C 192 -28.35 -18.37 -11.45
CA TYR C 192 -29.05 -19.36 -12.25
C TYR C 192 -28.71 -20.76 -11.76
N GLY C 193 -29.34 -21.75 -12.37
CA GLY C 193 -29.12 -23.14 -12.00
C GLY C 193 -29.69 -24.12 -13.01
N LYS C 194 -30.37 -25.14 -12.51
CA LYS C 194 -30.91 -26.19 -13.37
C LYS C 194 -31.75 -25.68 -14.53
N PRO C 195 -32.57 -24.64 -14.39
CA PRO C 195 -33.46 -24.26 -15.50
C PRO C 195 -32.76 -23.88 -16.78
N VAL C 196 -31.47 -23.49 -16.74
CA VAL C 196 -30.81 -23.10 -17.98
C VAL C 196 -30.80 -24.27 -18.95
N ASP C 197 -30.62 -25.50 -18.44
CA ASP C 197 -30.68 -26.67 -19.30
C ASP C 197 -32.04 -26.81 -19.95
N MET C 198 -33.11 -26.43 -19.25
CA MET C 198 -34.44 -26.57 -19.79
C MET C 198 -34.73 -25.53 -20.86
N TRP C 199 -34.19 -24.32 -20.71
CA TRP C 199 -34.29 -23.36 -21.81
C TRP C 199 -33.60 -23.90 -23.06
N ALA C 200 -32.41 -24.48 -22.89
CA ALA C 200 -31.70 -25.06 -24.02
C ALA C 200 -32.54 -26.16 -24.67
N CYS C 201 -33.16 -27.03 -23.86
CA CYS C 201 -34.04 -28.06 -24.41
C CYS C 201 -35.14 -27.45 -25.26
N GLY C 202 -35.66 -26.30 -24.85
CA GLY C 202 -36.70 -25.65 -25.63
C GLY C 202 -36.20 -25.22 -27.00
N VAL C 203 -35.01 -24.63 -27.05
CA VAL C 203 -34.41 -24.26 -28.33
C VAL C 203 -34.20 -25.50 -29.19
N ILE C 204 -33.72 -26.58 -28.56
CA ILE C 204 -33.44 -27.80 -29.30
C ILE C 204 -34.72 -28.41 -29.87
N LEU C 205 -35.77 -28.48 -29.05
CA LEU C 205 -37.03 -29.03 -29.52
C LEU C 205 -37.60 -28.21 -30.67
N TYR C 206 -37.57 -26.88 -30.54
CA TYR C 206 -38.00 -26.00 -31.61
C TYR C 206 -37.30 -26.36 -32.92
N ILE C 207 -35.97 -26.51 -32.88
CA ILE C 207 -35.22 -26.84 -34.08
C ILE C 207 -35.61 -28.23 -34.59
N LEU C 208 -35.86 -29.17 -33.67
CA LEU C 208 -36.21 -30.53 -34.09
C LEU C 208 -37.54 -30.57 -34.85
N LEU C 209 -38.39 -29.56 -34.69
CA LEU C 209 -39.70 -29.60 -35.33
C LEU C 209 -39.74 -28.90 -36.69
N VAL C 210 -38.97 -27.82 -36.87
CA VAL C 210 -39.05 -27.07 -38.12
C VAL C 210 -37.68 -26.89 -38.76
N GLY C 211 -36.61 -27.18 -38.01
CA GLY C 211 -35.28 -27.19 -38.58
C GLY C 211 -34.58 -25.86 -38.68
N TYR C 212 -35.03 -24.86 -37.93
CA TYR C 212 -34.32 -23.60 -37.80
C TYR C 212 -34.51 -23.10 -36.37
N PRO C 213 -33.62 -22.24 -35.89
CA PRO C 213 -33.65 -21.88 -34.47
C PRO C 213 -34.68 -20.81 -34.18
N PRO C 214 -35.21 -20.79 -32.95
CA PRO C 214 -36.17 -19.72 -32.59
C PRO C 214 -35.54 -18.35 -32.48
N PHE C 215 -34.25 -18.28 -32.14
CA PHE C 215 -33.54 -17.01 -31.98
C PHE C 215 -32.33 -17.02 -32.90
N TRP C 216 -32.29 -16.05 -33.82
CA TRP C 216 -31.17 -15.93 -34.75
C TRP C 216 -31.01 -14.48 -35.15
N ASP C 217 -29.77 -14.01 -35.17
CA ASP C 217 -29.46 -12.67 -35.64
C ASP C 217 -27.96 -12.59 -35.90
N GLU C 218 -27.61 -11.97 -37.04
CA GLU C 218 -26.20 -11.79 -37.37
C GLU C 218 -25.48 -11.02 -36.27
N ASP C 219 -26.17 -10.10 -35.62
CA ASP C 219 -25.61 -9.29 -34.54
C ASP C 219 -25.86 -9.98 -33.21
N GLN C 220 -24.78 -10.36 -32.52
CA GLN C 220 -24.94 -11.12 -31.27
C GLN C 220 -25.71 -10.33 -30.22
N HIS C 221 -25.47 -9.01 -30.14
CA HIS C 221 -26.15 -8.21 -29.13
C HIS C 221 -27.66 -8.24 -29.34
N ARG C 222 -28.11 -8.19 -30.59
CA ARG C 222 -29.55 -8.27 -30.85
C ARG C 222 -30.08 -9.67 -30.62
N LEU C 223 -29.29 -10.69 -30.95
CA LEU C 223 -29.66 -12.05 -30.60
C LEU C 223 -29.97 -12.16 -29.10
N TYR C 224 -29.07 -11.65 -28.27
CA TYR C 224 -29.29 -11.72 -26.83
C TYR C 224 -30.51 -10.91 -26.40
N GLN C 225 -30.82 -9.83 -27.11
CA GLN C 225 -32.03 -9.08 -26.80
C GLN C 225 -33.27 -9.89 -27.14
N GLN C 226 -33.24 -10.62 -28.27
CA GLN C 226 -34.36 -11.49 -28.61
C GLN C 226 -34.57 -12.54 -27.53
N ILE C 227 -33.48 -13.18 -27.08
CA ILE C 227 -33.58 -14.24 -26.08
C ILE C 227 -34.16 -13.68 -24.78
N LYS C 228 -33.59 -12.58 -24.28
CA LYS C 228 -34.07 -12.02 -23.02
C LYS C 228 -35.54 -11.64 -23.10
N ALA C 229 -35.99 -11.15 -24.24
CA ALA C 229 -37.39 -10.80 -24.43
C ALA C 229 -38.26 -12.00 -24.80
N GLY C 230 -37.67 -13.18 -24.95
CA GLY C 230 -38.44 -14.34 -25.38
C GLY C 230 -39.15 -14.11 -26.70
N ALA C 231 -38.50 -13.41 -27.62
CA ALA C 231 -39.14 -12.98 -28.87
C ALA C 231 -38.92 -14.04 -29.95
N TYR C 232 -39.74 -15.09 -29.88
CA TYR C 232 -39.84 -16.09 -30.92
C TYR C 232 -41.31 -16.24 -31.29
N ASP C 233 -41.57 -16.86 -32.43
CA ASP C 233 -42.94 -17.12 -32.85
C ASP C 233 -42.97 -18.39 -33.69
N PHE C 234 -44.18 -18.81 -34.05
CA PHE C 234 -44.43 -20.01 -34.83
C PHE C 234 -44.98 -19.64 -36.19
N PRO C 235 -44.14 -19.17 -37.12
CA PRO C 235 -44.66 -18.66 -38.39
C PRO C 235 -45.34 -19.75 -39.23
N SER C 236 -46.38 -19.33 -39.95
CA SER C 236 -47.00 -20.17 -40.95
C SER C 236 -46.13 -20.19 -42.22
N PRO C 237 -46.26 -21.24 -43.04
CA PRO C 237 -47.16 -22.40 -42.92
C PRO C 237 -46.56 -23.58 -42.16
N GLU C 238 -45.25 -23.59 -41.91
CA GLU C 238 -44.63 -24.81 -41.37
C GLU C 238 -45.16 -25.17 -39.99
N TRP C 239 -45.50 -24.18 -39.17
CA TRP C 239 -46.01 -24.46 -37.83
C TRP C 239 -47.50 -24.76 -37.80
N ASP C 240 -48.21 -24.56 -38.91
CA ASP C 240 -49.65 -24.83 -38.93
C ASP C 240 -49.96 -26.31 -38.76
N THR C 241 -49.02 -27.20 -39.11
CA THR C 241 -49.22 -28.64 -38.97
C THR C 241 -48.64 -29.18 -37.67
N VAL C 242 -48.13 -28.32 -36.79
CA VAL C 242 -47.58 -28.76 -35.51
C VAL C 242 -48.69 -28.75 -34.47
N THR C 243 -48.72 -29.80 -33.65
CA THR C 243 -49.82 -29.98 -32.72
C THR C 243 -49.81 -28.89 -31.65
N PRO C 244 -50.97 -28.57 -31.08
CA PRO C 244 -50.99 -27.61 -29.96
C PRO C 244 -50.15 -28.06 -28.78
N GLU C 245 -50.03 -29.36 -28.56
CA GLU C 245 -49.28 -29.85 -27.41
C GLU C 245 -47.78 -29.61 -27.58
N ALA C 246 -47.27 -29.78 -28.80
CA ALA C 246 -45.86 -29.50 -29.04
C ALA C 246 -45.55 -28.02 -28.83
N LYS C 247 -46.38 -27.15 -29.40
CA LYS C 247 -46.22 -25.71 -29.15
C LYS C 247 -46.29 -25.41 -27.66
N ASP C 248 -47.23 -26.03 -26.95
CA ASP C 248 -47.39 -25.77 -25.53
C ASP C 248 -46.12 -26.13 -24.76
N LEU C 249 -45.52 -27.28 -25.08
CA LEU C 249 -44.29 -27.68 -24.40
C LEU C 249 -43.17 -26.70 -24.66
N ILE C 250 -43.02 -26.26 -25.92
CA ILE C 250 -42.00 -25.26 -26.25
C ILE C 250 -42.22 -24.00 -25.43
N ASN C 251 -43.46 -23.51 -25.38
CA ASN C 251 -43.74 -22.30 -24.61
C ASN C 251 -43.36 -22.47 -23.14
N LYS C 252 -43.59 -23.67 -22.59
CA LYS C 252 -43.28 -23.90 -21.19
C LYS C 252 -41.78 -24.01 -20.95
N MET C 253 -41.03 -24.44 -21.97
CA MET C 253 -39.57 -24.46 -21.84
C MET C 253 -38.97 -23.08 -22.08
N LEU C 254 -39.44 -22.38 -23.11
CA LEU C 254 -38.96 -21.04 -23.43
C LEU C 254 -39.71 -19.98 -22.64
N THR C 255 -39.84 -20.21 -21.34
CA THR C 255 -40.44 -19.25 -20.43
C THR C 255 -39.33 -18.37 -19.84
N ILE C 256 -39.48 -17.05 -20.00
CA ILE C 256 -38.41 -16.13 -19.63
C ILE C 256 -38.06 -16.28 -18.15
N ASN C 257 -39.06 -16.39 -17.29
CA ASN C 257 -38.82 -16.43 -15.85
C ASN C 257 -38.41 -17.85 -15.46
N PRO C 258 -37.15 -18.08 -15.09
CA PRO C 258 -36.74 -19.46 -14.77
C PRO C 258 -37.54 -20.08 -13.64
N ALA C 259 -38.09 -19.27 -12.74
CA ALA C 259 -38.91 -19.81 -11.67
C ALA C 259 -40.23 -20.38 -12.18
N LYS C 260 -40.68 -19.96 -13.36
CA LYS C 260 -41.91 -20.45 -13.97
C LYS C 260 -41.64 -21.43 -15.10
N ARG C 261 -40.38 -21.74 -15.38
CA ARG C 261 -40.04 -22.63 -16.47
C ARG C 261 -40.28 -24.08 -16.06
N ILE C 262 -40.81 -24.87 -17.00
CA ILE C 262 -41.03 -26.29 -16.73
C ILE C 262 -39.71 -26.96 -16.43
N THR C 263 -39.72 -27.90 -15.49
CA THR C 263 -38.53 -28.66 -15.15
C THR C 263 -38.46 -29.93 -15.99
N ALA C 264 -37.31 -30.61 -15.91
CA ALA C 264 -37.15 -31.87 -16.62
C ALA C 264 -38.19 -32.90 -16.15
N SER C 265 -38.38 -33.01 -14.83
CA SER C 265 -39.38 -33.91 -14.29
C SER C 265 -40.76 -33.60 -14.86
N GLU C 266 -41.18 -32.33 -14.76
CA GLU C 266 -42.49 -31.95 -15.26
C GLU C 266 -42.60 -32.16 -16.76
N ALA C 267 -41.52 -31.88 -17.50
CA ALA C 267 -41.56 -32.05 -18.94
C ALA C 267 -41.72 -33.51 -19.34
N LEU C 268 -41.14 -34.43 -18.57
CA LEU C 268 -41.31 -35.86 -18.85
C LEU C 268 -42.77 -36.29 -18.74
N LYS C 269 -43.58 -35.56 -17.97
CA LYS C 269 -44.99 -35.87 -17.82
C LYS C 269 -45.89 -34.93 -18.62
N HIS C 270 -45.31 -34.15 -19.53
CA HIS C 270 -46.13 -33.34 -20.41
C HIS C 270 -46.81 -34.23 -21.45
N PRO C 271 -48.07 -33.95 -21.82
CA PRO C 271 -48.76 -34.84 -22.77
C PRO C 271 -47.95 -35.15 -24.02
N TRP C 272 -47.26 -34.17 -24.59
CA TRP C 272 -46.50 -34.42 -25.82
C TRP C 272 -45.39 -35.44 -25.59
N ILE C 273 -44.96 -35.65 -24.35
CA ILE C 273 -43.90 -36.60 -24.04
C ILE C 273 -44.52 -37.90 -23.56
N CYS C 274 -45.21 -37.87 -22.41
CA CYS C 274 -45.77 -39.08 -21.84
C CYS C 274 -47.05 -39.55 -22.52
N GLN C 275 -47.62 -38.76 -23.43
CA GLN C 275 -48.73 -39.19 -24.27
C GLN C 275 -48.38 -39.04 -25.74
N ARG C 276 -47.10 -39.24 -26.08
CA ARG C 276 -46.66 -39.14 -27.47
C ARG C 276 -47.54 -39.97 -28.38
N SER C 277 -47.83 -41.21 -27.98
CA SER C 277 -48.61 -42.11 -28.82
C SER C 277 -50.05 -41.64 -29.02
N THR C 278 -50.48 -40.58 -28.35
CA THR C 278 -51.86 -40.12 -28.41
C THR C 278 -52.02 -38.71 -28.98
N VAL C 279 -51.05 -37.82 -28.76
CA VAL C 279 -51.20 -36.44 -29.18
C VAL C 279 -50.17 -36.02 -30.23
N ALA C 280 -49.03 -36.69 -30.34
CA ALA C 280 -47.99 -36.27 -31.27
C ALA C 280 -48.36 -36.67 -32.70
N SER C 281 -48.22 -35.71 -33.63
CA SER C 281 -48.47 -36.00 -35.03
C SER C 281 -47.43 -36.97 -35.58
N MET C 282 -47.87 -37.80 -36.52
CA MET C 282 -46.98 -38.73 -37.21
C MET C 282 -46.74 -38.34 -38.67
N MET C 283 -47.18 -37.14 -39.07
CA MET C 283 -46.98 -36.70 -40.44
C MET C 283 -45.49 -36.48 -40.72
N HIS C 284 -45.02 -36.99 -41.86
CA HIS C 284 -43.67 -36.70 -42.28
C HIS C 284 -43.51 -35.20 -42.53
N ARG C 285 -42.41 -34.64 -42.03
CA ARG C 285 -42.11 -33.22 -42.16
C ARG C 285 -40.88 -33.08 -43.05
N GLN C 286 -41.10 -33.19 -44.37
CA GLN C 286 -40.00 -33.08 -45.31
C GLN C 286 -39.34 -31.70 -45.25
N GLU C 287 -40.15 -30.66 -45.08
CA GLU C 287 -39.60 -29.31 -44.99
C GLU C 287 -38.67 -29.16 -43.80
N THR C 288 -38.94 -29.89 -42.72
CA THR C 288 -38.06 -29.87 -41.56
C THR C 288 -36.73 -30.54 -41.86
N VAL C 289 -36.78 -31.70 -42.54
CA VAL C 289 -35.55 -32.38 -42.93
C VAL C 289 -34.73 -31.49 -43.86
N ASP C 290 -35.38 -30.88 -44.85
CA ASP C 290 -34.67 -29.99 -45.77
C ASP C 290 -34.01 -28.84 -45.03
N CYS C 291 -34.75 -28.16 -44.16
CA CYS C 291 -34.18 -27.04 -43.43
C CYS C 291 -33.07 -27.50 -42.49
N LEU C 292 -33.26 -28.65 -41.84
CA LEU C 292 -32.25 -29.14 -40.91
C LEU C 292 -30.94 -29.40 -41.63
N LYS C 293 -31.00 -29.87 -42.88
CA LYS C 293 -29.79 -30.07 -43.65
C LYS C 293 -29.03 -28.76 -43.85
N LYS C 294 -29.76 -27.68 -44.15
CA LYS C 294 -29.12 -26.37 -44.23
C LYS C 294 -28.61 -25.91 -42.88
N PHE C 295 -29.37 -26.21 -41.82
CA PHE C 295 -28.94 -25.85 -40.47
C PHE C 295 -27.63 -26.53 -40.10
N ASN C 296 -27.52 -27.84 -40.39
CA ASN C 296 -26.29 -28.55 -40.09
C ASN C 296 -25.13 -28.03 -40.93
N ALA C 297 -25.40 -27.62 -42.17
CA ALA C 297 -24.33 -27.12 -43.03
C ALA C 297 -23.83 -25.76 -42.55
N ARG C 298 -24.74 -24.88 -42.14
CA ARG C 298 -24.31 -23.60 -41.57
C ARG C 298 -23.54 -23.80 -40.29
N ARG C 299 -23.93 -24.79 -39.49
CA ARG C 299 -23.26 -25.03 -38.21
C ARG C 299 -21.84 -25.54 -38.43
N LYS C 300 -21.67 -26.49 -39.35
CA LYS C 300 -20.33 -27.02 -39.61
C LYS C 300 -19.42 -25.97 -40.23
N LEU C 301 -19.99 -24.99 -40.93
CA LEU C 301 -19.20 -23.96 -41.58
C LEU C 301 -18.87 -22.80 -40.66
N LYS C 302 -19.72 -22.54 -39.65
CA LYS C 302 -19.47 -21.50 -38.66
C LYS C 302 -18.86 -22.06 -37.38
N GLY C 303 -18.14 -23.18 -37.48
CA GLY C 303 -17.58 -23.80 -36.29
C GLY C 303 -16.71 -22.87 -35.48
N ALA C 304 -16.02 -21.93 -36.13
CA ALA C 304 -15.10 -21.03 -35.47
C ALA C 304 -14.10 -21.80 -34.61
N ILE C 305 -13.20 -22.50 -35.33
CA ILE C 305 -12.23 -23.37 -34.66
C ILE C 305 -11.38 -22.56 -33.68
N LEU C 306 -11.02 -21.34 -34.07
CA LEU C 306 -10.24 -20.45 -33.22
C LEU C 306 -11.06 -19.19 -32.94
N THR C 307 -10.66 -18.47 -31.89
CA THR C 307 -11.29 -17.20 -31.59
C THR C 307 -11.17 -16.28 -32.80
N THR C 308 -12.31 -15.93 -33.39
CA THR C 308 -12.36 -15.07 -34.56
C THR C 308 -13.09 -13.78 -34.21
N MET C 309 -12.44 -12.65 -34.48
CA MET C 309 -13.01 -11.33 -34.24
C MET C 309 -13.08 -10.58 -35.55
N LEU C 310 -14.27 -10.07 -35.87
CA LEU C 310 -14.50 -9.34 -37.13
C LEU C 310 -15.14 -8.00 -36.79
N ALA C 311 -14.45 -6.92 -37.16
CA ALA C 311 -14.95 -5.60 -36.82
C ALA C 311 -16.29 -5.35 -37.49
N THR C 312 -17.18 -4.66 -36.78
CA THR C 312 -18.51 -4.36 -37.27
C THR C 312 -18.44 -3.60 -38.59
N ARG C 313 -18.87 -4.23 -39.68
CA ARG C 313 -18.96 -3.56 -40.98
C ARG C 313 -20.32 -2.90 -41.17
N ASN C 314 -21.39 -3.66 -40.92
CA ASN C 314 -22.73 -3.10 -40.97
C ASN C 314 -22.95 -2.16 -39.80
N PHE C 315 -23.69 -1.08 -40.04
CA PHE C 315 -23.92 -0.06 -39.03
C PHE C 315 -25.34 0.45 -39.11
N SER C 316 -26.03 0.48 -37.96
CA SER C 316 -27.31 1.14 -37.87
C SER C 316 -27.15 2.62 -38.14
N ALA C 317 -28.26 3.27 -38.48
CA ALA C 317 -28.24 4.72 -38.68
C ALA C 317 -27.75 5.43 -37.42
N ARG C 318 -28.17 4.95 -36.24
CA ARG C 318 -27.72 5.55 -35.00
C ARG C 318 -26.21 5.44 -34.84
N LYS C 319 -25.64 4.29 -35.20
CA LYS C 319 -24.18 4.15 -35.11
C LYS C 319 -23.48 4.98 -36.17
N GLN C 320 -24.06 5.06 -37.37
CA GLN C 320 -23.51 5.94 -38.41
C GLN C 320 -23.45 7.39 -37.93
N GLU C 321 -24.45 7.81 -37.16
CA GLU C 321 -24.44 9.17 -36.63
C GLU C 321 -23.18 9.41 -35.79
N ILE C 322 -22.78 8.43 -34.99
CA ILE C 322 -21.63 8.61 -34.12
C ILE C 322 -20.34 8.63 -34.94
N ILE C 323 -20.25 7.79 -35.97
CA ILE C 323 -19.09 7.82 -36.86
C ILE C 323 -18.99 9.18 -37.53
N LYS C 324 -20.12 9.70 -38.02
CA LYS C 324 -20.09 10.97 -38.72
C LYS C 324 -19.57 12.10 -37.83
N VAL C 325 -20.13 12.22 -36.63
CA VAL C 325 -19.73 13.33 -35.77
C VAL C 325 -18.30 13.16 -35.31
N THR C 326 -17.83 11.91 -35.14
CA THR C 326 -16.43 11.69 -34.82
C THR C 326 -15.53 12.17 -35.97
N GLU C 327 -15.93 11.88 -37.21
CA GLU C 327 -15.13 12.32 -38.35
C GLU C 327 -15.18 13.83 -38.52
N GLN C 328 -16.33 14.45 -38.20
CA GLN C 328 -16.40 15.91 -38.22
C GLN C 328 -15.45 16.51 -37.19
N LEU C 329 -15.37 15.91 -36.00
CA LEU C 329 -14.46 16.41 -34.98
C LEU C 329 -13.01 16.29 -35.43
N ILE C 330 -12.63 15.13 -35.97
CA ILE C 330 -11.25 14.94 -36.41
C ILE C 330 -10.94 15.88 -37.57
N GLU C 331 -11.93 16.20 -38.40
CA GLU C 331 -11.69 17.14 -39.49
C GLU C 331 -11.41 18.54 -38.95
N ALA C 332 -12.19 18.99 -37.97
CA ALA C 332 -11.94 20.28 -37.36
C ALA C 332 -10.53 20.36 -36.79
N ILE C 333 -10.05 19.25 -36.23
CA ILE C 333 -8.68 19.20 -35.71
C ILE C 333 -7.68 19.38 -36.83
N ASN C 334 -7.81 18.57 -37.88
CA ASN C 334 -6.85 18.64 -38.99
C ASN C 334 -6.87 20.00 -39.66
N ASN C 335 -8.04 20.62 -39.75
CA ASN C 335 -8.17 21.95 -40.33
C ASN C 335 -7.92 23.06 -39.33
N GLY C 336 -7.66 22.72 -38.06
CA GLY C 336 -7.41 23.73 -37.05
C GLY C 336 -8.58 24.65 -36.79
N CYS C 337 -9.80 24.14 -36.95
CA CYS C 337 -11.01 24.94 -36.70
C CYS C 337 -11.39 24.76 -35.23
N PHE C 338 -10.89 25.67 -34.38
CA PHE C 338 -11.16 25.58 -32.96
C PHE C 338 -12.60 25.92 -32.63
N GLU C 339 -13.23 26.77 -33.44
CA GLU C 339 -14.67 27.04 -33.26
C GLU C 339 -15.46 25.75 -33.38
N ALA C 340 -15.23 24.98 -34.44
CA ALA C 340 -15.89 23.69 -34.58
C ALA C 340 -15.55 22.77 -33.43
N TYR C 341 -14.28 22.78 -33.00
CA TYR C 341 -13.86 21.90 -31.92
C TYR C 341 -14.63 22.19 -30.64
N THR C 342 -14.79 23.47 -30.30
CA THR C 342 -15.50 23.82 -29.07
C THR C 342 -17.00 23.68 -29.20
N LYS C 343 -17.52 23.63 -30.44
CA LYS C 343 -18.92 23.28 -30.63
C LYS C 343 -19.16 21.81 -30.34
N ILE C 344 -18.26 20.95 -30.81
CA ILE C 344 -18.49 19.50 -30.73
C ILE C 344 -18.11 18.95 -29.36
N CYS C 345 -17.09 19.51 -28.72
CA CYS C 345 -16.61 18.98 -27.45
C CYS C 345 -17.33 19.64 -26.28
N ASP C 346 -17.62 18.84 -25.26
CA ASP C 346 -18.23 19.38 -24.06
C ASP C 346 -17.24 20.32 -23.36
N PRO C 347 -17.71 21.42 -22.78
CA PRO C 347 -16.79 22.32 -22.07
C PRO C 347 -16.04 21.64 -20.93
N GLY C 348 -16.58 20.55 -20.39
CA GLY C 348 -15.91 19.82 -19.32
C GLY C 348 -15.21 18.58 -19.83
N LEU C 349 -14.80 18.61 -21.09
CA LEU C 349 -14.09 17.48 -21.70
C LEU C 349 -12.90 17.05 -20.84
N THR C 350 -12.71 15.75 -20.72
CA THR C 350 -11.52 15.17 -20.11
C THR C 350 -10.83 14.28 -21.15
N ALA C 351 -9.53 14.07 -20.96
CA ALA C 351 -8.79 13.28 -21.94
C ALA C 351 -7.56 12.63 -21.32
N PHE C 352 -7.33 11.39 -21.72
CA PHE C 352 -6.01 10.75 -21.64
C PHE C 352 -5.41 10.77 -23.04
N GLU C 353 -4.14 11.17 -23.15
CA GLU C 353 -3.48 11.19 -24.44
C GLU C 353 -1.98 11.19 -24.23
N PRO C 354 -1.20 10.66 -25.17
CA PRO C 354 0.26 10.63 -24.98
C PRO C 354 0.84 12.00 -24.75
N GLU C 355 0.27 13.05 -25.36
CA GLU C 355 0.79 14.39 -25.18
C GLU C 355 0.67 14.86 -23.73
N ALA C 356 -0.21 14.24 -22.94
CA ALA C 356 -0.44 14.63 -21.56
C ALA C 356 0.37 13.81 -20.57
N LEU C 357 1.21 12.88 -21.04
CA LEU C 357 2.20 12.21 -20.20
C LEU C 357 1.53 11.47 -19.04
N GLY C 358 0.41 10.81 -19.31
CA GLY C 358 -0.25 10.00 -18.30
C GLY C 358 -1.16 10.76 -17.38
N ASN C 359 -1.34 12.06 -17.58
CA ASN C 359 -2.25 12.84 -16.75
C ASN C 359 -3.62 12.94 -17.42
N LEU C 360 -4.66 13.02 -16.60
CA LEU C 360 -5.99 13.34 -17.07
C LEU C 360 -6.13 14.86 -17.14
N VAL C 361 -6.35 15.37 -18.34
CA VAL C 361 -6.51 16.82 -18.53
C VAL C 361 -7.98 17.10 -18.74
N GLU C 362 -8.39 18.32 -18.38
CA GLU C 362 -9.79 18.71 -18.36
C GLU C 362 -9.94 20.10 -18.95
N GLY C 363 -11.04 20.31 -19.66
CA GLY C 363 -11.28 21.58 -20.31
C GLY C 363 -10.70 21.62 -21.71
N MET C 364 -10.58 22.84 -22.24
CA MET C 364 -10.13 23.06 -23.60
C MET C 364 -8.69 23.53 -23.70
N ASP C 365 -8.14 24.10 -22.63
CA ASP C 365 -6.85 24.77 -22.72
C ASP C 365 -5.77 23.85 -23.29
N PHE C 366 -5.64 22.64 -22.74
CA PHE C 366 -4.56 21.76 -23.18
C PHE C 366 -4.62 21.52 -24.69
N HIS C 367 -5.83 21.39 -25.24
CA HIS C 367 -5.98 21.11 -26.65
C HIS C 367 -5.84 22.37 -27.50
N ARG C 368 -6.13 23.54 -26.94
CA ARG C 368 -6.01 24.78 -27.70
C ARG C 368 -4.57 25.06 -28.09
N PHE C 369 -3.60 24.54 -27.32
CA PHE C 369 -2.20 24.80 -27.63
C PHE C 369 -1.86 24.31 -29.03
N TYR C 370 -2.45 23.19 -29.46
CA TYR C 370 -2.15 22.64 -30.77
C TYR C 370 -2.87 23.39 -31.88
N PHE C 371 -4.11 23.81 -31.63
CA PHE C 371 -4.81 24.65 -32.60
C PHE C 371 -4.06 25.95 -32.84
N GLU C 372 -3.37 26.47 -31.82
CA GLU C 372 -2.67 27.74 -31.94
C GLU C 372 -1.26 27.62 -32.51
N ASN C 373 -0.65 26.42 -32.48
CA ASN C 373 0.75 26.31 -32.80
C ASN C 373 1.12 25.13 -33.70
N ALA C 374 0.15 24.42 -34.28
CA ALA C 374 0.52 23.24 -35.07
C ALA C 374 -0.50 22.86 -36.12
N LEU C 375 -1.78 23.04 -35.84
CA LEU C 375 -2.83 22.58 -36.75
C LEU C 375 -2.99 23.47 -37.98
N SER C 376 -2.20 24.55 -38.09
CA SER C 376 -2.18 25.35 -39.31
C SER C 376 -0.79 25.33 -39.94
N LYS C 377 -0.25 24.14 -40.14
CA LYS C 377 1.04 23.99 -40.81
C LYS C 377 0.96 24.50 -42.25
N SER C 378 2.08 24.51 -42.95
CA SER C 378 2.20 25.09 -44.28
C SER C 378 2.14 23.98 -45.31
N ASN C 379 3.07 23.88 -46.26
CA ASN C 379 3.09 22.78 -47.23
C ASN C 379 3.44 21.49 -46.51
N LYS C 380 2.52 20.98 -45.69
CA LYS C 380 2.74 19.77 -44.89
C LYS C 380 1.44 18.97 -44.93
N PRO C 381 1.23 18.16 -45.97
CA PRO C 381 -0.05 17.46 -46.11
C PRO C 381 -0.27 16.42 -45.01
N ILE C 382 -1.49 16.39 -44.48
CA ILE C 382 -1.92 15.42 -43.49
C ILE C 382 -3.07 14.61 -44.07
N HIS C 383 -3.00 13.29 -43.90
CA HIS C 383 -4.07 12.39 -44.32
C HIS C 383 -4.39 11.45 -43.17
N THR C 384 -5.63 11.50 -42.70
CA THR C 384 -6.08 10.66 -41.59
C THR C 384 -6.94 9.52 -42.13
N ILE C 385 -6.71 8.32 -41.60
CA ILE C 385 -7.51 7.15 -41.94
C ILE C 385 -8.10 6.59 -40.64
N ILE C 386 -9.41 6.35 -40.64
CA ILE C 386 -10.11 5.77 -39.52
C ILE C 386 -10.36 4.30 -39.83
N LEU C 387 -9.87 3.41 -38.97
CA LEU C 387 -9.86 1.98 -39.21
C LEU C 387 -10.73 1.25 -38.20
N ASN C 388 -11.61 0.39 -38.71
CA ASN C 388 -12.37 -0.56 -37.90
C ASN C 388 -13.07 0.13 -36.71
N PRO C 389 -13.87 1.16 -36.96
CA PRO C 389 -14.60 1.79 -35.86
C PRO C 389 -15.63 0.84 -35.29
N HIS C 390 -15.77 0.86 -33.97
CA HIS C 390 -16.74 0.05 -33.25
C HIS C 390 -17.54 0.98 -32.35
N VAL C 391 -18.85 0.94 -32.47
CA VAL C 391 -19.75 1.86 -31.77
C VAL C 391 -20.60 1.07 -30.79
N HIS C 392 -20.60 1.49 -29.53
CA HIS C 392 -21.57 1.00 -28.55
C HIS C 392 -22.64 2.07 -28.35
N LEU C 393 -23.90 1.67 -28.43
CA LEU C 393 -25.02 2.54 -28.08
C LEU C 393 -25.41 2.22 -26.64
N VAL C 394 -25.27 3.20 -25.75
CA VAL C 394 -25.54 3.01 -24.33
C VAL C 394 -26.70 3.92 -23.94
N GLY C 395 -27.88 3.61 -24.43
CA GLY C 395 -29.04 4.48 -24.27
C GLY C 395 -29.24 5.37 -25.48
N ASP C 396 -30.41 6.00 -25.52
CA ASP C 396 -30.81 6.77 -26.69
C ASP C 396 -29.93 7.99 -26.90
N ASP C 397 -29.33 8.53 -25.84
CA ASP C 397 -28.58 9.77 -25.92
C ASP C 397 -27.09 9.59 -25.62
N ALA C 398 -26.58 8.37 -25.71
CA ALA C 398 -25.21 8.11 -25.31
C ALA C 398 -24.60 7.04 -26.20
N ALA C 399 -23.30 7.19 -26.45
CA ALA C 399 -22.55 6.21 -27.22
C ALA C 399 -21.07 6.39 -26.94
N CYS C 400 -20.31 5.34 -27.21
CA CYS C 400 -18.86 5.44 -27.29
C CYS C 400 -18.43 4.77 -28.58
N ILE C 401 -17.30 5.23 -29.11
CA ILE C 401 -16.75 4.73 -30.36
C ILE C 401 -15.27 4.47 -30.15
N ALA C 402 -14.77 3.40 -30.75
CA ALA C 402 -13.37 3.02 -30.68
C ALA C 402 -12.86 2.72 -32.07
N TYR C 403 -11.66 3.19 -32.38
CA TYR C 403 -11.12 3.06 -33.72
C TYR C 403 -9.61 3.23 -33.70
N ILE C 404 -8.98 2.70 -34.73
CA ILE C 404 -7.58 3.00 -35.02
C ILE C 404 -7.54 4.29 -35.83
N ARG C 405 -6.64 5.19 -35.47
CA ARG C 405 -6.41 6.43 -36.21
C ARG C 405 -5.02 6.36 -36.84
N LEU C 406 -4.97 6.21 -38.16
CA LEU C 406 -3.73 6.20 -38.91
C LEU C 406 -3.51 7.57 -39.54
N THR C 407 -2.34 8.15 -39.31
CA THR C 407 -1.99 9.46 -39.84
C THR C 407 -0.78 9.33 -40.75
N GLN C 408 -0.96 9.67 -42.02
CA GLN C 408 0.13 9.83 -42.97
C GLN C 408 0.52 11.30 -43.03
N TYR C 409 1.82 11.57 -43.09
CA TYR C 409 2.31 12.95 -42.99
C TYR C 409 3.73 13.01 -43.53
N MET C 410 4.20 14.25 -43.73
CA MET C 410 5.56 14.52 -44.15
C MET C 410 6.39 14.88 -42.93
N ASP C 411 7.55 14.25 -42.79
CA ASP C 411 8.40 14.44 -41.62
C ASP C 411 9.30 15.66 -41.81
N GLY C 412 10.24 15.85 -40.88
CA GLY C 412 11.15 16.98 -40.99
C GLY C 412 12.11 16.84 -42.14
N SER C 413 12.68 15.65 -42.34
CA SER C 413 13.62 15.41 -43.42
C SER C 413 12.95 15.32 -44.79
N GLY C 414 11.65 15.56 -44.89
CA GLY C 414 10.96 15.55 -46.17
C GLY C 414 10.33 14.24 -46.57
N MET C 415 10.48 13.18 -45.76
CA MET C 415 10.02 11.87 -46.17
C MET C 415 8.61 11.60 -45.65
N PRO C 416 7.81 10.82 -46.39
CA PRO C 416 6.48 10.46 -45.90
C PRO C 416 6.58 9.40 -44.82
N LYS C 417 5.74 9.53 -43.81
CA LYS C 417 5.73 8.61 -42.68
C LYS C 417 4.30 8.36 -42.25
N THR C 418 4.13 7.31 -41.46
CA THR C 418 2.83 6.91 -40.93
C THR C 418 2.95 6.64 -39.45
N MET C 419 1.93 7.06 -38.70
CA MET C 419 1.87 6.80 -37.27
C MET C 419 0.46 6.31 -36.94
N GLN C 420 0.37 5.57 -35.84
CA GLN C 420 -0.87 4.96 -35.42
C GLN C 420 -1.24 5.40 -34.02
N SER C 421 -2.52 5.70 -33.82
CA SER C 421 -3.10 5.90 -32.50
C SER C 421 -4.31 5.00 -32.37
N GLU C 422 -4.67 4.67 -31.13
CA GLU C 422 -5.93 4.02 -30.82
C GLU C 422 -6.76 4.99 -29.99
N GLU C 423 -8.01 5.22 -30.39
CA GLU C 423 -8.80 6.29 -29.81
C GLU C 423 -10.17 5.77 -29.38
N THR C 424 -10.57 6.16 -28.16
CA THR C 424 -11.91 5.99 -27.66
C THR C 424 -12.51 7.37 -27.44
N ARG C 425 -13.74 7.58 -27.89
CA ARG C 425 -14.45 8.83 -27.65
C ARG C 425 -15.85 8.53 -27.12
N VAL C 426 -16.22 9.22 -26.04
CA VAL C 426 -17.53 9.03 -25.42
C VAL C 426 -18.41 10.22 -25.79
N TRP C 427 -19.63 9.92 -26.24
CA TRP C 427 -20.55 10.92 -26.76
C TRP C 427 -21.83 10.95 -25.92
N HIS C 428 -22.26 12.16 -25.56
CA HIS C 428 -23.54 12.38 -24.90
C HIS C 428 -24.32 13.40 -25.71
N ARG C 429 -25.58 13.09 -26.01
CA ARG C 429 -26.46 14.04 -26.69
C ARG C 429 -26.93 15.05 -25.65
N ARG C 430 -26.39 16.26 -25.71
CA ARG C 430 -26.70 17.31 -24.76
C ARG C 430 -27.38 18.47 -25.50
N ASP C 431 -28.56 18.86 -25.02
CA ASP C 431 -29.33 19.92 -25.65
C ASP C 431 -29.55 19.61 -27.13
N GLY C 432 -29.77 18.33 -27.44
CA GLY C 432 -30.06 17.89 -28.79
C GLY C 432 -28.88 17.74 -29.70
N LYS C 433 -27.65 17.88 -29.19
CA LYS C 433 -26.46 17.82 -30.02
C LYS C 433 -25.49 16.80 -29.45
N TRP C 434 -24.94 15.94 -30.32
CA TRP C 434 -23.92 14.99 -29.90
C TRP C 434 -22.65 15.75 -29.50
N GLN C 435 -22.18 15.53 -28.28
CA GLN C 435 -21.02 16.23 -27.76
C GLN C 435 -20.07 15.24 -27.11
N ASN C 436 -18.78 15.48 -27.30
CA ASN C 436 -17.73 14.58 -26.85
C ASN C 436 -17.31 15.00 -25.43
N VAL C 437 -17.59 14.13 -24.45
CA VAL C 437 -17.31 14.44 -23.06
C VAL C 437 -16.00 13.84 -22.57
N HIS C 438 -15.44 12.88 -23.29
CA HIS C 438 -14.20 12.24 -22.87
C HIS C 438 -13.59 11.55 -24.08
N PHE C 439 -12.27 11.54 -24.13
CA PHE C 439 -11.60 10.71 -25.12
C PHE C 439 -10.29 10.18 -24.53
N HIS C 440 -9.85 9.07 -25.08
CA HIS C 440 -8.65 8.38 -24.62
C HIS C 440 -7.86 7.99 -25.85
N ARG C 441 -6.63 8.48 -25.95
CA ARG C 441 -5.73 8.13 -27.05
C ARG C 441 -4.52 7.41 -26.48
N SER C 442 -4.17 6.28 -27.08
CA SER C 442 -2.92 5.60 -26.83
C SER C 442 -2.15 5.52 -28.13
N GLY C 443 -0.89 5.10 -28.03
CA GLY C 443 -0.03 5.03 -29.19
C GLY C 443 0.69 6.34 -29.46
N SER C 444 0.75 6.75 -30.72
CA SER C 444 1.51 7.93 -31.08
C SER C 444 0.72 9.21 -30.85
N PRO C 445 1.40 10.33 -30.62
CA PRO C 445 0.71 11.62 -30.67
C PRO C 445 0.15 11.88 -32.07
N THR C 446 -0.83 12.77 -32.14
CA THR C 446 -1.53 13.04 -33.40
C THR C 446 -0.96 14.23 -34.16
N VAL C 447 0.01 14.93 -33.62
CA VAL C 447 0.74 15.98 -34.35
C VAL C 447 2.10 15.39 -34.74
N PRO C 448 2.51 15.49 -36.01
CA PRO C 448 3.81 14.93 -36.39
C PRO C 448 4.92 15.47 -35.51
N ILE C 449 5.39 14.64 -34.56
CA ILE C 449 6.51 15.02 -33.71
C ILE C 449 7.84 14.74 -34.40
N LYS C 450 7.85 13.89 -35.41
CA LYS C 450 9.03 13.64 -36.22
C LYS C 450 9.13 14.67 -37.34
C1 MLI D . 43.11 23.25 -14.40
C2 MLI D . 42.69 22.03 -15.21
C3 MLI D . 42.85 23.08 -12.87
O6 MLI D . 41.47 21.82 -15.34
O7 MLI D . 43.61 21.32 -15.68
O8 MLI D . 41.70 22.77 -12.52
O9 MLI D . 43.82 23.27 -12.12
C1 MLI E . 13.44 28.62 -10.77
C2 MLI E . 12.20 28.08 -10.05
C3 MLI E . 14.24 27.55 -11.53
O6 MLI E . 11.73 26.99 -10.46
O7 MLI E . 11.73 28.77 -9.12
O8 MLI E . 14.03 27.44 -12.76
O9 MLI E . 15.05 26.87 -10.86
C1 MLI F . -7.47 16.97 -29.49
C2 MLI F . -6.08 16.58 -28.99
C3 MLI F . -8.39 15.75 -29.72
O6 MLI F . -5.40 15.83 -29.72
O7 MLI F . -5.73 17.05 -27.89
O8 MLI F . -7.90 14.81 -30.40
O9 MLI F . -9.53 15.77 -29.22
#